data_3FWC
#
_entry.id   3FWC
#
_cell.length_a   73.590
_cell.length_b   122.710
_cell.length_c   128.710
_cell.angle_alpha   90.000
_cell.angle_beta   95.750
_cell.angle_gamma   90.000
#
_symmetry.space_group_name_H-M   'P 1 21 1'
#
loop_
_entity.id
_entity.type
_entity.pdbx_description
1 polymer 'Cell division control protein 31'
2 polymer 'Nuclear mRNA export protein SAC3'
3 polymer 'Protein SUS1'
4 non-polymer 'SULFATE ION'
5 water water
#
loop_
_entity_poly.entity_id
_entity_poly.type
_entity_poly.pdbx_seq_one_letter_code
_entity_poly.pdbx_strand_id
1 'polypeptide(L)'
;MSKNRSSLQSGPLNSELLEEQKQEIYEAFSLFDMNNDGFLDYHELKVAMKALGFELPKREILDLIDEYDSEGRHLMKYDD
FYIVMGEKILKRDPLDEIKRAFQLFDDDHTGKISIKNLRRVAKELGETLTDEELRAMIEEFDLDGDGEINENEFIAICTD
S
;
A,E,I,M
2 'polypeptide(L)'
;GSKQVITEQIANDLVKEVVNSSVISIVKREFSEANYRKDFIDTMTRELYDAFLHERLYLIYMDSRAELKRNSTLKKKFFE
KWQAS
;
B,F,J,N
3 'polypeptide(L)'
;MTMDTAQLKSQIQQYLVESGNYELISNELKARLLQEGWVDKVKDLTKSEMNINESTNFTQILSTVEPKALEMVSDSTRET
VLKQIREFLEEIVDTQ
;
C,D,G,H,K,L,O,P
#
# COMPACT_ATOMS: atom_id res chain seq x y z
N SER A 15 -37.87 -16.58 52.97
CA SER A 15 -36.47 -16.88 52.76
C SER A 15 -36.03 -18.02 53.67
N GLU A 16 -36.05 -19.25 53.13
CA GLU A 16 -35.66 -20.43 53.90
C GLU A 16 -34.68 -21.29 53.11
N LEU A 17 -33.56 -20.69 52.72
CA LEU A 17 -32.55 -21.37 51.92
C LEU A 17 -31.34 -21.71 52.78
N LEU A 18 -30.79 -22.90 52.61
CA LEU A 18 -29.55 -23.26 53.29
C LEU A 18 -28.46 -22.29 52.86
N GLU A 19 -27.46 -22.12 53.70
CA GLU A 19 -26.41 -21.15 53.43
C GLU A 19 -25.70 -21.44 52.12
N GLU A 20 -25.53 -22.71 51.79
CA GLU A 20 -24.85 -23.09 50.57
C GLU A 20 -25.75 -22.80 49.37
N GLN A 21 -27.06 -22.92 49.57
CA GLN A 21 -28.01 -22.57 48.51
C GLN A 21 -27.89 -21.09 48.17
N LYS A 22 -27.68 -20.28 49.20
CA LYS A 22 -27.50 -18.85 49.02
C LYS A 22 -26.18 -18.58 48.29
N GLN A 23 -25.21 -19.45 48.49
CA GLN A 23 -23.94 -19.32 47.77
C GLN A 23 -24.13 -19.68 46.31
N GLU A 24 -24.87 -20.76 46.06
CA GLU A 24 -25.11 -21.16 44.70
C GLU A 24 -25.61 -19.94 43.92
N ILE A 25 -26.56 -19.23 44.52
CA ILE A 25 -27.25 -18.15 43.83
C ILE A 25 -26.27 -17.00 43.59
N TYR A 26 -25.52 -16.63 44.62
CA TYR A 26 -24.62 -15.50 44.50
C TYR A 26 -23.48 -15.77 43.53
N GLU A 27 -22.98 -17.01 43.51
CA GLU A 27 -21.87 -17.37 42.65
C GLU A 27 -22.30 -17.35 41.19
N ALA A 28 -23.55 -17.73 40.96
CA ALA A 28 -24.11 -17.85 39.62
C ALA A 28 -24.40 -16.48 39.04
N PHE A 29 -24.83 -15.55 39.88
CA PHE A 29 -25.11 -14.21 39.42
C PHE A 29 -23.80 -13.48 39.13
N SER A 30 -22.85 -13.57 40.05
CA SER A 30 -21.54 -12.95 39.85
C SER A 30 -20.88 -13.45 38.56
N LEU A 31 -21.06 -14.74 38.28
CA LEU A 31 -20.36 -15.39 37.17
C LEU A 31 -20.78 -14.87 35.81
N PHE A 32 -21.89 -14.15 35.76
CA PHE A 32 -22.35 -13.56 34.51
C PHE A 32 -22.66 -12.07 34.61
N ASP A 33 -22.32 -11.47 35.74
CA ASP A 33 -22.32 -10.01 35.88
C ASP A 33 -21.03 -9.49 35.25
N MET A 34 -20.95 -9.60 33.93
CA MET A 34 -19.69 -9.45 33.20
C MET A 34 -18.93 -8.15 33.52
N ASN A 35 -19.66 -7.06 33.73
CA ASN A 35 -19.03 -5.76 33.98
C ASN A 35 -19.28 -5.24 35.40
N ASN A 36 -19.67 -6.14 36.30
CA ASN A 36 -20.01 -5.79 37.67
C ASN A 36 -20.90 -4.56 37.76
N ASP A 37 -21.71 -4.32 36.74
CA ASP A 37 -22.68 -3.24 36.78
C ASP A 37 -23.80 -3.57 37.78
N GLY A 38 -23.83 -4.82 38.24
CA GLY A 38 -24.81 -5.28 39.20
C GLY A 38 -26.11 -5.78 38.58
N PHE A 39 -26.18 -5.76 37.25
CA PHE A 39 -27.38 -6.16 36.54
C PHE A 39 -27.05 -7.28 35.57
N LEU A 40 -28.07 -8.03 35.17
CA LEU A 40 -27.91 -9.03 34.12
C LEU A 40 -28.90 -8.74 32.99
N ASP A 41 -28.42 -8.84 31.75
CA ASP A 41 -29.32 -8.70 30.60
C ASP A 41 -29.90 -10.06 30.23
N TYR A 42 -30.78 -10.10 29.24
CA TYR A 42 -31.45 -11.34 28.88
C TYR A 42 -30.47 -12.50 28.70
N HIS A 43 -29.44 -12.30 27.88
CA HIS A 43 -28.52 -13.39 27.60
C HIS A 43 -27.84 -13.89 28.86
N GLU A 44 -27.36 -12.97 29.69
CA GLU A 44 -26.65 -13.33 30.91
C GLU A 44 -27.59 -13.98 31.92
N LEU A 45 -28.79 -13.43 32.06
CA LEU A 45 -29.82 -14.00 32.91
C LEU A 45 -30.11 -15.45 32.54
N LYS A 46 -30.23 -15.72 31.24
CA LYS A 46 -30.59 -17.04 30.73
C LYS A 46 -29.51 -18.10 30.98
N VAL A 47 -28.24 -17.69 31.01
CA VAL A 47 -27.15 -18.61 31.31
C VAL A 47 -26.92 -18.72 32.81
N ALA A 48 -27.17 -17.63 33.52
CA ALA A 48 -27.10 -17.63 34.98
C ALA A 48 -28.08 -18.65 35.55
N MET A 49 -29.31 -18.63 35.04
CA MET A 49 -30.34 -19.58 35.46
C MET A 49 -29.93 -21.00 35.13
N LYS A 50 -29.25 -21.19 34.01
CA LYS A 50 -28.84 -22.51 33.64
C LYS A 50 -27.76 -23.00 34.59
N ALA A 51 -26.98 -22.08 35.12
CA ALA A 51 -25.92 -22.42 36.07
C ALA A 51 -26.51 -22.99 37.36
N LEU A 52 -27.80 -22.77 37.54
CA LEU A 52 -28.55 -23.29 38.67
C LEU A 52 -29.50 -24.42 38.24
N GLY A 53 -29.36 -24.88 37.00
CA GLY A 53 -30.11 -26.01 36.50
C GLY A 53 -31.47 -25.67 35.90
N PHE A 54 -31.80 -24.38 35.89
CA PHE A 54 -33.08 -23.94 35.39
C PHE A 54 -32.97 -23.39 33.97
N GLU A 55 -33.78 -23.93 33.07
CA GLU A 55 -33.77 -23.52 31.67
C GLU A 55 -35.18 -23.14 31.26
N LEU A 56 -35.33 -21.92 30.74
CA LEU A 56 -36.66 -21.40 30.47
C LEU A 56 -36.80 -20.83 29.06
N PRO A 57 -38.02 -20.87 28.51
CA PRO A 57 -38.37 -20.28 27.21
C PRO A 57 -38.09 -18.77 27.15
N LYS A 58 -37.59 -18.30 26.02
CA LYS A 58 -37.25 -16.89 25.85
C LYS A 58 -38.35 -15.98 26.39
N ARG A 59 -39.61 -16.31 26.10
CA ARG A 59 -40.71 -15.47 26.56
C ARG A 59 -40.79 -15.46 28.09
N GLU A 60 -40.77 -16.64 28.70
CA GLU A 60 -40.78 -16.79 30.16
C GLU A 60 -39.79 -15.84 30.83
N ILE A 61 -38.53 -15.99 30.46
CA ILE A 61 -37.45 -15.19 31.02
C ILE A 61 -37.70 -13.68 30.82
N LEU A 62 -38.07 -13.28 29.61
CA LEU A 62 -38.32 -11.88 29.35
C LEU A 62 -39.42 -11.36 30.25
N ASP A 63 -40.48 -12.14 30.42
CA ASP A 63 -41.59 -11.73 31.26
C ASP A 63 -41.15 -11.45 32.69
N LEU A 64 -40.23 -12.25 33.21
CA LEU A 64 -39.71 -12.00 34.53
C LEU A 64 -39.02 -10.64 34.59
N ILE A 65 -38.22 -10.36 33.57
CA ILE A 65 -37.43 -9.14 33.54
C ILE A 65 -38.36 -7.92 33.59
N ASP A 66 -39.41 -7.93 32.78
CA ASP A 66 -40.34 -6.81 32.72
C ASP A 66 -41.09 -6.69 34.03
N GLU A 67 -41.33 -7.84 34.66
CA GLU A 67 -42.07 -7.88 35.91
C GLU A 67 -41.27 -7.23 37.03
N TYR A 68 -39.96 -7.43 37.03
CA TYR A 68 -39.11 -6.88 38.08
C TYR A 68 -38.33 -5.66 37.62
N ASP A 69 -38.59 -5.22 36.40
CA ASP A 69 -37.85 -4.11 35.81
C ASP A 69 -38.39 -2.83 36.40
N SER A 70 -37.92 -2.51 37.60
CA SER A 70 -38.26 -1.25 38.24
C SER A 70 -37.73 -0.04 37.48
N GLU A 71 -36.64 -0.23 36.75
CA GLU A 71 -35.96 0.89 36.09
C GLU A 71 -36.44 1.21 34.67
N GLY A 72 -36.82 0.18 33.92
CA GLY A 72 -37.14 0.34 32.51
C GLY A 72 -35.95 0.05 31.62
N ARG A 73 -34.90 -0.49 32.22
CA ARG A 73 -33.64 -0.75 31.51
C ARG A 73 -33.51 -2.16 30.94
N HIS A 74 -34.57 -2.95 31.02
CA HIS A 74 -34.56 -4.33 30.53
C HIS A 74 -33.44 -5.19 31.11
N LEU A 75 -33.13 -4.96 32.38
CA LEU A 75 -32.13 -5.73 33.10
C LEU A 75 -32.73 -6.19 34.41
N MET A 76 -32.07 -7.14 35.06
CA MET A 76 -32.54 -7.65 36.34
C MET A 76 -31.44 -7.49 37.38
N LYS A 77 -31.77 -6.84 38.49
CA LYS A 77 -30.85 -6.63 39.60
C LYS A 77 -30.71 -7.91 40.44
N TYR A 78 -29.63 -8.00 41.20
CA TYR A 78 -29.36 -9.21 41.96
C TYR A 78 -30.48 -9.54 42.96
N ASP A 79 -31.02 -8.52 43.61
CA ASP A 79 -32.07 -8.73 44.61
C ASP A 79 -33.22 -9.50 43.99
N ASP A 80 -33.62 -9.11 42.79
CA ASP A 80 -34.73 -9.77 42.12
C ASP A 80 -34.33 -11.15 41.61
N PHE A 81 -33.09 -11.29 41.19
CA PHE A 81 -32.60 -12.58 40.75
C PHE A 81 -32.63 -13.58 41.88
N TYR A 82 -32.43 -13.07 43.09
CA TYR A 82 -32.35 -13.90 44.28
C TYR A 82 -33.74 -14.39 44.70
N ILE A 83 -34.77 -13.59 44.43
CA ILE A 83 -36.13 -13.98 44.75
C ILE A 83 -36.60 -15.07 43.79
N VAL A 84 -36.53 -14.75 42.50
CA VAL A 84 -36.98 -15.63 41.43
C VAL A 84 -36.27 -16.97 41.52
N MET A 85 -34.96 -16.91 41.72
CA MET A 85 -34.15 -18.12 41.83
C MET A 85 -34.44 -18.86 43.12
N GLY A 86 -34.32 -18.17 44.24
CA GLY A 86 -34.56 -18.78 45.52
C GLY A 86 -35.82 -19.63 45.48
N GLU A 87 -36.87 -19.09 44.85
CA GLU A 87 -38.15 -19.77 44.77
C GLU A 87 -37.97 -21.12 44.08
N LYS A 88 -37.53 -21.08 42.84
CA LYS A 88 -37.42 -22.29 42.02
C LYS A 88 -36.48 -23.31 42.67
N ILE A 89 -35.54 -22.84 43.48
CA ILE A 89 -34.61 -23.74 44.15
C ILE A 89 -35.30 -24.47 45.30
N LEU A 90 -36.21 -23.80 45.97
CA LEU A 90 -36.98 -24.43 47.03
C LEU A 90 -37.83 -25.57 46.46
N LYS A 91 -38.37 -25.36 45.27
CA LYS A 91 -39.26 -26.34 44.67
C LYS A 91 -38.50 -27.26 43.70
N ARG A 92 -37.29 -27.62 44.09
CA ARG A 92 -36.48 -28.55 43.30
C ARG A 92 -36.50 -29.94 43.94
N ASP A 93 -36.60 -30.98 43.12
CA ASP A 93 -36.74 -32.34 43.63
C ASP A 93 -35.41 -32.94 44.04
N PRO A 94 -35.29 -33.34 45.31
CA PRO A 94 -34.05 -33.93 45.86
C PRO A 94 -33.49 -35.05 45.00
N LEU A 95 -34.35 -35.88 44.44
CA LEU A 95 -33.91 -37.07 43.71
C LEU A 95 -33.25 -36.69 42.39
N ASP A 96 -33.90 -35.85 41.60
CA ASP A 96 -33.36 -35.50 40.29
C ASP A 96 -31.94 -34.97 40.41
N GLU A 97 -31.66 -34.29 41.52
CA GLU A 97 -30.34 -33.71 41.78
C GLU A 97 -29.32 -34.82 42.03
N ILE A 98 -29.71 -35.79 42.83
CA ILE A 98 -28.85 -36.93 43.15
C ILE A 98 -28.55 -37.77 41.92
N LYS A 99 -29.48 -37.84 40.98
CA LYS A 99 -29.28 -38.62 39.77
C LYS A 99 -28.42 -37.86 38.75
N ARG A 100 -28.73 -36.58 38.55
CA ARG A 100 -27.90 -35.74 37.68
C ARG A 100 -26.45 -35.81 38.17
N ALA A 101 -26.29 -35.91 39.49
CA ALA A 101 -24.97 -36.01 40.07
C ALA A 101 -24.33 -37.35 39.71
N PHE A 102 -25.08 -38.42 39.89
CA PHE A 102 -24.57 -39.76 39.60
C PHE A 102 -24.15 -39.92 38.13
N GLN A 103 -24.76 -39.16 37.24
CA GLN A 103 -24.34 -39.16 35.84
C GLN A 103 -23.04 -38.36 35.67
N LEU A 104 -22.92 -37.27 36.42
CA LEU A 104 -21.72 -36.45 36.38
C LEU A 104 -20.51 -37.25 36.86
N PHE A 105 -20.69 -38.01 37.93
CA PHE A 105 -19.62 -38.83 38.52
C PHE A 105 -19.15 -39.88 37.52
N ASP A 106 -20.10 -40.54 36.86
CA ASP A 106 -19.83 -41.63 35.94
C ASP A 106 -19.92 -41.14 34.50
N ASP A 107 -18.85 -40.50 34.01
CA ASP A 107 -18.86 -39.98 32.65
C ASP A 107 -18.42 -41.04 31.65
N ASP A 108 -18.07 -42.22 32.16
CA ASP A 108 -17.79 -43.36 31.30
C ASP A 108 -19.10 -44.09 31.01
N HIS A 109 -20.20 -43.51 31.48
CA HIS A 109 -21.55 -44.01 31.19
C HIS A 109 -21.67 -45.52 31.39
N THR A 110 -21.21 -46.00 32.54
CA THR A 110 -21.28 -47.42 32.86
C THR A 110 -22.46 -47.74 33.76
N GLY A 111 -22.80 -46.81 34.65
CA GLY A 111 -23.83 -47.05 35.63
C GLY A 111 -23.18 -47.48 36.93
N LYS A 112 -21.86 -47.36 36.98
CA LYS A 112 -21.09 -47.67 38.18
C LYS A 112 -19.88 -46.72 38.29
N ILE A 113 -19.78 -46.03 39.43
CA ILE A 113 -18.68 -45.14 39.73
C ILE A 113 -17.42 -45.89 40.11
N SER A 114 -16.37 -45.73 39.31
CA SER A 114 -15.12 -46.46 39.51
C SER A 114 -14.05 -45.53 40.06
N ILE A 115 -12.95 -46.10 40.53
CA ILE A 115 -11.90 -45.30 41.16
C ILE A 115 -11.40 -44.19 40.24
N LYS A 116 -11.05 -44.51 39.00
CA LYS A 116 -10.59 -43.49 38.08
C LYS A 116 -11.64 -42.37 37.99
N ASN A 117 -12.91 -42.73 38.11
CA ASN A 117 -13.98 -41.74 38.18
C ASN A 117 -13.78 -40.84 39.40
N LEU A 118 -13.68 -41.46 40.56
CA LEU A 118 -13.59 -40.72 41.82
C LEU A 118 -12.36 -39.82 41.82
N ARG A 119 -11.22 -40.36 41.39
CA ARG A 119 -10.00 -39.58 41.24
C ARG A 119 -10.21 -38.43 40.27
N ARG A 120 -10.95 -38.69 39.20
CA ARG A 120 -11.19 -37.67 38.18
C ARG A 120 -12.02 -36.54 38.76
N VAL A 121 -12.94 -36.88 39.66
CA VAL A 121 -13.76 -35.87 40.34
C VAL A 121 -12.92 -35.15 41.39
N ALA A 122 -12.07 -35.89 42.09
CA ALA A 122 -11.24 -35.31 43.14
C ALA A 122 -10.33 -34.23 42.56
N LYS A 123 -9.49 -34.62 41.61
CA LYS A 123 -8.65 -33.67 40.88
C LYS A 123 -9.49 -32.50 40.43
N GLU A 124 -10.62 -32.81 39.81
CA GLU A 124 -11.50 -31.82 39.21
C GLU A 124 -11.86 -30.70 40.18
N LEU A 125 -12.15 -31.06 41.43
CA LEU A 125 -12.66 -30.10 42.40
C LEU A 125 -11.55 -29.56 43.29
N GLY A 126 -10.32 -29.64 42.82
CA GLY A 126 -9.19 -29.15 43.58
C GLY A 126 -8.90 -29.98 44.82
N GLU A 127 -9.80 -30.91 45.13
CA GLU A 127 -9.63 -31.79 46.26
C GLU A 127 -8.29 -32.50 46.18
N THR A 128 -7.70 -32.80 47.33
CA THR A 128 -6.46 -33.55 47.36
C THR A 128 -6.64 -34.80 48.24
N LEU A 129 -6.72 -35.96 47.59
CA LEU A 129 -6.92 -37.23 48.30
C LEU A 129 -5.98 -38.31 47.78
N THR A 130 -5.35 -39.01 48.72
CA THR A 130 -4.48 -40.13 48.38
C THR A 130 -5.30 -41.14 47.60
N ASP A 131 -4.63 -41.98 46.80
CA ASP A 131 -5.32 -43.01 46.04
C ASP A 131 -6.14 -43.90 46.99
N GLU A 132 -5.71 -43.95 48.23
CA GLU A 132 -6.29 -44.84 49.24
C GLU A 132 -7.47 -44.21 49.97
N GLU A 133 -7.48 -42.89 50.07
CA GLU A 133 -8.63 -42.16 50.59
C GLU A 133 -9.83 -42.56 49.75
N LEU A 134 -9.62 -42.59 48.44
CA LEU A 134 -10.67 -42.88 47.46
C LEU A 134 -11.10 -44.34 47.52
N ARG A 135 -10.16 -45.25 47.68
CA ARG A 135 -10.51 -46.66 47.87
C ARG A 135 -11.38 -46.83 49.11
N ALA A 136 -11.04 -46.11 50.18
CA ALA A 136 -11.82 -46.16 51.41
C ALA A 136 -13.19 -45.52 51.21
N MET A 137 -13.22 -44.44 50.42
CA MET A 137 -14.48 -43.77 50.09
C MET A 137 -15.44 -44.78 49.47
N ILE A 138 -14.96 -45.46 48.43
CA ILE A 138 -15.70 -46.52 47.75
C ILE A 138 -16.14 -47.60 48.73
N GLU A 139 -15.18 -48.21 49.42
CA GLU A 139 -15.46 -49.25 50.40
C GLU A 139 -16.66 -48.91 51.29
N GLU A 140 -16.72 -47.67 51.74
CA GLU A 140 -17.69 -47.25 52.75
C GLU A 140 -19.14 -47.57 52.41
N PHE A 141 -19.48 -47.62 51.12
CA PHE A 141 -20.88 -47.76 50.73
C PHE A 141 -21.20 -48.74 49.60
N ASP A 142 -20.20 -49.20 48.84
CA ASP A 142 -20.48 -50.05 47.68
C ASP A 142 -20.64 -51.53 48.06
N LEU A 143 -21.68 -51.83 48.82
CA LEU A 143 -21.98 -53.21 49.18
C LEU A 143 -23.21 -53.68 48.41
N ASP A 144 -23.07 -54.77 47.67
CA ASP A 144 -21.80 -55.47 47.49
C ASP A 144 -21.52 -55.68 46.01
N GLY A 145 -20.23 -55.66 45.64
CA GLY A 145 -19.83 -55.88 44.27
C GLY A 145 -20.11 -54.69 43.38
N ASP A 146 -19.06 -54.13 42.76
CA ASP A 146 -17.70 -54.62 42.92
C ASP A 146 -16.66 -53.51 42.89
N GLY A 147 -16.13 -53.16 44.05
CA GLY A 147 -15.13 -52.11 44.15
C GLY A 147 -15.56 -50.82 43.46
N GLU A 148 -16.86 -50.68 43.22
CA GLU A 148 -17.40 -49.46 42.64
C GLU A 148 -18.87 -49.28 43.02
N ILE A 149 -19.28 -48.02 43.09
CA ILE A 149 -20.63 -47.66 43.53
C ILE A 149 -21.59 -47.59 42.36
N ASN A 150 -22.70 -48.32 42.42
CA ASN A 150 -23.75 -48.15 41.42
C ASN A 150 -24.81 -47.17 41.92
N GLU A 151 -25.85 -46.95 41.13
CA GLU A 151 -26.77 -45.84 41.40
C GLU A 151 -27.42 -45.91 42.78
N ASN A 152 -28.19 -46.95 43.04
CA ASN A 152 -28.92 -47.01 44.31
C ASN A 152 -27.95 -47.09 45.49
N GLU A 153 -26.69 -47.38 45.20
CA GLU A 153 -25.64 -47.30 46.20
C GLU A 153 -25.38 -45.83 46.47
N PHE A 154 -25.12 -45.09 45.40
CA PHE A 154 -24.84 -43.66 45.45
C PHE A 154 -26.01 -42.88 46.06
N ILE A 155 -27.21 -43.17 45.61
CA ILE A 155 -28.42 -42.54 46.11
C ILE A 155 -28.51 -42.70 47.63
N ALA A 156 -28.20 -43.89 48.12
CA ALA A 156 -28.20 -44.12 49.56
C ALA A 156 -27.29 -43.10 50.25
N ILE A 157 -26.07 -42.99 49.74
CA ILE A 157 -25.07 -42.11 50.35
C ILE A 157 -25.64 -40.72 50.56
N CYS A 158 -26.15 -40.14 49.48
CA CYS A 158 -26.58 -38.75 49.49
C CYS A 158 -27.84 -38.53 50.31
N THR A 159 -28.69 -39.56 50.38
CA THR A 159 -29.97 -39.43 51.06
C THR A 159 -29.82 -38.91 52.48
N SER B 2 -28.57 31.90 -47.88
CA SER B 2 -28.40 31.22 -49.16
C SER B 2 -27.84 29.81 -48.94
N LYS B 3 -26.55 29.63 -49.21
CA LYS B 3 -25.86 28.38 -48.88
C LYS B 3 -25.50 28.37 -47.39
N GLN B 4 -26.52 28.41 -46.54
CA GLN B 4 -26.32 28.34 -45.10
C GLN B 4 -27.09 27.15 -44.56
N VAL B 5 -26.91 26.01 -45.22
CA VAL B 5 -27.36 24.72 -44.71
C VAL B 5 -26.12 24.12 -44.08
N ILE B 6 -24.99 24.73 -44.38
CA ILE B 6 -23.73 24.43 -43.73
C ILE B 6 -23.78 24.86 -42.27
N THR B 7 -24.45 25.98 -42.01
CA THR B 7 -24.70 26.40 -40.65
C THR B 7 -25.41 25.31 -39.90
N GLU B 8 -26.43 24.75 -40.51
CA GLU B 8 -27.23 23.73 -39.89
C GLU B 8 -26.40 22.49 -39.57
N GLN B 9 -25.55 22.09 -40.51
CA GLN B 9 -24.70 20.93 -40.36
C GLN B 9 -23.75 21.08 -39.17
N ILE B 10 -23.12 22.24 -39.07
CA ILE B 10 -22.17 22.54 -38.00
C ILE B 10 -22.81 22.70 -36.63
N ALA B 11 -24.00 23.30 -36.60
CA ALA B 11 -24.76 23.41 -35.35
C ALA B 11 -25.14 22.02 -34.87
N ASN B 12 -25.42 21.13 -35.81
CA ASN B 12 -25.80 19.77 -35.47
C ASN B 12 -24.61 18.99 -34.93
N ASP B 13 -23.46 19.13 -35.57
CA ASP B 13 -22.26 18.43 -35.11
C ASP B 13 -21.89 18.84 -33.69
N LEU B 14 -21.93 20.14 -33.43
CA LEU B 14 -21.62 20.65 -32.10
C LEU B 14 -22.54 20.02 -31.06
N VAL B 15 -23.85 20.09 -31.28
CA VAL B 15 -24.80 19.55 -30.31
C VAL B 15 -24.58 18.06 -30.13
N LYS B 16 -24.30 17.36 -31.22
CA LYS B 16 -24.00 15.95 -31.15
C LYS B 16 -22.87 15.75 -30.15
N GLU B 17 -21.74 16.43 -30.37
CA GLU B 17 -20.52 16.21 -29.59
C GLU B 17 -20.70 16.54 -28.11
N VAL B 18 -21.30 17.69 -27.79
CA VAL B 18 -21.59 18.05 -26.40
C VAL B 18 -22.44 16.98 -25.68
N VAL B 19 -23.50 16.53 -26.37
CA VAL B 19 -24.38 15.48 -25.83
C VAL B 19 -23.61 14.20 -25.52
N ASN B 20 -23.03 13.58 -26.54
CA ASN B 20 -22.19 12.40 -26.34
C ASN B 20 -21.29 12.61 -25.13
N SER B 21 -20.51 13.68 -25.17
CA SER B 21 -19.62 14.00 -24.07
C SER B 21 -20.35 13.83 -22.73
N SER B 22 -21.53 14.43 -22.61
CA SER B 22 -22.29 14.44 -21.35
C SER B 22 -22.84 13.07 -20.97
N VAL B 23 -23.51 12.42 -21.90
CA VAL B 23 -24.10 11.13 -21.60
C VAL B 23 -23.03 10.11 -21.22
N ILE B 24 -21.86 10.19 -21.85
CA ILE B 24 -20.80 9.24 -21.57
C ILE B 24 -20.36 9.39 -20.12
N SER B 25 -20.06 10.61 -19.70
CA SER B 25 -19.62 10.84 -18.33
C SER B 25 -20.77 10.64 -17.34
N ILE B 26 -22.01 10.73 -17.81
CA ILE B 26 -23.16 10.55 -16.94
C ILE B 26 -23.33 9.06 -16.69
N VAL B 27 -23.27 8.28 -17.77
CA VAL B 27 -23.36 6.84 -17.68
C VAL B 27 -22.18 6.35 -16.86
N LYS B 28 -20.98 6.81 -17.18
CA LYS B 28 -19.81 6.43 -16.39
C LYS B 28 -20.05 6.69 -14.91
N ARG B 29 -20.74 7.78 -14.58
CA ARG B 29 -21.07 8.04 -13.19
C ARG B 29 -21.97 6.95 -12.62
N GLU B 30 -23.16 6.82 -13.17
CA GLU B 30 -24.11 5.88 -12.59
C GLU B 30 -23.48 4.51 -12.41
N PHE B 31 -22.59 4.12 -13.31
CA PHE B 31 -22.01 2.79 -13.23
C PHE B 31 -21.04 2.75 -12.07
N SER B 32 -20.15 3.73 -12.00
CA SER B 32 -19.17 3.78 -10.93
C SER B 32 -19.84 3.94 -9.56
N GLU B 33 -20.96 4.65 -9.54
CA GLU B 33 -21.75 4.84 -8.33
C GLU B 33 -22.31 3.49 -7.91
N ALA B 34 -22.89 2.77 -8.86
CA ALA B 34 -23.44 1.45 -8.57
C ALA B 34 -22.33 0.56 -8.07
N ASN B 35 -21.24 0.51 -8.81
CA ASN B 35 -20.11 -0.31 -8.43
C ASN B 35 -19.63 0.05 -7.02
N TYR B 36 -19.82 1.30 -6.62
CA TYR B 36 -19.37 1.74 -5.30
C TYR B 36 -20.29 1.21 -4.20
N ARG B 37 -21.60 1.23 -4.44
CA ARG B 37 -22.55 0.68 -3.50
C ARG B 37 -22.22 -0.77 -3.26
N LYS B 38 -22.09 -1.53 -4.35
CA LYS B 38 -21.76 -2.94 -4.24
C LYS B 38 -20.51 -3.20 -3.40
N ASP B 39 -19.47 -2.37 -3.59
CA ASP B 39 -18.24 -2.51 -2.81
C ASP B 39 -18.54 -2.31 -1.33
N PHE B 40 -19.36 -1.31 -1.03
CA PHE B 40 -19.75 -1.02 0.33
C PHE B 40 -20.48 -2.20 0.93
N ILE B 41 -21.50 -2.65 0.21
CA ILE B 41 -22.35 -3.73 0.71
C ILE B 41 -21.55 -5.01 0.95
N ASP B 42 -20.75 -5.42 -0.02
CA ASP B 42 -19.95 -6.62 0.14
C ASP B 42 -19.15 -6.53 1.43
N THR B 43 -18.62 -5.35 1.72
CA THR B 43 -17.78 -5.16 2.89
C THR B 43 -18.57 -5.30 4.19
N MET B 44 -19.77 -4.72 4.24
CA MET B 44 -20.60 -4.80 5.44
C MET B 44 -21.23 -6.17 5.59
N THR B 45 -21.56 -6.82 4.49
CA THR B 45 -22.09 -8.17 4.55
C THR B 45 -21.05 -9.05 5.23
N ARG B 46 -19.79 -8.90 4.84
CA ARG B 46 -18.71 -9.69 5.40
C ARG B 46 -18.46 -9.31 6.86
N GLU B 47 -18.75 -8.06 7.22
CA GLU B 47 -18.50 -7.58 8.56
C GLU B 47 -19.60 -8.01 9.54
N LEU B 48 -20.86 -7.78 9.15
CA LEU B 48 -21.99 -8.23 9.93
C LEU B 48 -21.98 -9.76 10.11
N TYR B 49 -21.72 -10.48 9.03
CA TYR B 49 -21.61 -11.93 9.12
C TYR B 49 -20.60 -12.31 10.18
N ASP B 50 -19.47 -11.60 10.20
CA ASP B 50 -18.41 -11.89 11.16
C ASP B 50 -18.94 -11.69 12.57
N ALA B 51 -19.76 -10.66 12.73
CA ALA B 51 -20.32 -10.33 14.03
C ALA B 51 -21.31 -11.41 14.46
N PHE B 52 -22.16 -11.84 13.53
CA PHE B 52 -23.16 -12.85 13.85
C PHE B 52 -22.49 -14.13 14.33
N LEU B 53 -21.36 -14.48 13.72
CA LEU B 53 -20.61 -15.66 14.16
C LEU B 53 -19.89 -15.40 15.48
N HIS B 54 -19.44 -14.16 15.66
CA HIS B 54 -18.77 -13.77 16.88
C HIS B 54 -19.74 -13.90 18.05
N GLU B 55 -20.94 -13.39 17.88
CA GLU B 55 -21.94 -13.43 18.93
C GLU B 55 -22.29 -14.86 19.25
N ARG B 56 -22.54 -15.66 18.22
CA ARG B 56 -22.93 -17.03 18.43
C ARG B 56 -21.86 -17.74 19.24
N LEU B 57 -20.61 -17.39 18.99
CA LEU B 57 -19.48 -17.98 19.69
C LEU B 57 -19.54 -17.57 21.16
N TYR B 58 -19.90 -16.32 21.39
CA TYR B 58 -19.94 -15.78 22.74
C TYR B 58 -21.04 -16.46 23.54
N LEU B 59 -22.19 -16.72 22.91
CA LEU B 59 -23.31 -17.34 23.60
C LEU B 59 -23.06 -18.82 23.82
N ILE B 60 -22.11 -19.40 23.09
CA ILE B 60 -21.71 -20.78 23.32
C ILE B 60 -20.62 -20.80 24.38
N TYR B 61 -19.93 -19.68 24.54
CA TYR B 61 -18.98 -19.53 25.62
C TYR B 61 -19.73 -19.38 26.94
N MET B 62 -20.76 -18.54 26.93
CA MET B 62 -21.64 -18.35 28.08
C MET B 62 -22.25 -19.68 28.49
N ASP B 63 -22.74 -20.43 27.53
CA ASP B 63 -23.45 -21.66 27.79
C ASP B 63 -22.52 -22.74 28.37
N SER B 64 -21.24 -22.69 28.00
CA SER B 64 -20.29 -23.69 28.47
C SER B 64 -19.85 -23.45 29.90
N ARG B 65 -19.71 -22.19 30.27
CA ARG B 65 -19.40 -21.82 31.64
C ARG B 65 -20.55 -22.15 32.58
N ALA B 66 -21.78 -21.93 32.12
CA ALA B 66 -22.96 -22.24 32.91
C ALA B 66 -23.07 -23.73 33.19
N GLU B 67 -22.85 -24.55 32.17
CA GLU B 67 -22.95 -25.99 32.32
C GLU B 67 -21.86 -26.53 33.24
N LEU B 68 -20.63 -26.05 33.04
CA LEU B 68 -19.53 -26.47 33.90
C LEU B 68 -19.73 -26.03 35.34
N LYS B 69 -20.38 -24.89 35.53
CA LYS B 69 -20.65 -24.38 36.88
C LYS B 69 -21.69 -25.21 37.60
N ARG B 70 -22.77 -25.54 36.91
CA ARG B 70 -23.81 -26.37 37.51
C ARG B 70 -23.23 -27.71 37.92
N ASN B 71 -22.49 -28.34 37.02
CA ASN B 71 -21.94 -29.65 37.28
C ASN B 71 -20.94 -29.63 38.44
N SER B 72 -20.05 -28.63 38.47
CA SER B 72 -19.06 -28.54 39.54
C SER B 72 -19.70 -28.28 40.89
N THR B 73 -20.80 -27.54 40.91
CA THR B 73 -21.54 -27.33 42.15
C THR B 73 -22.12 -28.66 42.63
N LEU B 74 -22.57 -29.48 41.69
CA LEU B 74 -23.18 -30.76 42.04
C LEU B 74 -22.14 -31.77 42.47
N LYS B 75 -21.02 -31.82 41.77
CA LYS B 75 -19.97 -32.77 42.11
C LYS B 75 -19.42 -32.44 43.48
N LYS B 76 -19.26 -31.14 43.74
CA LYS B 76 -18.70 -30.69 44.99
C LYS B 76 -19.66 -30.96 46.15
N LYS B 77 -20.94 -30.65 45.94
CA LYS B 77 -21.94 -30.77 46.99
C LYS B 77 -22.05 -32.20 47.47
N PHE B 78 -22.08 -33.13 46.53
CA PHE B 78 -22.31 -34.53 46.87
C PHE B 78 -21.02 -35.29 47.10
N PHE B 79 -19.91 -34.81 46.55
CA PHE B 79 -18.63 -35.44 46.83
C PHE B 79 -18.22 -35.15 48.26
N GLU B 80 -18.46 -33.93 48.70
CA GLU B 80 -18.10 -33.53 50.05
C GLU B 80 -19.02 -34.19 51.10
N LYS B 81 -20.29 -34.34 50.77
CA LYS B 81 -21.22 -35.03 51.68
C LYS B 81 -20.84 -36.50 51.82
N TRP B 82 -20.64 -37.16 50.69
CA TRP B 82 -20.15 -38.53 50.67
C TRP B 82 -18.92 -38.60 51.57
N GLN B 83 -17.95 -37.72 51.31
CA GLN B 83 -16.69 -37.70 52.04
C GLN B 83 -16.90 -37.50 53.54
N ALA B 84 -18.06 -36.96 53.91
CA ALA B 84 -18.44 -36.87 55.31
C ALA B 84 -18.50 -38.26 55.92
N GLN C 7 -18.69 5.13 10.85
CA GLN C 7 -19.30 6.27 10.17
C GLN C 7 -20.81 6.07 10.10
N LEU C 8 -21.38 6.17 8.91
CA LEU C 8 -22.81 5.94 8.73
C LEU C 8 -23.17 4.47 8.92
N LYS C 9 -22.14 3.63 8.99
CA LYS C 9 -22.34 2.22 9.27
C LYS C 9 -23.16 2.01 10.53
N SER C 10 -23.00 2.90 11.50
CA SER C 10 -23.75 2.81 12.75
C SER C 10 -25.22 3.10 12.49
N GLN C 11 -25.51 3.99 11.56
CA GLN C 11 -26.88 4.27 11.14
C GLN C 11 -27.51 2.98 10.61
N ILE C 12 -26.67 2.05 10.17
CA ILE C 12 -27.14 0.77 9.66
C ILE C 12 -27.25 -0.24 10.81
N GLN C 13 -26.13 -0.51 11.48
CA GLN C 13 -26.12 -1.43 12.61
C GLN C 13 -27.41 -1.22 13.40
N GLN C 14 -27.76 0.04 13.65
CA GLN C 14 -28.94 0.36 14.43
C GLN C 14 -30.21 -0.15 13.76
N TYR C 15 -30.42 0.25 12.52
CA TYR C 15 -31.62 -0.15 11.79
C TYR C 15 -31.73 -1.67 11.66
N LEU C 16 -30.58 -2.34 11.62
CA LEU C 16 -30.52 -3.79 11.60
C LEU C 16 -31.27 -4.35 12.81
N VAL C 17 -31.02 -3.75 13.97
CA VAL C 17 -31.69 -4.16 15.20
C VAL C 17 -33.10 -3.58 15.35
N GLU C 18 -33.25 -2.30 15.03
CA GLU C 18 -34.52 -1.60 15.19
C GLU C 18 -35.54 -1.99 14.14
N SER C 19 -35.18 -2.96 13.31
CA SER C 19 -36.09 -3.46 12.29
C SER C 19 -36.44 -4.91 12.56
N GLY C 20 -35.82 -5.49 13.59
CA GLY C 20 -36.03 -6.88 13.95
C GLY C 20 -35.29 -7.87 13.04
N ASN C 21 -34.49 -7.32 12.13
CA ASN C 21 -33.73 -8.15 11.17
C ASN C 21 -32.54 -8.84 11.81
N TYR C 22 -32.04 -8.30 12.93
CA TYR C 22 -30.94 -8.92 13.64
C TYR C 22 -31.39 -10.25 14.24
N GLU C 23 -32.62 -10.28 14.72
CA GLU C 23 -33.18 -11.51 15.27
C GLU C 23 -33.37 -12.54 14.16
N LEU C 24 -33.97 -12.12 13.06
CA LEU C 24 -34.28 -13.03 11.96
C LEU C 24 -33.05 -13.82 11.55
N ILE C 25 -31.98 -13.10 11.27
CA ILE C 25 -30.79 -13.71 10.70
C ILE C 25 -30.03 -14.50 11.75
N SER C 26 -30.04 -14.01 12.99
CA SER C 26 -29.31 -14.71 14.03
C SER C 26 -29.96 -16.07 14.29
N ASN C 27 -31.29 -16.10 14.25
CA ASN C 27 -32.02 -17.34 14.48
C ASN C 27 -31.89 -18.33 13.33
N GLU C 28 -31.87 -17.81 12.11
CA GLU C 28 -31.66 -18.62 10.92
C GLU C 28 -30.26 -19.24 10.95
N LEU C 29 -29.32 -18.46 11.46
CA LEU C 29 -27.93 -18.92 11.59
C LEU C 29 -27.83 -19.99 12.67
N LYS C 30 -28.52 -19.75 13.78
CA LYS C 30 -28.53 -20.70 14.88
C LYS C 30 -29.15 -22.00 14.41
N ALA C 31 -30.41 -21.94 13.98
CA ALA C 31 -31.15 -23.12 13.56
C ALA C 31 -30.34 -23.99 12.59
N ARG C 32 -29.54 -23.36 11.73
CA ARG C 32 -28.81 -24.10 10.72
C ARG C 32 -27.51 -24.66 11.28
N LEU C 33 -26.78 -23.86 12.05
CA LEU C 33 -25.58 -24.35 12.71
C LEU C 33 -25.95 -25.50 13.62
N LEU C 34 -27.15 -25.43 14.21
CA LEU C 34 -27.59 -26.41 15.16
C LEU C 34 -27.94 -27.71 14.45
N GLN C 35 -28.72 -27.58 13.38
CA GLN C 35 -29.21 -28.75 12.66
C GLN C 35 -28.04 -29.57 12.11
N GLU C 36 -27.02 -28.88 11.61
CA GLU C 36 -25.88 -29.58 11.01
C GLU C 36 -24.84 -29.94 12.06
N GLY C 37 -25.16 -29.73 13.33
CA GLY C 37 -24.32 -30.20 14.43
C GLY C 37 -23.12 -29.32 14.70
N TRP C 38 -23.12 -28.12 14.16
CA TRP C 38 -22.06 -27.16 14.45
C TRP C 38 -22.10 -26.77 15.93
N VAL C 39 -23.26 -26.30 16.39
CA VAL C 39 -23.42 -25.90 17.79
C VAL C 39 -22.80 -26.91 18.74
N ASP C 40 -23.08 -28.19 18.51
CA ASP C 40 -22.62 -29.23 19.42
C ASP C 40 -21.09 -29.29 19.51
N LYS C 41 -20.41 -29.59 18.41
CA LYS C 41 -18.96 -29.71 18.42
C LYS C 41 -18.33 -28.52 19.10
N VAL C 42 -18.78 -27.34 18.73
CA VAL C 42 -18.22 -26.11 19.25
C VAL C 42 -18.34 -26.04 20.76
N LYS C 43 -19.52 -26.42 21.26
CA LYS C 43 -19.79 -26.43 22.71
C LYS C 43 -18.89 -27.42 23.40
N ASP C 44 -18.67 -28.57 22.77
CA ASP C 44 -17.78 -29.58 23.31
C ASP C 44 -16.37 -29.02 23.46
N LEU C 45 -15.76 -28.61 22.35
CA LEU C 45 -14.36 -28.21 22.36
C LEU C 45 -14.11 -26.94 23.18
N THR C 46 -15.13 -26.10 23.33
CA THR C 46 -14.97 -24.95 24.21
C THR C 46 -14.94 -25.43 25.66
N LYS C 47 -15.98 -26.14 26.09
CA LYS C 47 -15.97 -26.84 27.38
C LYS C 47 -14.62 -27.53 27.58
N SER C 48 -14.21 -28.29 26.57
CA SER C 48 -13.00 -29.10 26.63
C SER C 48 -11.81 -28.26 27.04
N GLU C 49 -11.58 -27.19 26.32
CA GLU C 49 -10.53 -26.25 26.68
C GLU C 49 -10.77 -25.79 28.11
N MET C 50 -12.02 -25.45 28.41
CA MET C 50 -12.39 -24.96 29.73
C MET C 50 -12.02 -25.93 30.84
N ASN C 51 -11.88 -27.23 30.54
CA ASN C 51 -11.44 -28.18 31.55
C ASN C 51 -10.00 -27.89 31.97
N ILE C 52 -9.40 -26.94 31.27
CA ILE C 52 -8.18 -26.27 31.69
C ILE C 52 -8.58 -25.12 32.59
N ASN C 53 -9.78 -25.21 33.18
CA ASN C 53 -10.48 -24.04 33.72
C ASN C 53 -9.68 -23.27 34.77
N GLU C 54 -10.19 -22.11 35.13
CA GLU C 54 -9.42 -21.15 35.90
C GLU C 54 -8.21 -20.71 35.08
N SER C 55 -8.48 -20.06 33.94
CA SER C 55 -9.85 -19.73 33.53
C SER C 55 -10.21 -20.37 32.17
N THR C 56 -9.89 -19.76 31.02
CA THR C 56 -9.26 -18.45 30.91
C THR C 56 -10.16 -17.53 30.08
N ASN C 57 -10.02 -16.23 30.32
CA ASN C 57 -10.97 -15.24 29.81
C ASN C 57 -11.23 -15.38 28.31
N PHE C 58 -12.37 -14.85 27.85
CA PHE C 58 -12.91 -15.13 26.52
C PHE C 58 -11.94 -14.98 25.35
N THR C 59 -11.05 -13.99 25.37
CA THR C 59 -10.13 -13.82 24.25
C THR C 59 -9.19 -15.02 24.15
N GLN C 60 -8.75 -15.53 25.30
CA GLN C 60 -7.85 -16.69 25.34
C GLN C 60 -8.52 -17.99 24.89
N ILE C 61 -9.84 -18.06 24.99
CA ILE C 61 -10.57 -19.22 24.46
C ILE C 61 -10.92 -19.01 22.99
N LEU C 62 -11.40 -17.81 22.66
CA LEU C 62 -11.75 -17.44 21.31
C LEU C 62 -10.59 -17.62 20.34
N SER C 63 -9.43 -17.12 20.69
CA SER C 63 -8.24 -17.29 19.85
C SER C 63 -7.93 -18.77 19.62
N THR C 64 -8.14 -19.61 20.63
CA THR C 64 -7.79 -21.02 20.55
C THR C 64 -8.83 -21.88 19.83
N VAL C 65 -10.03 -21.35 19.59
CA VAL C 65 -11.11 -22.12 18.98
C VAL C 65 -11.77 -21.45 17.75
N GLU C 66 -11.80 -20.12 17.74
CA GLU C 66 -12.48 -19.36 16.69
C GLU C 66 -12.02 -19.76 15.29
N PRO C 67 -10.70 -19.82 15.06
CA PRO C 67 -10.18 -20.15 13.73
C PRO C 67 -10.73 -21.48 13.19
N LYS C 68 -10.77 -22.51 14.04
CA LYS C 68 -11.21 -23.83 13.63
C LYS C 68 -12.74 -24.01 13.76
N ALA C 69 -13.42 -22.93 14.15
CA ALA C 69 -14.89 -22.93 14.26
C ALA C 69 -15.50 -22.21 13.06
N LEU C 70 -14.86 -21.10 12.66
CA LEU C 70 -15.29 -20.31 11.50
C LEU C 70 -15.21 -21.13 10.22
N GLU C 71 -14.38 -22.18 10.24
CA GLU C 71 -14.19 -23.03 9.07
C GLU C 71 -15.34 -24.02 8.90
N MET C 72 -15.76 -24.64 9.99
CA MET C 72 -16.68 -25.77 9.94
C MET C 72 -18.11 -25.37 9.65
N VAL C 73 -18.35 -24.09 9.39
CA VAL C 73 -19.67 -23.66 9.01
C VAL C 73 -19.94 -24.13 7.58
N SER C 74 -20.99 -24.93 7.43
CA SER C 74 -21.39 -25.46 6.14
C SER C 74 -21.32 -24.40 5.04
N ASP C 75 -20.80 -24.78 3.88
CA ASP C 75 -20.87 -23.90 2.72
C ASP C 75 -22.30 -23.50 2.50
N SER C 76 -23.20 -24.46 2.60
CA SER C 76 -24.63 -24.20 2.42
C SER C 76 -25.12 -23.14 3.42
N THR C 77 -24.71 -23.25 4.68
CA THR C 77 -25.10 -22.32 5.74
C THR C 77 -24.49 -20.93 5.51
N ARG C 78 -23.20 -20.91 5.21
CA ARG C 78 -22.44 -19.70 4.96
C ARG C 78 -23.06 -18.84 3.86
N GLU C 79 -23.40 -19.47 2.74
CA GLU C 79 -23.96 -18.76 1.59
C GLU C 79 -25.39 -18.27 1.82
N THR C 80 -26.17 -19.02 2.61
CA THR C 80 -27.54 -18.63 2.89
C THR C 80 -27.56 -17.38 3.77
N VAL C 81 -26.74 -17.39 4.81
CA VAL C 81 -26.72 -16.30 5.77
C VAL C 81 -26.10 -15.06 5.15
N LEU C 82 -25.05 -15.24 4.37
CA LEU C 82 -24.42 -14.11 3.70
C LEU C 82 -25.45 -13.41 2.82
N LYS C 83 -26.23 -14.19 2.09
CA LYS C 83 -27.21 -13.60 1.19
C LYS C 83 -28.29 -12.86 1.95
N GLN C 84 -28.78 -13.45 3.04
CA GLN C 84 -29.84 -12.83 3.80
C GLN C 84 -29.37 -11.47 4.31
N ILE C 85 -28.11 -11.42 4.70
CA ILE C 85 -27.51 -10.19 5.18
C ILE C 85 -27.38 -9.23 4.01
N ARG C 86 -26.90 -9.74 2.90
CA ARG C 86 -26.68 -8.94 1.71
C ARG C 86 -28.02 -8.30 1.34
N GLU C 87 -29.04 -9.13 1.19
CA GLU C 87 -30.39 -8.68 0.85
C GLU C 87 -30.80 -7.53 1.75
N PHE C 88 -30.49 -7.65 3.03
CA PHE C 88 -30.86 -6.63 3.99
C PHE C 88 -30.33 -5.26 3.55
N LEU C 89 -29.04 -5.19 3.30
CA LEU C 89 -28.38 -3.93 3.03
C LEU C 89 -28.82 -3.35 1.70
N GLU C 90 -29.11 -4.22 0.74
CA GLU C 90 -29.53 -3.77 -0.59
C GLU C 90 -30.81 -2.95 -0.50
N GLU C 91 -31.73 -3.37 0.38
CA GLU C 91 -33.01 -2.68 0.55
C GLU C 91 -32.84 -1.34 1.25
N ILE C 92 -31.61 -1.01 1.62
CA ILE C 92 -31.34 0.21 2.36
C ILE C 92 -30.41 1.17 1.60
N VAL C 93 -29.70 0.66 0.59
CA VAL C 93 -28.82 1.51 -0.22
C VAL C 93 -29.05 1.39 -1.72
N ALA D 6 -13.60 22.62 -52.30
CA ALA D 6 -14.28 21.59 -51.51
C ALA D 6 -15.50 22.18 -50.83
N GLN D 7 -16.17 21.38 -50.01
CA GLN D 7 -17.29 21.88 -49.22
C GLN D 7 -16.79 22.97 -48.27
N LEU D 8 -15.67 22.66 -47.60
CA LEU D 8 -14.98 23.64 -46.77
C LEU D 8 -15.86 24.28 -45.72
N LYS D 9 -16.77 23.48 -45.16
CA LYS D 9 -17.44 23.85 -43.94
C LYS D 9 -16.37 23.83 -42.86
N SER D 10 -15.44 22.89 -43.01
CA SER D 10 -14.37 22.70 -42.05
C SER D 10 -13.58 23.98 -41.80
N GLN D 11 -13.39 24.80 -42.83
CA GLN D 11 -12.74 26.08 -42.65
C GLN D 11 -13.49 26.90 -41.60
N ILE D 12 -14.81 26.83 -41.63
CA ILE D 12 -15.63 27.62 -40.72
C ILE D 12 -15.56 27.02 -39.30
N GLN D 13 -15.51 25.69 -39.20
CA GLN D 13 -15.22 25.00 -37.96
C GLN D 13 -13.89 25.48 -37.43
N GLN D 14 -12.94 25.64 -38.36
CA GLN D 14 -11.57 26.00 -38.03
C GLN D 14 -11.53 27.35 -37.35
N TYR D 15 -12.26 28.32 -37.89
CA TYR D 15 -12.26 29.64 -37.29
C TYR D 15 -13.08 29.60 -36.01
N LEU D 16 -14.24 28.97 -36.07
CA LEU D 16 -15.09 28.83 -34.90
C LEU D 16 -14.25 28.36 -33.71
N VAL D 17 -13.39 27.37 -33.94
CA VAL D 17 -12.56 26.82 -32.89
C VAL D 17 -11.39 27.74 -32.51
N GLU D 18 -10.74 28.34 -33.50
CA GLU D 18 -9.58 29.19 -33.24
C GLU D 18 -9.94 30.49 -32.53
N SER D 19 -11.17 30.97 -32.72
CA SER D 19 -11.59 32.23 -32.15
C SER D 19 -12.11 32.06 -30.72
N GLY D 20 -12.14 30.81 -30.26
CA GLY D 20 -12.64 30.50 -28.94
C GLY D 20 -14.15 30.31 -28.86
N ASN D 21 -14.86 30.68 -29.92
CA ASN D 21 -16.32 30.55 -29.99
C ASN D 21 -16.90 29.12 -29.95
N TYR D 22 -16.21 28.14 -30.51
CA TYR D 22 -16.70 26.79 -30.42
C TYR D 22 -16.86 26.42 -28.95
N GLU D 23 -15.83 26.71 -28.14
CA GLU D 23 -15.87 26.36 -26.73
C GLU D 23 -16.96 27.15 -25.98
N LEU D 24 -16.99 28.47 -26.15
CA LEU D 24 -17.99 29.32 -25.50
C LEU D 24 -19.43 28.86 -25.82
N ILE D 25 -19.68 28.48 -27.05
CA ILE D 25 -21.01 28.04 -27.44
C ILE D 25 -21.30 26.70 -26.78
N SER D 26 -20.31 25.83 -26.76
CA SER D 26 -20.50 24.54 -26.14
C SER D 26 -20.85 24.75 -24.67
N ASN D 27 -20.06 25.54 -23.97
CA ASN D 27 -20.26 25.75 -22.54
C ASN D 27 -21.66 26.27 -22.30
N GLU D 28 -22.10 27.18 -23.17
CA GLU D 28 -23.41 27.78 -23.06
C GLU D 28 -24.50 26.74 -23.37
N LEU D 29 -24.16 25.76 -24.19
CA LEU D 29 -25.08 24.68 -24.50
C LEU D 29 -25.19 23.76 -23.29
N LYS D 30 -24.05 23.37 -22.73
CA LYS D 30 -24.00 22.57 -21.52
C LYS D 30 -24.71 23.30 -20.39
N ALA D 31 -24.61 24.62 -20.38
CA ALA D 31 -25.23 25.43 -19.36
C ALA D 31 -26.74 25.29 -19.39
N ARG D 32 -27.33 25.48 -20.55
CA ARG D 32 -28.79 25.44 -20.69
C ARG D 32 -29.33 24.03 -20.53
N LEU D 33 -28.56 23.03 -20.97
CA LEU D 33 -28.97 21.64 -20.79
C LEU D 33 -29.05 21.34 -19.31
N LEU D 34 -28.14 21.90 -18.52
CA LEU D 34 -28.16 21.70 -17.09
C LEU D 34 -29.35 22.42 -16.47
N GLN D 35 -29.56 23.68 -16.84
CA GLN D 35 -30.63 24.50 -16.30
C GLN D 35 -31.99 23.86 -16.52
N GLU D 36 -32.22 23.39 -17.73
CA GLU D 36 -33.53 22.92 -18.14
C GLU D 36 -33.74 21.45 -17.74
N GLY D 37 -32.94 20.97 -16.79
CA GLY D 37 -33.10 19.64 -16.24
C GLY D 37 -32.80 18.49 -17.19
N TRP D 38 -32.29 18.78 -18.37
CA TRP D 38 -31.96 17.75 -19.34
C TRP D 38 -30.94 16.74 -18.82
N VAL D 39 -30.05 17.20 -17.94
CA VAL D 39 -29.05 16.30 -17.37
C VAL D 39 -29.71 15.37 -16.40
N ASP D 40 -30.65 15.86 -15.61
CA ASP D 40 -31.37 14.98 -14.71
C ASP D 40 -32.19 13.96 -15.50
N LYS D 41 -32.72 14.36 -16.66
CA LYS D 41 -33.50 13.45 -17.48
C LYS D 41 -32.63 12.33 -18.05
N VAL D 42 -31.32 12.54 -18.07
CA VAL D 42 -30.40 11.52 -18.57
C VAL D 42 -29.87 10.69 -17.42
N LYS D 43 -29.59 11.34 -16.30
CA LYS D 43 -29.14 10.65 -15.10
C LYS D 43 -30.23 9.66 -14.69
N ASP D 44 -31.45 9.93 -15.15
CA ASP D 44 -32.60 9.06 -14.88
C ASP D 44 -32.68 7.95 -15.93
N LEU D 45 -32.68 8.33 -17.21
CA LEU D 45 -32.74 7.36 -18.28
C LEU D 45 -31.69 6.29 -18.11
N THR D 46 -30.53 6.66 -17.57
CA THR D 46 -29.44 5.72 -17.40
C THR D 46 -29.75 4.75 -16.27
N LYS D 47 -30.53 5.20 -15.30
CA LYS D 47 -30.90 4.36 -14.19
C LYS D 47 -32.02 3.38 -14.56
N SER D 48 -32.91 3.77 -15.45
CA SER D 48 -33.96 2.85 -15.87
C SER D 48 -33.30 1.68 -16.60
N GLU D 49 -32.48 1.97 -17.61
CA GLU D 49 -31.85 0.93 -18.41
C GLU D 49 -31.08 -0.03 -17.54
N MET D 50 -30.42 0.51 -16.52
CA MET D 50 -29.65 -0.31 -15.60
C MET D 50 -30.57 -1.15 -14.71
N ASN D 51 -31.70 -0.59 -14.30
CA ASN D 51 -32.65 -1.31 -13.43
C ASN D 51 -33.35 -2.42 -14.19
N ILE D 52 -33.50 -2.25 -15.49
CA ILE D 52 -34.13 -3.25 -16.35
C ILE D 52 -33.32 -4.54 -16.35
N ASN D 53 -32.07 -4.45 -16.80
CA ASN D 53 -31.14 -5.59 -16.71
C ASN D 53 -29.73 -5.16 -16.31
N GLU D 54 -29.30 -5.59 -15.13
CA GLU D 54 -27.96 -5.23 -14.66
C GLU D 54 -26.98 -6.35 -14.97
N SER D 55 -27.15 -6.93 -16.15
CA SER D 55 -26.25 -7.96 -16.66
C SER D 55 -25.67 -7.38 -17.94
N THR D 56 -26.46 -6.54 -18.60
CA THR D 56 -26.04 -5.82 -19.79
C THR D 56 -25.00 -4.77 -19.43
N ASN D 57 -23.86 -4.86 -20.12
CA ASN D 57 -22.66 -4.15 -19.71
C ASN D 57 -22.64 -2.66 -20.08
N PHE D 58 -21.62 -1.96 -19.62
CA PHE D 58 -21.50 -0.53 -19.82
C PHE D 58 -21.78 -0.16 -21.28
N THR D 59 -21.07 -0.80 -22.21
CA THR D 59 -21.19 -0.46 -23.61
C THR D 59 -22.63 -0.51 -24.12
N GLN D 60 -23.32 -1.62 -23.86
CA GLN D 60 -24.70 -1.77 -24.31
C GLN D 60 -25.61 -0.68 -23.75
N ILE D 61 -25.46 -0.38 -22.47
CA ILE D 61 -26.26 0.65 -21.83
C ILE D 61 -26.02 1.99 -22.53
N LEU D 62 -24.75 2.34 -22.70
CA LEU D 62 -24.38 3.59 -23.33
C LEU D 62 -25.07 3.74 -24.69
N SER D 63 -24.96 2.74 -25.54
CA SER D 63 -25.58 2.77 -26.86
C SER D 63 -27.06 3.07 -26.77
N THR D 64 -27.75 2.38 -25.86
CA THR D 64 -29.19 2.54 -25.74
C THR D 64 -29.55 3.99 -25.38
N VAL D 65 -28.69 4.62 -24.59
CA VAL D 65 -28.98 5.94 -24.04
C VAL D 65 -28.67 7.11 -24.99
N GLU D 66 -27.53 7.03 -25.68
CA GLU D 66 -27.07 8.13 -26.53
C GLU D 66 -28.14 8.65 -27.50
N PRO D 67 -28.67 7.78 -28.37
CA PRO D 67 -29.67 8.25 -29.33
C PRO D 67 -30.88 8.89 -28.66
N LYS D 68 -31.27 8.38 -27.50
CA LYS D 68 -32.43 8.88 -26.79
C LYS D 68 -32.18 10.28 -26.23
N ALA D 69 -31.04 10.46 -25.57
CA ALA D 69 -30.64 11.74 -24.99
C ALA D 69 -30.50 12.81 -26.07
N LEU D 70 -29.94 12.42 -27.20
CA LEU D 70 -29.77 13.32 -28.35
C LEU D 70 -31.13 13.83 -28.86
N GLU D 71 -32.20 13.15 -28.47
CA GLU D 71 -33.55 13.53 -28.85
C GLU D 71 -34.26 14.34 -27.76
N MET D 72 -33.88 14.13 -26.50
CA MET D 72 -34.48 14.87 -25.40
C MET D 72 -34.21 16.36 -25.51
N VAL D 73 -33.22 16.74 -26.32
CA VAL D 73 -32.84 18.13 -26.49
C VAL D 73 -33.98 18.94 -27.09
N SER D 74 -34.50 19.89 -26.31
CA SER D 74 -35.57 20.74 -26.79
C SER D 74 -35.14 21.45 -28.07
N ASP D 75 -36.11 21.94 -28.84
CA ASP D 75 -35.80 22.53 -30.13
C ASP D 75 -35.52 24.02 -30.01
N SER D 76 -35.84 24.59 -28.86
CA SER D 76 -35.47 25.97 -28.57
C SER D 76 -33.99 26.03 -28.20
N THR D 77 -33.46 24.91 -27.74
CA THR D 77 -32.05 24.80 -27.41
C THR D 77 -31.20 24.58 -28.64
N ARG D 78 -31.68 23.76 -29.57
CA ARG D 78 -31.00 23.62 -30.84
C ARG D 78 -30.97 24.96 -31.55
N GLU D 79 -32.05 25.73 -31.37
CA GLU D 79 -32.19 27.04 -32.00
C GLU D 79 -31.07 28.00 -31.60
N THR D 80 -30.91 28.21 -30.30
CA THR D 80 -29.90 29.13 -29.81
C THR D 80 -28.52 28.78 -30.34
N VAL D 81 -28.25 27.49 -30.53
CA VAL D 81 -26.94 27.07 -31.03
C VAL D 81 -26.81 27.48 -32.49
N LEU D 82 -27.90 27.36 -33.24
CA LEU D 82 -27.90 27.76 -34.64
C LEU D 82 -27.73 29.27 -34.78
N LYS D 83 -28.49 30.03 -34.00
CA LYS D 83 -28.40 31.47 -33.99
C LYS D 83 -26.96 31.92 -33.78
N GLN D 84 -26.30 31.36 -32.78
CA GLN D 84 -24.95 31.77 -32.43
C GLN D 84 -23.92 31.37 -33.47
N ILE D 85 -24.19 30.30 -34.20
CA ILE D 85 -23.26 29.85 -35.23
C ILE D 85 -23.51 30.58 -36.53
N ARG D 86 -24.76 30.94 -36.77
CA ARG D 86 -25.10 31.82 -37.89
C ARG D 86 -24.32 33.12 -37.74
N GLU D 87 -24.53 33.80 -36.61
CA GLU D 87 -23.97 35.13 -36.35
C GLU D 87 -22.46 35.20 -36.55
N PHE D 88 -21.75 34.16 -36.15
CA PHE D 88 -20.31 34.15 -36.33
C PHE D 88 -19.94 34.03 -37.80
N LEU D 89 -20.76 33.30 -38.56
CA LEU D 89 -20.49 33.10 -39.98
C LEU D 89 -20.57 34.41 -40.76
N GLU D 90 -21.61 35.20 -40.50
CA GLU D 90 -21.83 36.45 -41.20
C GLU D 90 -20.70 37.45 -40.98
N GLU D 91 -19.73 37.09 -40.13
CA GLU D 91 -18.58 37.94 -39.88
C GLU D 91 -17.41 37.57 -40.78
N PRO E 12 -26.69 22.19 32.50
CA PRO E 12 -26.79 21.32 31.33
C PRO E 12 -26.31 22.03 30.06
N LEU E 13 -25.47 23.04 30.22
CA LEU E 13 -24.96 23.76 29.06
C LEU E 13 -23.93 22.94 28.28
N ASN E 14 -24.22 22.78 26.99
CA ASN E 14 -23.37 22.04 26.07
C ASN E 14 -23.52 22.66 24.69
N SER E 15 -24.00 23.90 24.66
CA SER E 15 -24.46 24.54 23.43
C SER E 15 -23.34 24.86 22.44
N GLU E 16 -22.18 25.30 22.95
CA GLU E 16 -21.10 25.76 22.09
C GLU E 16 -19.92 24.79 22.02
N LEU E 17 -20.16 23.53 22.37
CA LEU E 17 -19.13 22.51 22.23
C LEU E 17 -18.99 22.10 20.77
N LEU E 18 -17.90 22.51 20.13
CA LEU E 18 -17.55 21.97 18.83
C LEU E 18 -17.66 20.46 18.91
N GLU E 19 -17.96 19.80 17.79
CA GLU E 19 -18.11 18.35 17.79
C GLU E 19 -16.84 17.67 18.29
N GLU E 20 -15.69 18.21 17.89
CA GLU E 20 -14.38 17.66 18.26
C GLU E 20 -14.14 17.67 19.77
N GLN E 21 -14.81 18.58 20.47
CA GLN E 21 -14.73 18.66 21.92
C GLN E 21 -15.63 17.63 22.58
N LYS E 22 -16.81 17.40 21.99
CA LYS E 22 -17.70 16.37 22.49
C LYS E 22 -16.96 15.05 22.46
N GLN E 23 -16.13 14.87 21.45
CA GLN E 23 -15.42 13.61 21.25
C GLN E 23 -14.24 13.48 22.21
N GLU E 24 -13.74 14.60 22.71
CA GLU E 24 -12.67 14.58 23.71
C GLU E 24 -13.23 14.19 25.07
N ILE E 25 -14.43 14.65 25.36
CA ILE E 25 -15.07 14.35 26.63
C ILE E 25 -15.46 12.87 26.67
N TYR E 26 -15.96 12.37 25.54
CA TYR E 26 -16.41 10.98 25.45
C TYR E 26 -15.25 9.99 25.48
N GLU E 27 -14.19 10.28 24.73
CA GLU E 27 -13.04 9.39 24.65
C GLU E 27 -12.27 9.34 25.96
N ALA E 28 -12.05 10.51 26.56
CA ALA E 28 -11.39 10.59 27.86
C ALA E 28 -12.15 9.77 28.90
N PHE E 29 -13.46 9.95 28.95
CA PHE E 29 -14.27 9.25 29.93
C PHE E 29 -14.15 7.75 29.72
N SER E 30 -14.30 7.31 28.48
CA SER E 30 -14.27 5.88 28.18
C SER E 30 -12.97 5.26 28.65
N LEU E 31 -11.88 6.03 28.51
CA LEU E 31 -10.54 5.49 28.77
C LEU E 31 -10.37 4.96 30.19
N PHE E 32 -11.07 5.52 31.16
CA PHE E 32 -10.94 5.06 32.53
C PHE E 32 -12.22 4.44 33.05
N ASP E 33 -13.18 4.23 32.15
CA ASP E 33 -14.38 3.49 32.48
C ASP E 33 -14.03 2.00 32.39
N MET E 34 -13.31 1.52 33.40
CA MET E 34 -12.81 0.14 33.41
C MET E 34 -13.98 -0.84 33.40
N ASN E 35 -14.82 -0.72 34.42
CA ASN E 35 -16.03 -1.51 34.57
C ASN E 35 -16.81 -1.49 33.27
N ASN E 36 -16.79 -0.34 32.60
CA ASN E 36 -17.59 -0.12 31.41
C ASN E 36 -19.07 -0.06 31.78
N ASP E 37 -19.34 0.21 33.05
CA ASP E 37 -20.68 0.39 33.56
C ASP E 37 -21.17 1.82 33.38
N GLY E 38 -20.35 2.66 32.74
CA GLY E 38 -20.69 4.04 32.47
C GLY E 38 -20.58 4.95 33.67
N PHE E 39 -19.70 4.57 34.61
CA PHE E 39 -19.47 5.33 35.83
C PHE E 39 -17.98 5.40 36.16
N LEU E 40 -17.55 6.51 36.75
CA LEU E 40 -16.17 6.67 37.20
C LEU E 40 -16.14 6.87 38.73
N ASP E 41 -15.16 6.27 39.40
CA ASP E 41 -14.97 6.48 40.83
C ASP E 41 -13.95 7.60 40.94
N TYR E 42 -13.43 7.84 42.14
CA TYR E 42 -12.54 8.98 42.38
C TYR E 42 -11.22 8.99 41.60
N HIS E 43 -10.45 7.91 41.67
CA HIS E 43 -9.16 7.87 41.00
C HIS E 43 -9.29 7.78 39.48
N GLU E 44 -10.42 7.29 39.01
CA GLU E 44 -10.69 7.28 37.58
C GLU E 44 -11.05 8.68 37.10
N LEU E 45 -11.89 9.37 37.86
CA LEU E 45 -12.32 10.72 37.52
C LEU E 45 -11.13 11.66 37.52
N LYS E 46 -10.40 11.70 38.63
CA LYS E 46 -9.23 12.56 38.74
C LYS E 46 -8.36 12.46 37.49
N VAL E 47 -8.14 11.24 37.03
CA VAL E 47 -7.20 11.02 35.94
C VAL E 47 -7.89 11.21 34.59
N ALA E 48 -9.21 11.06 34.56
CA ALA E 48 -9.98 11.30 33.34
C ALA E 48 -9.98 12.79 33.02
N MET E 49 -10.02 13.61 34.06
CA MET E 49 -9.87 15.05 33.94
C MET E 49 -8.48 15.42 33.48
N LYS E 50 -7.48 14.65 33.89
CA LYS E 50 -6.12 14.96 33.51
C LYS E 50 -5.89 14.68 32.03
N ALA E 51 -6.74 13.85 31.43
CA ALA E 51 -6.64 13.55 30.00
C ALA E 51 -7.27 14.65 29.15
N LEU E 52 -7.95 15.57 29.82
CA LEU E 52 -8.49 16.78 29.19
C LEU E 52 -7.72 18.02 29.65
N GLY E 53 -6.54 17.84 30.22
CA GLY E 53 -5.69 18.95 30.62
C GLY E 53 -6.17 19.69 31.86
N PHE E 54 -7.09 19.09 32.59
CA PHE E 54 -7.55 19.69 33.85
C PHE E 54 -7.05 18.91 35.07
N GLU E 55 -6.49 19.66 36.03
CA GLU E 55 -5.98 19.11 37.28
C GLU E 55 -6.55 19.87 38.47
N LEU E 56 -7.25 19.17 39.35
CA LEU E 56 -7.88 19.79 40.49
C LEU E 56 -7.40 19.13 41.79
N PRO E 57 -7.48 19.86 42.91
CA PRO E 57 -7.20 19.32 44.24
C PRO E 57 -8.13 18.17 44.61
N LYS E 58 -7.71 17.31 45.53
CA LYS E 58 -8.53 16.18 45.94
C LYS E 58 -9.90 16.62 46.43
N ARG E 59 -9.93 17.62 47.29
CA ARG E 59 -11.19 18.08 47.88
C ARG E 59 -12.18 18.43 46.79
N GLU E 60 -11.77 19.28 45.85
CA GLU E 60 -12.67 19.76 44.81
C GLU E 60 -13.26 18.61 44.01
N ILE E 61 -12.42 17.62 43.67
CA ILE E 61 -12.89 16.47 42.91
C ILE E 61 -13.95 15.70 43.70
N LEU E 62 -13.74 15.53 45.00
CA LEU E 62 -14.71 14.85 45.83
C LEU E 62 -16.00 15.67 45.89
N ASP E 63 -15.89 16.99 45.93
CA ASP E 63 -17.06 17.85 46.03
C ASP E 63 -17.86 17.82 44.73
N LEU E 64 -17.20 17.71 43.59
CA LEU E 64 -17.89 17.55 42.32
C LEU E 64 -18.65 16.23 42.29
N ILE E 65 -18.12 15.24 43.01
CA ILE E 65 -18.77 13.93 43.09
C ILE E 65 -20.05 14.04 43.93
N ASP E 66 -19.93 14.58 45.13
CA ASP E 66 -21.07 14.75 46.03
C ASP E 66 -22.16 15.53 45.32
N GLU E 67 -21.72 16.50 44.53
CA GLU E 67 -22.63 17.43 43.89
C GLU E 67 -23.59 16.74 42.93
N TYR E 68 -23.08 15.80 42.13
CA TYR E 68 -23.91 15.18 41.12
C TYR E 68 -24.36 13.80 41.57
N ASP E 69 -24.16 13.52 42.85
CA ASP E 69 -24.42 12.19 43.39
C ASP E 69 -25.90 11.94 43.71
N SER E 70 -26.73 11.85 42.68
CA SER E 70 -28.16 11.63 42.85
C SER E 70 -28.38 10.49 43.83
N GLU E 71 -28.04 9.28 43.40
CA GLU E 71 -28.15 8.10 44.25
C GLU E 71 -27.03 8.09 45.30
N GLY E 72 -26.96 7.05 46.11
CA GLY E 72 -26.02 7.02 47.21
C GLY E 72 -24.61 6.66 46.83
N ARG E 73 -24.41 6.24 45.58
CA ARG E 73 -23.10 5.76 45.12
C ARG E 73 -22.07 6.87 45.28
N HIS E 74 -20.80 6.57 45.02
CA HIS E 74 -19.75 7.59 45.08
C HIS E 74 -19.14 7.79 43.70
N LEU E 75 -19.95 7.66 42.68
CA LEU E 75 -19.45 7.74 41.31
C LEU E 75 -19.93 9.01 40.61
N MET E 76 -19.68 9.09 39.31
CA MET E 76 -20.17 10.18 38.48
C MET E 76 -20.50 9.61 37.11
N LYS E 77 -21.77 9.67 36.73
CA LYS E 77 -22.20 9.14 35.43
C LYS E 77 -21.69 10.06 34.32
N TYR E 78 -21.45 9.48 33.15
CA TYR E 78 -20.93 10.23 32.01
C TYR E 78 -21.73 11.48 31.68
N ASP E 79 -23.04 11.42 31.89
CA ASP E 79 -23.90 12.59 31.71
C ASP E 79 -23.39 13.77 32.54
N ASP E 80 -23.13 13.51 33.81
CA ASP E 80 -22.67 14.56 34.70
C ASP E 80 -21.24 14.96 34.34
N PHE E 81 -20.39 13.97 34.05
CA PHE E 81 -19.02 14.24 33.68
C PHE E 81 -18.98 15.07 32.41
N TYR E 82 -20.09 15.09 31.69
CA TYR E 82 -20.12 15.82 30.43
C TYR E 82 -20.40 17.29 30.71
N ILE E 83 -21.32 17.56 31.64
CA ILE E 83 -21.65 18.95 31.99
C ILE E 83 -20.45 19.63 32.60
N VAL E 84 -19.88 19.03 33.64
CA VAL E 84 -18.70 19.56 34.30
C VAL E 84 -17.50 19.85 33.37
N MET E 85 -17.20 18.93 32.46
CA MET E 85 -16.05 19.06 31.56
C MET E 85 -16.29 19.99 30.38
N GLY E 86 -17.55 20.10 29.96
CA GLY E 86 -17.93 21.01 28.90
C GLY E 86 -17.78 22.43 29.38
N GLU E 87 -18.16 22.67 30.63
CA GLU E 87 -18.01 23.98 31.26
C GLU E 87 -16.53 24.36 31.33
N LYS E 88 -15.74 23.56 32.02
CA LYS E 88 -14.33 23.88 32.14
C LYS E 88 -13.70 24.10 30.77
N ILE E 89 -14.18 23.38 29.75
CA ILE E 89 -13.51 23.40 28.45
C ILE E 89 -13.76 24.71 27.72
N LEU E 90 -14.96 25.25 27.88
CA LEU E 90 -15.31 26.54 27.28
C LEU E 90 -14.52 27.67 27.93
N LYS E 91 -14.32 27.56 29.23
CA LYS E 91 -13.57 28.54 29.99
C LYS E 91 -12.06 28.37 29.83
N ARG E 92 -11.64 27.61 28.84
CA ARG E 92 -10.22 27.28 28.73
C ARG E 92 -9.46 28.41 28.03
N ASP E 93 -8.37 28.83 28.65
CA ASP E 93 -7.43 29.77 28.04
C ASP E 93 -6.97 29.26 26.66
N PRO E 94 -7.45 29.89 25.59
CA PRO E 94 -7.18 29.41 24.23
C PRO E 94 -5.69 29.47 23.89
N LEU E 95 -5.01 30.37 24.57
CA LEU E 95 -3.63 30.69 24.27
C LEU E 95 -2.70 29.77 25.05
N ASP E 96 -3.08 29.42 26.27
CA ASP E 96 -2.32 28.44 27.04
C ASP E 96 -2.39 27.09 26.31
N GLU E 97 -3.52 26.88 25.65
CA GLU E 97 -3.77 25.69 24.85
C GLU E 97 -2.78 25.65 23.70
N ILE E 98 -2.68 26.76 22.98
CA ILE E 98 -1.76 26.87 21.85
C ILE E 98 -0.30 26.78 22.28
N LYS E 99 0.04 27.42 23.39
CA LYS E 99 1.42 27.44 23.86
C LYS E 99 1.82 26.05 24.28
N ARG E 100 0.86 25.27 24.78
CA ARG E 100 1.14 23.93 25.28
C ARG E 100 1.38 23.01 24.10
N ALA E 101 0.54 23.15 23.08
CA ALA E 101 0.74 22.40 21.83
C ALA E 101 2.13 22.64 21.24
N PHE E 102 2.60 23.88 21.31
CA PHE E 102 3.90 24.18 20.79
C PHE E 102 4.98 23.42 21.56
N GLN E 103 4.96 23.55 22.89
CA GLN E 103 5.94 22.85 23.72
C GLN E 103 5.99 21.39 23.34
N LEU E 104 4.81 20.77 23.16
CA LEU E 104 4.74 19.36 22.80
C LEU E 104 5.42 19.08 21.46
N PHE E 105 5.23 19.97 20.48
CA PHE E 105 5.85 19.84 19.17
C PHE E 105 7.36 20.00 19.28
N ASP E 106 7.78 20.97 20.07
CA ASP E 106 9.19 21.23 20.33
C ASP E 106 9.68 20.37 21.51
N ASP E 107 9.73 19.06 21.32
CA ASP E 107 10.06 18.15 22.41
C ASP E 107 11.57 18.04 22.65
N ASP E 108 12.36 18.55 21.72
CA ASP E 108 13.81 18.71 21.97
C ASP E 108 14.06 20.08 22.63
N HIS E 109 13.00 20.85 22.79
CA HIS E 109 13.02 22.11 23.53
C HIS E 109 13.95 23.18 22.91
N THR E 110 14.26 23.04 21.62
CA THR E 110 15.01 24.04 20.88
C THR E 110 14.48 25.45 21.11
N GLY E 111 13.18 25.63 20.87
CA GLY E 111 12.57 26.94 20.90
C GLY E 111 11.98 27.22 19.54
N LYS E 112 12.13 26.25 18.64
CA LYS E 112 11.58 26.33 17.31
C LYS E 112 11.26 24.92 16.84
N ILE E 113 10.03 24.68 16.42
CA ILE E 113 9.68 23.42 15.79
C ILE E 113 10.64 23.21 14.62
N SER E 114 11.26 22.04 14.55
CA SER E 114 12.23 21.77 13.49
C SER E 114 11.74 20.64 12.62
N ILE E 115 12.38 20.45 11.47
CA ILE E 115 12.02 19.35 10.60
C ILE E 115 12.15 18.02 11.37
N LYS E 116 13.07 18.01 12.34
CA LYS E 116 13.26 16.82 13.20
C LYS E 116 12.10 16.68 14.16
N ASN E 117 11.72 17.79 14.79
CA ASN E 117 10.57 17.81 15.69
C ASN E 117 9.30 17.38 14.98
N LEU E 118 9.09 17.95 13.80
CA LEU E 118 7.91 17.70 13.00
C LEU E 118 7.85 16.22 12.66
N ARG E 119 8.99 15.68 12.26
CA ARG E 119 9.07 14.27 11.88
C ARG E 119 8.67 13.42 13.08
N ARG E 120 9.17 13.76 14.26
CA ARG E 120 8.86 12.97 15.44
C ARG E 120 7.36 13.01 15.70
N VAL E 121 6.78 14.19 15.55
CA VAL E 121 5.33 14.37 15.72
C VAL E 121 4.59 13.58 14.64
N ALA E 122 5.16 13.57 13.44
CA ALA E 122 4.54 12.92 12.31
C ALA E 122 4.39 11.42 12.57
N LYS E 123 5.39 10.80 13.17
CA LYS E 123 5.40 9.36 13.40
C LYS E 123 4.52 8.96 14.58
N GLU E 124 4.56 9.76 15.65
CA GLU E 124 3.72 9.51 16.80
C GLU E 124 2.27 9.41 16.33
N LEU E 125 1.82 10.44 15.62
CA LEU E 125 0.50 10.43 14.99
C LEU E 125 0.47 9.35 13.93
N GLY E 126 1.64 9.06 13.39
CA GLY E 126 1.80 8.01 12.40
C GLY E 126 1.31 8.40 11.03
N GLU E 127 1.25 9.70 10.77
CA GLU E 127 0.98 10.20 9.43
C GLU E 127 2.26 10.07 8.59
N THR E 128 2.08 9.80 7.31
CA THR E 128 3.23 9.53 6.44
C THR E 128 3.53 10.67 5.49
N LEU E 129 4.71 11.25 5.60
CA LEU E 129 5.09 12.35 4.72
C LEU E 129 6.59 12.39 4.39
N THR E 130 6.88 12.79 3.17
CA THR E 130 8.23 12.97 2.67
C THR E 130 8.92 14.08 3.44
N ASP E 131 10.23 13.97 3.64
CA ASP E 131 11.00 15.03 4.27
C ASP E 131 10.84 16.33 3.51
N GLU E 132 10.79 16.24 2.19
CA GLU E 132 10.50 17.39 1.35
C GLU E 132 9.09 17.93 1.61
N GLU E 133 8.12 17.03 1.76
CA GLU E 133 6.75 17.45 2.06
C GLU E 133 6.72 18.30 3.32
N LEU E 134 7.29 17.78 4.40
CA LEU E 134 7.37 18.51 5.67
C LEU E 134 8.00 19.89 5.46
N ARG E 135 9.20 19.92 4.91
CA ARG E 135 9.91 21.17 4.67
C ARG E 135 9.00 22.23 4.04
N ALA E 136 8.03 21.77 3.26
CA ALA E 136 7.03 22.65 2.67
C ALA E 136 6.20 23.32 3.75
N MET E 137 5.69 22.51 4.67
CA MET E 137 4.95 23.02 5.82
C MET E 137 5.69 24.14 6.52
N ILE E 138 6.92 23.84 6.95
CA ILE E 138 7.71 24.83 7.68
C ILE E 138 7.87 26.11 6.88
N GLU E 139 8.14 25.97 5.58
CA GLU E 139 8.36 27.11 4.70
C GLU E 139 7.10 27.97 4.54
N GLU E 140 5.94 27.32 4.48
CA GLU E 140 4.68 28.01 4.25
C GLU E 140 4.47 29.11 5.29
N PHE E 141 4.82 28.80 6.54
CA PHE E 141 4.63 29.75 7.64
C PHE E 141 5.97 30.24 8.19
N ASP E 142 7.05 29.93 7.50
CA ASP E 142 8.36 30.40 7.93
C ASP E 142 8.56 31.84 7.49
N LEU E 143 7.81 32.74 8.09
CA LEU E 143 8.06 34.18 7.95
C LEU E 143 9.47 34.47 8.42
N ASP E 144 10.02 33.53 9.17
CA ASP E 144 11.38 33.65 9.68
C ASP E 144 12.39 33.67 8.55
N GLY E 145 12.39 32.60 7.76
CA GLY E 145 13.45 32.36 6.78
C GLY E 145 14.57 31.50 7.33
N ASP E 146 14.33 30.83 8.46
CA ASP E 146 15.37 30.06 9.14
C ASP E 146 15.12 28.54 9.09
N GLY E 147 14.22 28.12 8.21
CA GLY E 147 13.90 26.71 8.05
C GLY E 147 13.28 26.05 9.26
N GLU E 148 12.97 26.85 10.28
CA GLU E 148 12.29 26.36 11.48
C GLU E 148 11.12 27.26 11.84
N ILE E 149 10.49 27.00 12.98
CA ILE E 149 9.27 27.73 13.36
C ILE E 149 9.23 28.08 14.84
N ASN E 150 9.37 29.35 15.17
CA ASN E 150 9.31 29.73 16.57
C ASN E 150 7.87 29.83 17.05
N GLU E 151 7.70 30.14 18.32
CA GLU E 151 6.38 30.17 18.94
C GLU E 151 5.44 31.17 18.26
N ASN E 152 5.98 32.29 17.78
CA ASN E 152 5.14 33.29 17.13
C ASN E 152 4.54 32.76 15.83
N GLU E 153 5.38 32.21 14.97
CA GLU E 153 4.92 31.70 13.69
C GLU E 153 3.95 30.56 13.89
N PHE E 154 4.15 29.80 14.96
CA PHE E 154 3.23 28.71 15.30
C PHE E 154 1.89 29.31 15.69
N ILE E 155 1.91 30.32 16.53
CA ILE E 155 0.66 30.89 17.01
C ILE E 155 -0.13 31.44 15.83
N ALA E 156 0.58 31.79 14.76
CA ALA E 156 -0.08 32.29 13.55
C ALA E 156 -0.72 31.17 12.74
N ILE E 157 -0.24 29.94 12.93
CA ILE E 157 -0.83 28.76 12.32
C ILE E 157 -2.10 28.31 13.03
N CYS E 158 -2.11 28.42 14.36
CA CYS E 158 -3.24 27.93 15.15
C CYS E 158 -4.25 29.03 15.32
N THR E 159 -3.80 30.26 15.22
CA THR E 159 -4.63 31.40 15.58
C THR E 159 -5.84 31.52 14.68
N ASP E 160 -5.66 31.24 13.40
CA ASP E 160 -6.77 31.28 12.48
C ASP E 160 -7.71 30.11 12.78
N SER E 161 -8.38 30.16 13.93
CA SER E 161 -9.15 29.02 14.44
C SER E 161 -10.64 29.20 14.19
N SER F 2 17.42 -44.91 106.03
CA SER F 2 16.31 -44.24 106.74
C SER F 2 15.05 -44.17 105.86
N LYS F 3 13.91 -44.55 106.43
CA LYS F 3 12.61 -44.43 105.73
C LYS F 3 12.30 -42.96 105.44
N GLN F 4 12.79 -42.08 106.32
CA GLN F 4 12.56 -40.64 106.19
C GLN F 4 13.35 -40.08 105.00
N VAL F 5 14.66 -40.28 105.02
CA VAL F 5 15.53 -39.80 103.96
C VAL F 5 15.18 -40.39 102.60
N ILE F 6 15.03 -41.70 102.54
CA ILE F 6 14.70 -42.38 101.30
C ILE F 6 13.41 -41.79 100.72
N THR F 7 12.32 -41.78 101.48
CA THR F 7 11.04 -41.28 100.97
C THR F 7 11.13 -39.85 100.46
N GLU F 8 11.80 -38.98 101.19
CA GLU F 8 11.90 -37.60 100.75
C GLU F 8 12.66 -37.50 99.43
N GLN F 9 13.77 -38.21 99.32
CA GLN F 9 14.58 -38.17 98.10
C GLN F 9 13.82 -38.72 96.91
N ILE F 10 13.06 -39.79 97.13
CA ILE F 10 12.28 -40.37 96.06
C ILE F 10 11.19 -39.39 95.64
N ALA F 11 10.51 -38.79 96.62
CA ALA F 11 9.45 -37.84 96.33
C ALA F 11 10.02 -36.62 95.61
N ASN F 12 11.16 -36.13 96.09
CA ASN F 12 11.79 -34.95 95.51
C ASN F 12 12.32 -35.17 94.10
N ASP F 13 12.79 -36.38 93.82
CA ASP F 13 13.26 -36.70 92.49
C ASP F 13 12.09 -36.79 91.54
N LEU F 14 10.95 -37.26 92.04
CA LEU F 14 9.77 -37.38 91.21
C LEU F 14 9.20 -36.01 90.91
N VAL F 15 9.29 -35.11 91.88
CA VAL F 15 8.77 -33.76 91.70
C VAL F 15 9.71 -32.99 90.77
N LYS F 16 11.00 -33.22 90.90
CA LYS F 16 11.94 -32.50 90.08
C LYS F 16 11.84 -33.03 88.67
N GLU F 17 11.52 -34.30 88.55
CA GLU F 17 11.42 -34.93 87.23
C GLU F 17 10.25 -34.36 86.45
N VAL F 18 9.07 -34.41 87.04
CA VAL F 18 7.86 -33.88 86.42
C VAL F 18 8.02 -32.38 86.14
N VAL F 19 8.55 -31.65 87.11
CA VAL F 19 8.71 -30.21 86.96
C VAL F 19 9.62 -29.91 85.77
N ASN F 20 10.75 -30.60 85.67
CA ASN F 20 11.71 -30.25 84.65
C ASN F 20 11.23 -30.56 83.24
N SER F 21 10.43 -31.60 83.07
CA SER F 21 9.98 -31.99 81.73
C SER F 21 8.76 -31.16 81.34
N SER F 22 8.10 -30.58 82.32
CA SER F 22 7.05 -29.61 82.03
C SER F 22 7.70 -28.31 81.58
N VAL F 23 8.73 -27.89 82.33
CA VAL F 23 9.41 -26.64 82.05
C VAL F 23 10.09 -26.70 80.70
N ILE F 24 10.68 -27.84 80.37
CA ILE F 24 11.25 -27.98 79.04
C ILE F 24 10.16 -27.82 77.98
N SER F 25 9.05 -28.54 78.10
CA SER F 25 8.01 -28.46 77.10
C SER F 25 7.42 -27.07 77.01
N ILE F 26 7.33 -26.39 78.14
CA ILE F 26 6.78 -25.05 78.14
C ILE F 26 7.73 -24.13 77.37
N VAL F 27 8.97 -24.03 77.84
CA VAL F 27 9.96 -23.17 77.20
C VAL F 27 10.13 -23.49 75.71
N LYS F 28 9.81 -24.72 75.32
CA LYS F 28 9.82 -25.08 73.92
C LYS F 28 8.65 -24.41 73.21
N ARG F 29 7.47 -24.49 73.82
CA ARG F 29 6.30 -23.85 73.25
C ARG F 29 6.63 -22.38 73.01
N GLU F 30 7.17 -21.71 74.02
CA GLU F 30 7.37 -20.27 73.97
C GLU F 30 8.34 -19.86 72.89
N PHE F 31 9.30 -20.74 72.58
CA PHE F 31 10.31 -20.44 71.58
C PHE F 31 9.84 -20.76 70.18
N SER F 32 8.85 -21.64 70.04
CA SER F 32 8.34 -21.95 68.72
C SER F 32 7.18 -21.02 68.40
N GLU F 33 6.65 -20.39 69.44
CA GLU F 33 5.58 -19.42 69.26
C GLU F 33 6.19 -18.09 68.83
N ALA F 34 7.12 -17.60 69.64
CA ALA F 34 7.79 -16.34 69.35
C ALA F 34 8.32 -16.37 67.92
N ASN F 35 8.76 -17.53 67.47
CA ASN F 35 9.28 -17.67 66.12
C ASN F 35 8.19 -17.63 65.06
N TYR F 36 7.07 -18.30 65.32
CA TYR F 36 5.93 -18.23 64.41
C TYR F 36 5.33 -16.82 64.38
N ARG F 37 5.69 -15.99 65.36
CA ARG F 37 5.26 -14.61 65.37
C ARG F 37 6.19 -13.83 64.46
N LYS F 38 7.48 -13.84 64.78
CA LYS F 38 8.46 -13.11 63.98
C LYS F 38 8.36 -13.54 62.53
N ASP F 39 8.16 -14.83 62.30
CA ASP F 39 8.09 -15.34 60.94
C ASP F 39 6.82 -14.84 60.27
N PHE F 40 5.72 -14.80 61.02
CA PHE F 40 4.46 -14.35 60.46
C PHE F 40 4.48 -12.86 60.15
N ILE F 41 4.99 -12.08 61.09
CA ILE F 41 5.09 -10.64 60.91
C ILE F 41 5.93 -10.32 59.69
N ASP F 42 7.01 -11.05 59.50
CA ASP F 42 7.95 -10.75 58.42
C ASP F 42 7.37 -10.97 57.04
N THR F 43 6.83 -12.15 56.78
CA THR F 43 6.29 -12.43 55.45
C THR F 43 5.17 -11.44 55.13
N MET F 44 4.33 -11.12 56.10
CA MET F 44 3.22 -10.19 55.86
C MET F 44 3.65 -8.74 55.69
N THR F 45 4.74 -8.35 56.35
CA THR F 45 5.26 -7.01 56.18
C THR F 45 5.64 -6.84 54.72
N ARG F 46 6.28 -7.87 54.17
CA ARG F 46 6.65 -7.86 52.76
C ARG F 46 5.41 -7.88 51.89
N GLU F 47 4.32 -8.47 52.36
CA GLU F 47 3.09 -8.52 51.59
C GLU F 47 2.40 -7.15 51.52
N LEU F 48 2.35 -6.44 52.63
CA LEU F 48 1.68 -5.14 52.68
C LEU F 48 2.47 -4.10 51.88
N TYR F 49 3.79 -4.13 52.04
CA TYR F 49 4.65 -3.27 51.26
C TYR F 49 4.41 -3.57 49.78
N ASP F 50 4.52 -4.84 49.39
CA ASP F 50 4.32 -5.21 48.01
C ASP F 50 2.94 -4.79 47.51
N ALA F 51 2.01 -4.64 48.45
CA ALA F 51 0.67 -4.17 48.10
C ALA F 51 0.74 -2.69 47.76
N PHE F 52 1.32 -1.91 48.65
CA PHE F 52 1.36 -0.46 48.50
C PHE F 52 1.89 -0.10 47.12
N LEU F 53 3.11 -0.54 46.82
CA LEU F 53 3.71 -0.26 45.52
C LEU F 53 2.77 -0.61 44.38
N HIS F 54 2.34 -1.86 44.31
CA HIS F 54 1.42 -2.27 43.25
C HIS F 54 0.31 -1.24 43.01
N GLU F 55 -0.25 -0.67 44.07
CA GLU F 55 -1.29 0.34 43.91
C GLU F 55 -0.67 1.67 43.51
N ARG F 56 0.34 2.10 44.24
CA ARG F 56 0.99 3.37 43.93
C ARG F 56 1.45 3.37 42.48
N LEU F 57 1.89 2.20 42.02
CA LEU F 57 2.39 2.05 40.65
C LEU F 57 1.21 2.10 39.70
N TYR F 58 0.15 1.39 40.01
CA TYR F 58 -1.06 1.41 39.22
C TYR F 58 -1.54 2.84 39.03
N LEU F 59 -1.48 3.63 40.10
CA LEU F 59 -1.96 5.00 40.06
C LEU F 59 -1.05 5.85 39.17
N ILE F 60 0.25 5.65 39.26
CA ILE F 60 1.19 6.33 38.36
C ILE F 60 0.87 5.95 36.93
N TYR F 61 0.62 4.67 36.71
CA TYR F 61 0.23 4.19 35.39
C TYR F 61 -1.06 4.86 34.90
N MET F 62 -1.92 5.26 35.84
CA MET F 62 -3.14 6.00 35.50
C MET F 62 -2.76 7.37 34.98
N ASP F 63 -2.00 8.10 35.80
CA ASP F 63 -1.52 9.42 35.43
C ASP F 63 -0.91 9.41 34.04
N SER F 64 -0.15 8.37 33.74
CA SER F 64 0.62 8.34 32.50
C SER F 64 -0.26 8.15 31.28
N ARG F 65 -1.23 7.23 31.37
CA ARG F 65 -2.15 7.04 30.26
C ARG F 65 -2.88 8.35 29.93
N ALA F 66 -3.23 9.08 30.99
CA ALA F 66 -3.99 10.33 30.88
C ALA F 66 -3.18 11.45 30.25
N GLU F 67 -2.00 11.66 30.78
CA GLU F 67 -1.13 12.70 30.26
C GLU F 67 -0.90 12.46 28.79
N LEU F 68 -0.61 11.21 28.42
CA LEU F 68 -0.40 10.89 27.01
C LEU F 68 -1.64 11.17 26.18
N LYS F 69 -2.81 10.82 26.69
CA LYS F 69 -4.05 11.10 26.00
C LYS F 69 -4.13 12.60 25.68
N ARG F 70 -3.95 13.44 26.69
CA ARG F 70 -3.99 14.88 26.51
C ARG F 70 -2.99 15.34 25.44
N ASN F 71 -1.75 14.87 25.55
CA ASN F 71 -0.71 15.21 24.57
C ASN F 71 -1.04 14.75 23.15
N SER F 72 -1.60 13.55 23.02
CA SER F 72 -1.99 13.02 21.72
C SER F 72 -3.06 13.89 21.08
N THR F 73 -4.05 14.26 21.88
CA THR F 73 -5.17 15.07 21.42
C THR F 73 -4.72 16.43 20.89
N LEU F 74 -3.86 17.11 21.65
CA LEU F 74 -3.30 18.37 21.20
C LEU F 74 -2.51 18.18 19.92
N LYS F 75 -1.48 17.33 19.95
CA LYS F 75 -0.61 17.17 18.80
C LYS F 75 -1.39 16.79 17.53
N LYS F 76 -2.44 15.99 17.69
CA LYS F 76 -3.28 15.62 16.55
C LYS F 76 -4.09 16.81 16.06
N LYS F 77 -4.68 17.56 16.99
CA LYS F 77 -5.48 18.72 16.65
C LYS F 77 -4.67 19.73 15.85
N PHE F 78 -3.58 20.21 16.43
CA PHE F 78 -2.84 21.30 15.80
C PHE F 78 -1.93 20.82 14.67
N PHE F 79 -1.78 19.52 14.51
CA PHE F 79 -1.08 19.01 13.34
C PHE F 79 -2.08 18.96 12.21
N GLU F 80 -3.33 18.71 12.58
CA GLU F 80 -4.43 18.64 11.62
C GLU F 80 -4.65 20.05 11.07
N LYS F 81 -4.76 21.02 11.96
CA LYS F 81 -5.02 22.38 11.56
C LYS F 81 -3.83 22.99 10.83
N TRP F 82 -2.67 22.36 10.99
CA TRP F 82 -1.48 22.80 10.28
C TRP F 82 -1.54 22.37 8.80
N GLN F 83 -1.92 21.12 8.56
CA GLN F 83 -2.14 20.65 7.20
C GLN F 83 -3.18 21.52 6.51
N ALA F 84 -4.26 21.81 7.23
CA ALA F 84 -5.40 22.57 6.70
C ALA F 84 -5.00 23.97 6.24
N SER F 85 -3.73 24.31 6.44
CA SER F 85 -3.22 25.61 6.07
C SER F 85 -1.95 25.45 5.22
N ALA G 6 -3.94 -15.45 55.36
CA ALA G 6 -5.17 -16.21 55.61
C ALA G 6 -6.10 -15.41 56.52
N GLN G 7 -6.78 -16.10 57.43
CA GLN G 7 -7.77 -15.49 58.31
C GLN G 7 -7.31 -14.21 59.00
N LEU G 8 -6.20 -14.27 59.73
CA LEU G 8 -5.78 -13.12 60.52
C LEU G 8 -5.25 -12.00 59.63
N LYS G 9 -4.70 -12.35 58.48
CA LYS G 9 -4.28 -11.35 57.51
C LYS G 9 -5.47 -10.50 57.10
N SER G 10 -6.61 -11.16 56.91
CA SER G 10 -7.83 -10.47 56.50
C SER G 10 -8.33 -9.50 57.57
N GLN G 11 -8.13 -9.85 58.84
CA GLN G 11 -8.55 -8.98 59.95
C GLN G 11 -7.70 -7.71 60.01
N ILE G 12 -6.39 -7.90 60.21
CA ILE G 12 -5.47 -6.78 60.39
C ILE G 12 -5.30 -5.98 59.11
N GLN G 13 -5.54 -6.63 57.97
CA GLN G 13 -5.43 -5.98 56.67
C GLN G 13 -6.55 -4.97 56.51
N GLN G 14 -7.69 -5.27 57.14
CA GLN G 14 -8.85 -4.38 57.10
C GLN G 14 -8.92 -3.49 58.34
N TYR G 15 -8.23 -3.90 59.41
CA TYR G 15 -8.06 -3.09 60.61
C TYR G 15 -7.11 -1.95 60.23
N LEU G 16 -6.22 -2.27 59.29
CA LEU G 16 -5.25 -1.33 58.77
C LEU G 16 -6.00 -0.17 58.11
N VAL G 17 -7.14 -0.50 57.50
CA VAL G 17 -7.95 0.50 56.83
C VAL G 17 -8.97 1.13 57.78
N GLU G 18 -9.42 0.37 58.77
CA GLU G 18 -10.38 0.89 59.75
C GLU G 18 -9.71 1.92 60.66
N SER G 19 -8.38 1.85 60.74
CA SER G 19 -7.60 2.81 61.52
C SER G 19 -7.05 3.89 60.60
N GLY G 20 -7.37 3.79 59.32
CA GLY G 20 -6.88 4.73 58.33
C GLY G 20 -5.37 4.66 58.24
N ASN G 21 -4.79 3.75 59.00
CA ASN G 21 -3.34 3.58 59.03
C ASN G 21 -2.81 3.30 57.62
N TYR G 22 -3.64 2.65 56.80
CA TYR G 22 -3.31 2.40 55.42
C TYR G 22 -3.06 3.71 54.70
N GLU G 23 -4.02 4.62 54.74
CA GLU G 23 -3.83 5.94 54.15
C GLU G 23 -2.56 6.59 54.70
N LEU G 24 -2.37 6.54 56.01
CA LEU G 24 -1.27 7.23 56.66
C LEU G 24 0.09 6.70 56.21
N ILE G 25 0.11 5.51 55.61
CA ILE G 25 1.35 4.91 55.14
C ILE G 25 1.46 5.04 53.62
N SER G 26 0.37 4.68 52.93
CA SER G 26 0.29 4.82 51.47
C SER G 26 0.64 6.24 51.06
N ASN G 27 0.34 7.20 51.93
CA ASN G 27 0.64 8.60 51.66
C ASN G 27 2.09 8.92 51.96
N GLU G 28 2.66 8.28 52.97
CA GLU G 28 4.06 8.49 53.32
C GLU G 28 4.93 7.71 52.36
N LEU G 29 4.29 6.91 51.51
CA LEU G 29 5.00 6.27 50.43
C LEU G 29 5.04 7.23 49.25
N LYS G 30 3.95 7.97 49.03
CA LYS G 30 3.96 9.03 48.03
C LYS G 30 5.03 10.02 48.43
N ALA G 31 4.80 10.67 49.56
CA ALA G 31 5.58 11.81 50.00
C ALA G 31 7.07 11.55 50.06
N ARG G 32 7.46 10.38 50.58
CA ARG G 32 8.88 10.06 50.64
C ARG G 32 9.43 9.83 49.24
N LEU G 33 8.66 9.11 48.43
CA LEU G 33 9.02 8.89 47.04
C LEU G 33 8.92 10.21 46.27
N LEU G 34 8.31 11.21 46.90
CA LEU G 34 8.14 12.51 46.28
C LEU G 34 9.36 13.39 46.57
N GLN G 35 9.91 13.28 47.77
CA GLN G 35 11.16 13.95 48.10
C GLN G 35 12.21 13.48 47.12
N GLU G 36 12.33 12.16 47.00
CA GLU G 36 13.18 11.58 45.99
C GLU G 36 12.77 12.21 44.67
N GLY G 37 11.46 12.26 44.46
CA GLY G 37 10.91 12.53 43.15
C GLY G 37 10.99 11.23 42.37
N TRP G 38 11.03 10.13 43.11
CA TRP G 38 10.99 8.79 42.52
C TRP G 38 9.87 8.80 41.51
N VAL G 39 8.72 9.28 41.98
CA VAL G 39 7.51 9.40 41.17
C VAL G 39 7.76 9.81 39.74
N ASP G 40 8.60 10.83 39.55
CA ASP G 40 8.88 11.37 38.22
C ASP G 40 9.70 10.37 37.43
N LYS G 41 10.65 9.74 38.09
CA LYS G 41 11.48 8.74 37.46
C LYS G 41 10.62 7.57 37.02
N VAL G 42 9.65 7.22 37.85
CA VAL G 42 8.81 6.07 37.59
C VAL G 42 7.77 6.47 36.56
N LYS G 43 7.19 7.65 36.70
CA LYS G 43 6.23 8.11 35.73
C LYS G 43 6.93 8.21 34.38
N ASP G 44 8.15 8.73 34.39
CA ASP G 44 8.94 8.87 33.17
C ASP G 44 9.25 7.48 32.63
N LEU G 45 9.53 6.55 33.54
CA LEU G 45 9.75 5.15 33.17
C LEU G 45 8.49 4.56 32.54
N THR G 46 7.34 4.81 33.16
CA THR G 46 6.08 4.19 32.77
C THR G 46 5.59 4.79 31.45
N LYS G 47 5.59 6.12 31.38
CA LYS G 47 5.26 6.83 30.15
C LYS G 47 6.15 6.31 29.03
N SER G 48 7.46 6.32 29.27
CA SER G 48 8.44 5.90 28.28
C SER G 48 8.09 4.51 27.74
N GLU G 49 7.96 3.56 28.66
CA GLU G 49 7.62 2.19 28.29
C GLU G 49 6.33 2.16 27.48
N MET G 50 5.32 2.90 27.95
CA MET G 50 4.01 2.91 27.31
C MET G 50 4.09 3.39 25.86
N ASN G 51 5.10 4.17 25.54
CA ASN G 51 5.27 4.68 24.19
C ASN G 51 5.57 3.57 23.17
N ILE G 52 6.36 2.58 23.60
CA ILE G 52 6.70 1.44 22.74
C ILE G 52 5.48 0.56 22.52
N ASN G 53 4.41 0.84 23.27
CA ASN G 53 3.31 -0.08 23.45
C ASN G 53 2.16 0.15 22.45
N GLU G 54 1.11 -0.67 22.54
CA GLU G 54 0.09 -0.73 21.49
C GLU G 54 -1.35 -0.45 21.95
N SER G 55 -2.31 -0.69 21.04
CA SER G 55 -3.68 -0.22 21.20
C SER G 55 -4.59 -1.07 22.10
N THR G 56 -4.35 -1.01 23.41
CA THR G 56 -5.35 -1.39 24.39
C THR G 56 -5.34 -0.29 25.46
N ASN G 57 -6.46 -0.10 26.13
CA ASN G 57 -6.70 1.15 26.85
C ASN G 57 -5.97 1.33 28.18
N PHE G 58 -6.06 0.35 29.07
CA PHE G 58 -5.49 0.54 30.40
C PHE G 58 -4.95 -0.71 31.08
N THR G 59 -5.85 -1.60 31.54
CA THR G 59 -5.45 -2.68 32.43
C THR G 59 -4.53 -3.73 31.82
N GLN G 60 -4.76 -4.08 30.56
CA GLN G 60 -4.02 -5.17 29.93
C GLN G 60 -2.56 -4.80 29.68
N ILE G 61 -2.34 -3.58 29.21
CA ILE G 61 -0.98 -3.10 28.98
C ILE G 61 -0.27 -2.87 30.30
N LEU G 62 -1.06 -2.54 31.32
CA LEU G 62 -0.56 -2.46 32.68
C LEU G 62 0.15 -3.76 33.04
N SER G 63 -0.40 -4.87 32.56
CA SER G 63 0.22 -6.16 32.81
C SER G 63 1.64 -6.13 32.28
N THR G 64 1.81 -5.63 31.05
CA THR G 64 3.11 -5.60 30.39
C THR G 64 4.03 -4.53 30.97
N VAL G 65 3.44 -3.50 31.57
CA VAL G 65 4.21 -2.36 32.06
C VAL G 65 4.83 -2.60 33.44
N GLU G 66 4.11 -3.32 34.29
CA GLU G 66 4.41 -3.38 35.72
C GLU G 66 5.76 -3.98 36.14
N PRO G 67 6.21 -5.04 35.46
CA PRO G 67 7.38 -5.75 36.02
C PRO G 67 8.65 -4.92 35.89
N LYS G 68 8.70 -4.11 34.84
CA LYS G 68 9.92 -3.42 34.42
C LYS G 68 10.06 -2.14 35.24
N ALA G 69 8.92 -1.54 35.55
CA ALA G 69 8.87 -0.41 36.46
C ALA G 69 9.26 -0.92 37.86
N LEU G 70 8.68 -2.06 38.23
CA LEU G 70 8.84 -2.63 39.56
C LEU G 70 10.30 -2.73 39.99
N GLU G 71 11.18 -2.87 39.01
CA GLU G 71 12.55 -3.30 39.27
C GLU G 71 13.20 -2.67 40.50
N MET G 72 12.97 -1.37 40.74
CA MET G 72 13.66 -0.72 41.85
C MET G 72 12.85 0.38 42.53
N VAL G 73 13.39 0.84 43.66
CA VAL G 73 12.81 1.94 44.41
C VAL G 73 13.89 2.73 45.16
N SER G 74 13.50 3.86 45.73
CA SER G 74 14.34 4.61 46.65
C SER G 74 14.33 3.91 48.01
N ASP G 75 15.49 3.41 48.42
CA ASP G 75 15.59 2.68 49.68
C ASP G 75 15.99 3.59 50.82
N SER G 76 16.03 4.89 50.53
CA SER G 76 16.46 5.89 51.51
C SER G 76 15.70 5.73 52.82
N THR G 77 14.38 5.76 52.76
CA THR G 77 13.57 5.66 53.95
C THR G 77 12.40 4.69 53.76
N ARG G 78 12.46 3.86 52.71
CA ARG G 78 11.49 2.80 52.54
C ARG G 78 11.69 1.79 53.66
N GLU G 79 12.95 1.55 53.99
CA GLU G 79 13.26 0.62 55.06
C GLU G 79 12.82 1.23 56.38
N THR G 80 12.56 2.53 56.35
CA THR G 80 11.99 3.24 57.49
C THR G 80 10.48 2.98 57.57
N VAL G 81 9.84 2.89 56.40
CA VAL G 81 8.41 2.56 56.36
C VAL G 81 8.20 1.07 56.54
N LEU G 82 9.26 0.27 56.33
CA LEU G 82 9.18 -1.13 56.70
C LEU G 82 9.04 -1.15 58.21
N LYS G 83 9.93 -0.42 58.89
CA LYS G 83 9.81 -0.25 60.33
C LYS G 83 8.43 0.29 60.70
N GLN G 84 7.81 1.00 59.76
CA GLN G 84 6.48 1.56 59.98
C GLN G 84 5.41 0.47 59.91
N ILE G 85 5.29 -0.18 58.76
CA ILE G 85 4.34 -1.28 58.58
C ILE G 85 4.59 -2.29 59.68
N ARG G 86 5.82 -2.77 59.74
CA ARG G 86 6.23 -3.73 60.75
C ARG G 86 5.82 -3.26 62.14
N GLU G 87 6.26 -2.06 62.52
CA GLU G 87 5.99 -1.57 63.87
C GLU G 87 4.50 -1.53 64.13
N PHE G 88 3.71 -1.61 63.06
CA PHE G 88 2.26 -1.64 63.18
C PHE G 88 1.74 -3.08 63.33
N LEU G 89 2.38 -4.02 62.64
CA LEU G 89 2.01 -5.43 62.73
C LEU G 89 2.35 -5.99 64.11
N GLU G 90 3.26 -5.32 64.82
CA GLU G 90 3.69 -5.78 66.13
C GLU G 90 2.66 -5.48 67.22
N GLU G 91 1.79 -4.51 66.97
CA GLU G 91 0.76 -4.15 67.96
C GLU G 91 -0.20 -5.32 68.14
N ILE G 92 -0.65 -5.88 67.03
CA ILE G 92 -1.59 -6.99 67.07
C ILE G 92 -1.01 -8.16 67.86
N VAL G 93 0.17 -8.61 67.45
CA VAL G 93 0.86 -9.69 68.16
C VAL G 93 2.37 -9.50 68.13
N MET H 3 23.70 -53.85 101.89
CA MET H 3 23.02 -52.86 101.05
C MET H 3 22.92 -51.51 101.77
N ASP H 4 23.47 -50.47 101.15
CA ASP H 4 23.50 -49.14 101.75
C ASP H 4 22.29 -48.30 101.37
N THR H 5 22.30 -47.05 101.83
CA THR H 5 21.18 -46.12 101.62
C THR H 5 20.84 -45.97 100.15
N ALA H 6 21.84 -45.68 99.32
CA ALA H 6 21.63 -45.47 97.90
C ALA H 6 21.02 -46.70 97.22
N GLN H 7 21.62 -47.86 97.47
CA GLN H 7 21.13 -49.12 96.92
C GLN H 7 19.68 -49.35 97.30
N LEU H 8 19.30 -48.92 98.50
CA LEU H 8 17.95 -49.16 99.01
C LEU H 8 16.94 -48.17 98.44
N LYS H 9 17.36 -46.93 98.23
CA LYS H 9 16.53 -45.95 97.54
C LYS H 9 16.22 -46.42 96.13
N SER H 10 17.22 -46.97 95.45
CA SER H 10 17.07 -47.50 94.09
C SER H 10 16.15 -48.71 94.10
N GLN H 11 16.27 -49.53 95.12
CA GLN H 11 15.46 -50.73 95.20
C GLN H 11 14.00 -50.31 95.35
N ILE H 12 13.74 -49.33 96.21
CA ILE H 12 12.37 -48.92 96.48
C ILE H 12 11.75 -48.25 95.24
N GLN H 13 12.51 -47.39 94.56
CA GLN H 13 12.08 -46.80 93.30
C GLN H 13 11.74 -47.87 92.28
N GLN H 14 12.58 -48.89 92.19
CA GLN H 14 12.37 -49.99 91.27
C GLN H 14 11.01 -50.61 91.56
N TYR H 15 10.69 -50.78 92.84
CA TYR H 15 9.39 -51.32 93.21
C TYR H 15 8.30 -50.35 92.77
N LEU H 16 8.46 -49.09 93.13
CA LEU H 16 7.48 -48.04 92.84
C LEU H 16 7.16 -47.96 91.35
N VAL H 17 8.14 -48.25 90.51
CA VAL H 17 7.93 -48.25 89.07
C VAL H 17 7.18 -49.50 88.60
N GLU H 18 7.57 -50.67 89.12
CA GLU H 18 6.97 -51.94 88.69
C GLU H 18 5.51 -52.05 89.10
N SER H 19 5.15 -51.39 90.20
CA SER H 19 3.78 -51.40 90.72
C SER H 19 2.83 -50.65 89.81
N GLY H 20 3.39 -49.72 89.03
CA GLY H 20 2.61 -48.79 88.26
C GLY H 20 2.38 -47.49 89.03
N ASN H 21 2.78 -47.47 90.29
CA ASN H 21 2.53 -46.32 91.15
C ASN H 21 3.31 -45.07 90.79
N TYR H 22 4.55 -45.23 90.37
CA TYR H 22 5.36 -44.09 89.98
C TYR H 22 4.61 -43.29 88.92
N GLU H 23 4.05 -43.98 87.94
CA GLU H 23 3.31 -43.33 86.86
C GLU H 23 2.04 -42.66 87.36
N LEU H 24 1.26 -43.38 88.17
CA LEU H 24 -0.01 -42.86 88.66
C LEU H 24 0.17 -41.61 89.48
N ILE H 25 1.12 -41.66 90.41
CA ILE H 25 1.44 -40.53 91.27
C ILE H 25 1.87 -39.32 90.43
N SER H 26 2.70 -39.57 89.42
CA SER H 26 3.17 -38.48 88.56
C SER H 26 2.03 -37.82 87.81
N ASN H 27 1.09 -38.63 87.32
CA ASN H 27 -0.03 -38.08 86.59
C ASN H 27 -0.95 -37.32 87.56
N GLU H 28 -1.05 -37.80 88.79
CA GLU H 28 -1.74 -37.06 89.84
C GLU H 28 -1.14 -35.67 89.89
N LEU H 29 0.15 -35.60 90.20
CA LEU H 29 0.90 -34.36 90.29
C LEU H 29 0.57 -33.46 89.11
N LYS H 30 0.98 -33.85 87.91
CA LYS H 30 0.76 -33.03 86.71
C LYS H 30 -0.63 -32.41 86.73
N ALA H 31 -1.65 -33.22 87.01
CA ALA H 31 -3.02 -32.76 86.99
C ALA H 31 -3.28 -31.72 88.08
N ARG H 32 -2.77 -31.97 89.28
CA ARG H 32 -2.93 -30.99 90.34
C ARG H 32 -2.25 -29.67 89.94
N LEU H 33 -1.05 -29.76 89.36
CA LEU H 33 -0.30 -28.57 88.95
C LEU H 33 -1.07 -27.79 87.89
N LEU H 34 -1.74 -28.50 86.99
CA LEU H 34 -2.55 -27.85 85.97
C LEU H 34 -3.77 -27.21 86.61
N GLN H 35 -4.30 -27.83 87.66
CA GLN H 35 -5.53 -27.37 88.27
C GLN H 35 -5.31 -26.09 89.07
N GLU H 36 -4.14 -25.96 89.70
CA GLU H 36 -3.87 -24.75 90.47
C GLU H 36 -3.02 -23.76 89.68
N GLY H 37 -3.08 -23.85 88.36
CA GLY H 37 -2.45 -22.88 87.49
C GLY H 37 -0.96 -22.70 87.68
N TRP H 38 -0.26 -23.79 87.97
CA TRP H 38 1.20 -23.76 88.01
C TRP H 38 1.74 -23.64 86.59
N VAL H 39 1.13 -24.38 85.67
CA VAL H 39 1.59 -24.38 84.29
C VAL H 39 1.46 -22.99 83.67
N ASP H 40 0.43 -22.26 84.08
CA ASP H 40 0.22 -20.91 83.59
C ASP H 40 1.21 -19.95 84.25
N LYS H 41 1.52 -20.19 85.52
CA LYS H 41 2.53 -19.39 86.22
C LYS H 41 3.90 -19.54 85.59
N VAL H 42 4.34 -20.78 85.38
CA VAL H 42 5.61 -21.03 84.71
C VAL H 42 5.59 -20.48 83.29
N LYS H 43 4.42 -20.46 82.67
CA LYS H 43 4.29 -19.91 81.32
C LYS H 43 4.55 -18.40 81.38
N ASP H 44 4.05 -17.75 82.43
CA ASP H 44 4.31 -16.33 82.64
C ASP H 44 5.79 -16.12 82.86
N LEU H 45 6.34 -16.85 83.83
CA LEU H 45 7.73 -16.72 84.23
C LEU H 45 8.66 -16.85 83.03
N THR H 46 8.33 -17.77 82.13
CA THR H 46 9.16 -18.03 80.97
C THR H 46 9.05 -16.89 79.95
N LYS H 47 7.86 -16.30 79.82
CA LYS H 47 7.65 -15.17 78.90
C LYS H 47 8.29 -13.90 79.44
N SER H 48 8.36 -13.78 80.76
CA SER H 48 8.95 -12.61 81.39
C SER H 48 10.47 -12.64 81.25
N GLU H 49 11.07 -13.72 81.73
CA GLU H 49 12.51 -13.93 81.62
C GLU H 49 12.91 -13.76 80.16
N MET H 50 12.15 -14.40 79.27
CA MET H 50 12.42 -14.36 77.85
C MET H 50 12.51 -12.92 77.38
N ASN H 51 11.86 -12.03 78.11
CA ASN H 51 11.76 -10.63 77.72
C ASN H 51 12.85 -9.71 78.30
N ILE H 52 13.11 -9.80 79.60
CA ILE H 52 14.09 -8.94 80.23
C ILE H 52 15.32 -8.79 79.34
N ASN H 53 15.97 -9.90 79.04
CA ASN H 53 17.09 -9.90 78.12
C ASN H 53 16.82 -10.80 76.93
N GLU H 54 16.47 -10.19 75.80
CA GLU H 54 16.25 -10.93 74.56
C GLU H 54 17.58 -11.47 74.03
N SER H 55 18.65 -11.27 74.80
CA SER H 55 19.99 -11.71 74.42
C SER H 55 20.30 -13.14 74.87
N THR H 56 19.77 -13.53 76.04
CA THR H 56 19.93 -14.89 76.52
C THR H 56 19.08 -15.85 75.69
N ASN H 57 19.56 -17.08 75.51
CA ASN H 57 18.91 -17.99 74.56
C ASN H 57 18.48 -19.31 75.21
N PHE H 58 17.90 -20.19 74.40
CA PHE H 58 17.07 -21.28 74.92
C PHE H 58 17.62 -22.06 76.13
N THR H 59 18.86 -22.51 76.07
CA THR H 59 19.47 -23.15 77.23
C THR H 59 19.53 -22.19 78.41
N GLN H 60 20.08 -21.01 78.17
CA GLN H 60 20.18 -19.99 79.20
C GLN H 60 18.81 -19.71 79.82
N ILE H 61 17.77 -19.70 79.01
CA ILE H 61 16.40 -19.44 79.48
C ILE H 61 15.89 -20.56 80.38
N LEU H 62 15.96 -21.78 79.87
CA LEU H 62 15.58 -22.97 80.61
C LEU H 62 16.27 -23.03 81.97
N SER H 63 17.57 -22.73 82.01
CA SER H 63 18.34 -22.76 83.24
C SER H 63 17.70 -21.89 84.32
N THR H 64 17.39 -20.66 83.97
CA THR H 64 16.81 -19.72 84.91
C THR H 64 15.45 -20.19 85.42
N VAL H 65 14.66 -20.77 84.51
CA VAL H 65 13.26 -21.08 84.81
C VAL H 65 13.06 -22.33 85.68
N GLU H 66 13.92 -23.33 85.51
CA GLU H 66 13.75 -24.59 86.21
C GLU H 66 13.77 -24.41 87.72
N PRO H 67 14.92 -24.04 88.29
CA PRO H 67 14.94 -23.94 89.75
C PRO H 67 13.79 -23.07 90.27
N LYS H 68 13.39 -22.08 89.48
CA LYS H 68 12.35 -21.14 89.89
C LYS H 68 10.96 -21.73 89.79
N ALA H 69 10.79 -22.67 88.87
CA ALA H 69 9.52 -23.37 88.73
C ALA H 69 9.37 -24.35 89.89
N LEU H 70 10.40 -25.15 90.12
CA LEU H 70 10.45 -26.07 91.26
C LEU H 70 10.15 -25.30 92.53
N GLU H 71 10.77 -24.14 92.66
CA GLU H 71 10.54 -23.25 93.79
C GLU H 71 9.05 -22.97 93.90
N MET H 72 8.39 -22.75 92.77
CA MET H 72 7.01 -22.30 92.77
C MET H 72 6.04 -23.33 93.35
N VAL H 73 6.29 -24.61 93.10
CA VAL H 73 5.38 -25.68 93.50
C VAL H 73 4.92 -25.58 94.96
N SER H 74 3.61 -25.57 95.19
CA SER H 74 3.05 -25.39 96.52
C SER H 74 3.41 -26.52 97.47
N ASP H 75 3.63 -26.19 98.73
CA ASP H 75 4.03 -27.18 99.72
C ASP H 75 2.94 -28.23 99.94
N SER H 76 1.69 -27.83 99.77
CA SER H 76 0.57 -28.75 99.94
C SER H 76 0.63 -29.88 98.91
N THR H 77 1.00 -29.53 97.69
CA THR H 77 1.14 -30.51 96.63
C THR H 77 2.31 -31.45 96.93
N ARG H 78 3.44 -30.88 97.34
CA ARG H 78 4.59 -31.69 97.71
C ARG H 78 4.17 -32.75 98.71
N GLU H 79 3.41 -32.33 99.71
CA GLU H 79 2.97 -33.23 100.76
C GLU H 79 2.17 -34.39 100.16
N THR H 80 1.34 -34.10 99.16
CA THR H 80 0.50 -35.11 98.57
C THR H 80 1.32 -36.20 97.88
N VAL H 81 2.37 -35.78 97.19
CA VAL H 81 3.29 -36.70 96.54
C VAL H 81 4.05 -37.52 97.57
N LEU H 82 4.38 -36.87 98.69
CA LEU H 82 5.15 -37.50 99.76
C LEU H 82 4.30 -38.53 100.52
N LYS H 83 3.08 -38.16 100.86
CA LYS H 83 2.19 -39.03 101.59
C LYS H 83 1.97 -40.32 100.81
N GLN H 84 1.81 -40.20 99.50
CA GLN H 84 1.52 -41.35 98.65
C GLN H 84 2.71 -42.29 98.57
N ILE H 85 3.91 -41.74 98.57
CA ILE H 85 5.12 -42.54 98.54
C ILE H 85 5.39 -43.24 99.89
N ARG H 86 5.16 -42.55 101.00
CA ARG H 86 5.27 -43.18 102.30
C ARG H 86 4.20 -44.26 102.48
N GLU H 87 3.03 -44.04 101.88
CA GLU H 87 1.96 -45.04 101.93
C GLU H 87 2.36 -46.28 101.16
N PHE H 88 3.10 -46.11 100.07
CA PHE H 88 3.54 -47.24 99.28
C PHE H 88 4.64 -48.01 100.00
N LEU H 89 5.50 -47.28 100.71
CA LEU H 89 6.55 -47.92 101.50
C LEU H 89 5.92 -48.77 102.59
N GLU H 90 4.89 -48.23 103.23
CA GLU H 90 4.20 -48.90 104.32
C GLU H 90 3.60 -50.23 103.86
N GLU H 91 3.28 -50.33 102.57
CA GLU H 91 2.72 -51.56 102.03
C GLU H 91 3.75 -52.68 101.95
N ILE H 92 5.03 -52.30 102.03
CA ILE H 92 6.13 -53.27 101.98
C ILE H 92 6.60 -53.67 103.38
N VAL H 93 6.04 -53.05 104.41
CA VAL H 93 6.37 -53.41 105.79
C VAL H 93 5.21 -54.19 106.46
N ASP H 94 3.98 -53.90 106.04
CA ASP H 94 2.82 -54.68 106.49
C ASP H 94 1.56 -54.33 105.71
N LEU I 13 -16.95 1.38 -14.51
CA LEU I 13 -16.10 0.20 -14.62
C LEU I 13 -14.64 0.60 -14.43
N ASN I 14 -13.72 -0.38 -14.37
CA ASN I 14 -14.02 -1.80 -14.47
C ASN I 14 -13.29 -2.53 -13.33
N SER I 15 -13.95 -3.49 -12.68
CA SER I 15 -13.46 -4.01 -11.40
C SER I 15 -12.90 -5.44 -11.41
N GLU I 16 -13.51 -6.32 -12.18
CA GLU I 16 -13.33 -7.76 -11.98
C GLU I 16 -12.17 -8.37 -12.77
N LEU I 17 -11.23 -7.55 -13.19
CA LEU I 17 -10.12 -8.01 -14.00
C LEU I 17 -8.91 -8.42 -13.15
N LEU I 18 -8.33 -9.57 -13.46
CA LEU I 18 -7.07 -9.97 -12.85
C LEU I 18 -6.00 -8.95 -13.16
N GLU I 19 -4.87 -9.04 -12.48
CA GLU I 19 -3.84 -8.05 -12.65
C GLU I 19 -3.08 -8.25 -13.95
N GLU I 20 -2.84 -9.52 -14.31
CA GLU I 20 -2.14 -9.81 -15.56
C GLU I 20 -2.98 -9.35 -16.76
N GLN I 21 -4.30 -9.49 -16.68
CA GLN I 21 -5.20 -9.05 -17.74
C GLN I 21 -5.08 -7.54 -17.93
N LYS I 22 -5.08 -6.81 -16.82
CA LYS I 22 -4.90 -5.37 -16.88
C LYS I 22 -3.60 -5.04 -17.60
N GLN I 23 -2.53 -5.77 -17.31
CA GLN I 23 -1.30 -5.59 -18.04
C GLN I 23 -1.48 -5.90 -19.53
N GLU I 24 -2.30 -6.91 -19.86
CA GLU I 24 -2.53 -7.26 -21.27
C GLU I 24 -3.10 -6.07 -22.03
N ILE I 25 -4.21 -5.54 -21.51
CA ILE I 25 -4.89 -4.40 -22.12
C ILE I 25 -3.95 -3.21 -22.25
N TYR I 26 -3.17 -2.96 -21.20
CA TYR I 26 -2.27 -1.81 -21.20
C TYR I 26 -1.21 -1.98 -22.28
N GLU I 27 -0.60 -3.15 -22.33
CA GLU I 27 0.53 -3.35 -23.22
C GLU I 27 0.06 -3.31 -24.66
N ALA I 28 -1.18 -3.75 -24.89
CA ALA I 28 -1.73 -3.86 -26.24
C ALA I 28 -2.03 -2.47 -26.80
N PHE I 29 -2.58 -1.61 -25.96
CA PHE I 29 -2.91 -0.25 -26.34
C PHE I 29 -1.62 0.53 -26.61
N SER I 30 -0.65 0.38 -25.72
CA SER I 30 0.62 1.11 -25.83
C SER I 30 1.42 0.70 -27.04
N LEU I 31 1.38 -0.59 -27.35
CA LEU I 31 2.17 -1.12 -28.46
C LEU I 31 1.81 -0.46 -29.78
N PHE I 32 0.60 0.10 -29.86
CA PHE I 32 0.11 0.66 -31.12
C PHE I 32 -0.26 2.14 -31.04
N ASP I 33 0.04 2.76 -29.91
CA ASP I 33 -0.05 4.19 -29.75
C ASP I 33 1.23 4.75 -30.32
N MET I 34 1.28 4.84 -31.65
CA MET I 34 2.51 5.19 -32.35
C MET I 34 3.09 6.54 -31.91
N ASN I 35 2.22 7.54 -31.82
CA ASN I 35 2.54 8.82 -31.20
C ASN I 35 1.76 8.86 -29.92
N ASN I 36 2.45 8.99 -28.79
CA ASN I 36 1.84 8.71 -27.48
C ASN I 36 0.79 9.70 -26.95
N ASP I 37 -0.26 9.96 -27.73
CA ASP I 37 -1.29 10.90 -27.33
C ASP I 37 -2.30 10.21 -26.42
N GLY I 38 -2.14 8.91 -26.25
CA GLY I 38 -3.10 8.12 -25.51
C GLY I 38 -4.40 7.97 -26.31
N PHE I 39 -4.26 7.95 -27.64
CA PHE I 39 -5.42 7.83 -28.53
C PHE I 39 -5.10 6.92 -29.69
N LEU I 40 -6.05 6.08 -30.06
CA LEU I 40 -5.90 5.19 -31.21
C LEU I 40 -6.90 5.58 -32.29
N ASP I 41 -6.51 5.40 -33.55
CA ASP I 41 -7.41 5.61 -34.68
C ASP I 41 -7.89 4.25 -35.20
N TYR I 42 -8.80 4.24 -36.16
CA TYR I 42 -9.38 2.99 -36.64
C TYR I 42 -8.35 1.87 -36.83
N HIS I 43 -7.24 2.15 -37.50
CA HIS I 43 -6.29 1.08 -37.82
C HIS I 43 -5.53 0.60 -36.59
N GLU I 44 -5.14 1.53 -35.74
CA GLU I 44 -4.43 1.20 -34.53
C GLU I 44 -5.35 0.39 -33.62
N LEU I 45 -6.59 0.83 -33.49
CA LEU I 45 -7.57 0.15 -32.65
C LEU I 45 -7.74 -1.29 -33.13
N LYS I 46 -7.81 -1.47 -34.44
CA LYS I 46 -8.05 -2.78 -35.04
C LYS I 46 -6.95 -3.76 -34.66
N VAL I 47 -5.71 -3.36 -34.84
CA VAL I 47 -4.58 -4.25 -34.51
C VAL I 47 -4.36 -4.40 -33.01
N ALA I 48 -4.78 -3.43 -32.22
CA ALA I 48 -4.65 -3.53 -30.76
C ALA I 48 -5.58 -4.62 -30.25
N MET I 49 -6.82 -4.64 -30.76
CA MET I 49 -7.78 -5.68 -30.43
C MET I 49 -7.26 -7.01 -30.94
N LYS I 50 -6.56 -6.99 -32.06
CA LYS I 50 -5.95 -8.22 -32.56
C LYS I 50 -4.93 -8.74 -31.53
N ALA I 51 -4.17 -7.83 -30.96
CA ALA I 51 -3.15 -8.15 -29.95
C ALA I 51 -3.74 -8.90 -28.76
N LEU I 52 -5.00 -8.61 -28.46
CA LEU I 52 -5.72 -9.25 -27.36
C LEU I 52 -6.56 -10.45 -27.83
N GLY I 53 -6.49 -10.77 -29.11
CA GLY I 53 -7.16 -11.94 -29.67
C GLY I 53 -8.60 -11.67 -30.08
N PHE I 54 -8.89 -10.45 -30.51
CA PHE I 54 -10.23 -10.10 -30.92
C PHE I 54 -10.22 -9.52 -32.32
N GLU I 55 -11.09 -10.05 -33.17
CA GLU I 55 -11.24 -9.56 -34.53
C GLU I 55 -12.69 -9.20 -34.77
N LEU I 56 -12.98 -7.93 -35.02
CA LEU I 56 -14.35 -7.49 -35.21
C LEU I 56 -14.57 -6.96 -36.61
N PRO I 57 -15.83 -6.98 -37.08
CA PRO I 57 -16.15 -6.34 -38.36
C PRO I 57 -15.79 -4.85 -38.34
N LYS I 58 -15.42 -4.29 -39.48
CA LYS I 58 -15.14 -2.85 -39.59
C LYS I 58 -16.31 -2.04 -39.04
N ARG I 59 -17.52 -2.58 -39.15
CA ARG I 59 -18.73 -1.91 -38.68
C ARG I 59 -18.71 -1.74 -37.16
N GLU I 60 -18.49 -2.83 -36.44
CA GLU I 60 -18.49 -2.80 -34.98
C GLU I 60 -17.36 -1.92 -34.46
N ILE I 61 -16.18 -2.03 -35.06
CA ILE I 61 -15.04 -1.22 -34.64
C ILE I 61 -15.34 0.28 -34.72
N LEU I 62 -15.97 0.70 -35.82
CA LEU I 62 -16.28 2.11 -36.02
C LEU I 62 -17.42 2.57 -35.12
N ASP I 63 -18.39 1.68 -34.89
CA ASP I 63 -19.48 2.00 -33.98
C ASP I 63 -18.93 2.27 -32.59
N LEU I 64 -17.96 1.46 -32.16
CA LEU I 64 -17.37 1.60 -30.84
C LEU I 64 -16.68 2.94 -30.73
N ILE I 65 -15.99 3.32 -31.78
CA ILE I 65 -15.29 4.60 -31.79
C ILE I 65 -16.31 5.73 -31.66
N ASP I 66 -17.35 5.70 -32.48
CA ASP I 66 -18.34 6.76 -32.47
C ASP I 66 -19.03 6.86 -31.13
N GLU I 67 -19.24 5.72 -30.50
CA GLU I 67 -20.01 5.68 -29.27
C GLU I 67 -19.21 6.36 -28.15
N TYR I 68 -17.89 6.20 -28.16
CA TYR I 68 -17.08 6.65 -27.03
C TYR I 68 -16.32 7.93 -27.32
N ASP I 69 -16.40 8.40 -28.56
CA ASP I 69 -15.69 9.59 -28.99
C ASP I 69 -16.27 10.85 -28.37
N SER I 70 -15.47 11.53 -27.56
CA SER I 70 -15.92 12.70 -26.82
C SER I 70 -15.61 14.01 -27.53
N GLU I 71 -14.79 13.98 -28.57
CA GLU I 71 -14.37 15.22 -29.23
C GLU I 71 -14.54 15.25 -30.74
N GLY I 72 -15.30 14.31 -31.30
CA GLY I 72 -15.57 14.31 -32.72
C GLY I 72 -14.33 14.03 -33.54
N ARG I 73 -13.31 13.48 -32.89
CA ARG I 73 -12.02 13.21 -33.53
C ARG I 73 -11.95 11.86 -34.26
N HIS I 74 -12.74 10.89 -33.81
CA HIS I 74 -12.72 9.53 -34.33
C HIS I 74 -11.51 8.77 -33.79
N LEU I 75 -11.25 8.98 -32.50
CA LEU I 75 -10.21 8.26 -31.80
C LEU I 75 -10.79 7.66 -30.52
N MET I 76 -10.03 6.78 -29.89
CA MET I 76 -10.44 6.16 -28.64
C MET I 76 -9.36 6.33 -27.59
N LYS I 77 -9.70 7.00 -26.50
CA LYS I 77 -8.77 7.15 -25.39
C LYS I 77 -8.56 5.79 -24.68
N TYR I 78 -7.45 5.65 -23.95
CA TYR I 78 -7.15 4.40 -23.29
C TYR I 78 -8.29 3.96 -22.35
N ASP I 79 -8.81 4.91 -21.58
CA ASP I 79 -9.93 4.67 -20.66
C ASP I 79 -11.02 3.82 -21.30
N ASP I 80 -11.50 4.28 -22.45
CA ASP I 80 -12.60 3.63 -23.14
C ASP I 80 -12.15 2.30 -23.74
N PHE I 81 -10.93 2.26 -24.28
CA PHE I 81 -10.38 1.00 -24.76
C PHE I 81 -10.47 -0.01 -23.62
N TYR I 82 -9.99 0.41 -22.44
CA TYR I 82 -9.93 -0.44 -21.26
C TYR I 82 -11.31 -1.00 -20.91
N ILE I 83 -12.33 -0.16 -20.98
CA ILE I 83 -13.69 -0.59 -20.71
C ILE I 83 -14.15 -1.64 -21.74
N VAL I 84 -14.06 -1.29 -23.02
CA VAL I 84 -14.47 -2.19 -24.10
C VAL I 84 -13.71 -3.53 -24.08
N MET I 85 -12.39 -3.48 -24.05
CA MET I 85 -11.57 -4.68 -24.02
C MET I 85 -11.78 -5.48 -22.75
N GLY I 86 -12.02 -4.78 -21.66
CA GLY I 86 -12.21 -5.44 -20.39
C GLY I 86 -13.46 -6.28 -20.41
N GLU I 87 -14.50 -5.77 -21.06
CA GLU I 87 -15.78 -6.46 -21.16
C GLU I 87 -15.64 -7.72 -21.99
N LYS I 88 -14.89 -7.63 -23.08
CA LYS I 88 -14.70 -8.76 -23.95
C LYS I 88 -13.90 -9.84 -23.25
N ILE I 89 -12.82 -9.46 -22.58
CA ILE I 89 -11.90 -10.42 -21.97
C ILE I 89 -12.62 -11.27 -20.90
N LEU I 90 -13.47 -10.63 -20.11
CA LEU I 90 -14.23 -11.38 -19.11
C LEU I 90 -15.16 -12.42 -19.74
N LYS I 91 -15.46 -12.27 -21.02
CA LYS I 91 -16.33 -13.24 -21.71
C LYS I 91 -15.53 -14.32 -22.46
N ARG I 92 -14.25 -14.07 -22.70
CA ARG I 92 -13.39 -15.00 -23.44
C ARG I 92 -13.55 -16.43 -22.92
N ASP I 93 -13.72 -17.37 -23.84
CA ASP I 93 -13.91 -18.77 -23.49
C ASP I 93 -12.60 -19.39 -23.02
N PRO I 94 -12.56 -19.80 -21.76
CA PRO I 94 -11.35 -20.33 -21.12
C PRO I 94 -10.68 -21.46 -21.91
N LEU I 95 -11.49 -22.39 -22.43
CA LEU I 95 -10.95 -23.54 -23.15
C LEU I 95 -10.32 -23.13 -24.48
N ASP I 96 -10.87 -22.12 -25.15
CA ASP I 96 -10.34 -21.67 -26.43
C ASP I 96 -8.92 -21.12 -26.27
N GLU I 97 -8.75 -20.29 -25.25
CA GLU I 97 -7.43 -19.81 -24.86
C GLU I 97 -6.44 -20.98 -24.80
N ILE I 98 -6.81 -22.02 -24.04
CA ILE I 98 -5.89 -23.09 -23.70
C ILE I 98 -5.54 -23.92 -24.92
N LYS I 99 -6.51 -24.15 -25.78
CA LYS I 99 -6.25 -24.90 -27.00
C LYS I 99 -5.31 -24.11 -27.92
N ARG I 100 -5.54 -22.80 -28.10
CA ARG I 100 -4.63 -21.97 -28.88
C ARG I 100 -3.22 -22.05 -28.33
N ALA I 101 -3.09 -21.90 -27.01
CA ALA I 101 -1.81 -21.99 -26.33
C ALA I 101 -1.13 -23.33 -26.63
N PHE I 102 -1.89 -24.41 -26.60
CA PHE I 102 -1.32 -25.71 -26.93
C PHE I 102 -0.79 -25.74 -28.37
N GLN I 103 -1.53 -25.14 -29.30
CA GLN I 103 -1.11 -25.05 -30.69
C GLN I 103 0.16 -24.22 -30.83
N LEU I 104 0.25 -23.15 -30.04
CA LEU I 104 1.44 -22.30 -30.06
C LEU I 104 2.69 -23.04 -29.57
N PHE I 105 2.51 -23.95 -28.62
CA PHE I 105 3.66 -24.66 -28.04
C PHE I 105 4.14 -25.73 -28.99
N ASP I 106 3.18 -26.46 -29.56
CA ASP I 106 3.42 -27.53 -30.52
C ASP I 106 3.46 -26.96 -31.93
N ASP I 107 4.50 -26.19 -32.23
CA ASP I 107 4.54 -25.43 -33.49
C ASP I 107 4.99 -26.28 -34.66
N ASP I 108 5.59 -27.43 -34.36
CA ASP I 108 5.91 -28.42 -35.39
C ASP I 108 4.64 -29.17 -35.78
N HIS I 109 3.54 -28.90 -35.07
CA HIS I 109 2.23 -29.46 -35.35
C HIS I 109 2.16 -30.98 -35.24
N THR I 110 2.94 -31.56 -34.32
CA THR I 110 2.97 -33.01 -34.15
C THR I 110 1.92 -33.49 -33.15
N GLY I 111 1.07 -32.58 -32.68
CA GLY I 111 0.04 -32.91 -31.71
C GLY I 111 0.60 -33.30 -30.36
N LYS I 112 1.85 -32.93 -30.12
CA LYS I 112 2.51 -33.20 -28.84
C LYS I 112 3.59 -32.15 -28.56
N ILE I 113 3.65 -31.73 -27.31
CA ILE I 113 4.67 -30.80 -26.83
C ILE I 113 5.89 -31.58 -26.37
N SER I 114 6.93 -31.54 -27.17
CA SER I 114 8.16 -32.26 -26.90
C SER I 114 9.06 -31.32 -26.15
N ILE I 115 10.25 -31.78 -25.81
CA ILE I 115 11.20 -30.93 -25.12
C ILE I 115 11.81 -29.96 -26.10
N LYS I 116 11.87 -30.33 -27.38
CA LYS I 116 12.33 -29.40 -28.41
C LYS I 116 11.44 -28.17 -28.38
N ASN I 117 10.13 -28.41 -28.45
CA ASN I 117 9.12 -27.36 -28.34
C ASN I 117 9.23 -26.54 -27.05
N LEU I 118 9.21 -27.24 -25.92
CA LEU I 118 9.27 -26.57 -24.63
C LEU I 118 10.53 -25.72 -24.51
N ARG I 119 11.68 -26.29 -24.85
CA ARG I 119 12.93 -25.57 -24.77
C ARG I 119 12.81 -24.31 -25.63
N ARG I 120 12.32 -24.48 -26.85
CA ARG I 120 12.17 -23.36 -27.77
C ARG I 120 11.31 -22.24 -27.17
N VAL I 121 10.20 -22.61 -26.54
CA VAL I 121 9.32 -21.60 -25.94
C VAL I 121 10.03 -20.91 -24.79
N ALA I 122 10.82 -21.66 -24.04
CA ALA I 122 11.54 -21.11 -22.90
C ALA I 122 12.52 -20.03 -23.37
N LYS I 123 13.25 -20.32 -24.44
CA LYS I 123 14.20 -19.37 -24.99
C LYS I 123 13.47 -18.09 -25.41
N GLU I 124 12.43 -18.24 -26.21
CA GLU I 124 11.67 -17.10 -26.71
C GLU I 124 11.22 -16.17 -25.57
N LEU I 125 10.87 -16.77 -24.43
CA LEU I 125 10.32 -16.02 -23.30
C LEU I 125 11.41 -15.44 -22.42
N GLY I 126 12.66 -15.61 -22.84
CA GLY I 126 13.79 -15.15 -22.07
C GLY I 126 14.13 -16.09 -20.93
N GLU I 127 13.22 -16.98 -20.60
CA GLU I 127 13.44 -17.96 -19.54
C GLU I 127 14.75 -18.70 -19.74
N THR I 128 15.44 -18.95 -18.64
CA THR I 128 16.73 -19.63 -18.70
C THR I 128 16.69 -20.91 -17.87
N LEU I 129 16.24 -22.00 -18.51
CA LEU I 129 16.11 -23.28 -17.83
C LEU I 129 17.10 -24.30 -18.37
N THR I 130 17.74 -25.00 -17.45
CA THR I 130 18.59 -26.14 -17.78
C THR I 130 17.70 -27.21 -18.40
N ASP I 131 18.26 -28.00 -19.31
CA ASP I 131 17.47 -29.04 -19.95
C ASP I 131 16.85 -29.97 -18.91
N GLU I 132 17.57 -30.21 -17.82
CA GLU I 132 17.02 -31.01 -16.73
C GLU I 132 15.67 -30.44 -16.26
N GLU I 133 15.63 -29.12 -16.07
CA GLU I 133 14.44 -28.45 -15.55
C GLU I 133 13.25 -28.57 -16.49
N LEU I 134 13.48 -28.32 -17.77
CA LEU I 134 12.43 -28.46 -18.77
C LEU I 134 11.91 -29.89 -18.69
N ARG I 135 12.84 -30.84 -18.59
CA ARG I 135 12.48 -32.26 -18.58
C ARG I 135 11.69 -32.63 -17.32
N ALA I 136 11.91 -31.91 -16.23
CA ALA I 136 11.14 -32.07 -15.01
C ALA I 136 9.72 -31.58 -15.22
N MET I 137 9.58 -30.47 -15.93
CA MET I 137 8.28 -29.89 -16.19
C MET I 137 7.41 -30.90 -16.93
N ILE I 138 8.02 -31.60 -17.88
CA ILE I 138 7.27 -32.54 -18.69
C ILE I 138 6.95 -33.81 -17.89
N GLU I 139 7.94 -34.38 -17.21
CA GLU I 139 7.71 -35.62 -16.46
C GLU I 139 6.60 -35.46 -15.41
N GLU I 140 6.47 -34.27 -14.86
CA GLU I 140 5.44 -34.01 -13.85
C GLU I 140 4.02 -34.31 -14.34
N PHE I 141 3.75 -34.10 -15.62
CA PHE I 141 2.39 -34.24 -16.16
C PHE I 141 2.29 -35.28 -17.27
N ASP I 142 3.38 -35.98 -17.54
CA ASP I 142 3.45 -36.90 -18.66
C ASP I 142 2.95 -38.28 -18.29
N LEU I 143 1.63 -38.48 -18.35
CA LEU I 143 1.01 -39.74 -17.92
C LEU I 143 1.44 -40.93 -18.78
N ASP I 144 1.48 -40.76 -20.09
CA ASP I 144 1.86 -41.85 -20.98
C ASP I 144 3.29 -42.31 -20.71
N GLY I 145 4.11 -41.39 -20.22
CA GLY I 145 5.52 -41.69 -20.01
C GLY I 145 6.21 -41.82 -21.36
N ASP I 146 5.86 -40.93 -22.29
CA ASP I 146 6.51 -40.88 -23.61
C ASP I 146 7.40 -39.66 -23.80
N GLY I 147 7.64 -38.92 -22.72
CA GLY I 147 8.51 -37.75 -22.76
C GLY I 147 7.87 -36.54 -23.40
N GLU I 148 6.57 -36.62 -23.63
CA GLU I 148 5.84 -35.56 -24.31
C GLU I 148 4.51 -35.29 -23.64
N ILE I 149 3.93 -34.13 -23.95
CA ILE I 149 2.68 -33.69 -23.34
C ILE I 149 1.64 -33.48 -24.45
N ASN I 150 0.52 -34.21 -24.38
CA ASN I 150 -0.51 -34.07 -25.40
C ASN I 150 -1.55 -33.03 -24.93
N GLU I 151 -2.55 -32.73 -25.78
CA GLU I 151 -3.52 -31.70 -25.46
C GLU I 151 -4.32 -31.94 -24.16
N ASN I 152 -4.83 -33.15 -23.94
CA ASN I 152 -5.55 -33.41 -22.69
C ASN I 152 -4.65 -33.29 -21.46
N GLU I 153 -3.36 -33.55 -21.63
CA GLU I 153 -2.43 -33.45 -20.52
C GLU I 153 -2.13 -31.99 -20.27
N PHE I 154 -2.15 -31.20 -21.34
CA PHE I 154 -1.84 -29.79 -21.27
C PHE I 154 -3.03 -29.04 -20.70
N ILE I 155 -4.21 -29.41 -21.18
CA ILE I 155 -5.44 -28.84 -20.69
C ILE I 155 -5.51 -29.00 -19.17
N ALA I 156 -4.94 -30.09 -18.66
CA ALA I 156 -4.88 -30.37 -17.22
C ALA I 156 -3.97 -29.39 -16.46
N ILE I 157 -2.76 -29.19 -16.94
CA ILE I 157 -1.84 -28.21 -16.36
C ILE I 157 -2.54 -26.86 -16.19
N CYS I 158 -3.33 -26.46 -17.18
CA CYS I 158 -3.92 -25.13 -17.19
C CYS I 158 -5.19 -25.05 -16.34
N THR I 159 -5.72 -26.19 -15.95
CA THR I 159 -6.94 -26.23 -15.14
C THR I 159 -6.66 -25.68 -13.75
N GLU J 8 -3.60 37.93 -107.38
CA GLU J 8 -4.37 36.76 -106.99
C GLU J 8 -3.48 35.52 -106.97
N GLN J 9 -2.38 35.58 -107.73
CA GLN J 9 -1.47 34.45 -107.81
C GLN J 9 -0.57 34.36 -106.58
N ILE J 10 -0.04 35.50 -106.16
CA ILE J 10 0.85 35.55 -105.01
C ILE J 10 0.09 35.73 -103.71
N ALA J 11 -1.02 36.47 -103.77
CA ALA J 11 -1.86 36.65 -102.59
C ALA J 11 -2.24 35.28 -102.02
N ASN J 12 -2.84 34.43 -102.86
CA ASN J 12 -3.20 33.09 -102.42
C ASN J 12 -1.98 32.26 -102.08
N ASP J 13 -1.08 32.11 -103.04
CA ASP J 13 0.13 31.31 -102.86
C ASP J 13 0.85 31.68 -101.55
N LEU J 14 0.61 32.90 -101.08
CA LEU J 14 1.21 33.40 -99.83
C LEU J 14 0.40 32.95 -98.63
N VAL J 15 -0.93 33.07 -98.73
CA VAL J 15 -1.81 32.59 -97.66
C VAL J 15 -1.57 31.12 -97.41
N LYS J 16 -1.16 30.39 -98.43
CA LYS J 16 -0.76 29.00 -98.27
C LYS J 16 0.41 28.89 -97.30
N GLU J 17 1.51 29.58 -97.58
CA GLU J 17 2.64 29.58 -96.66
C GLU J 17 2.20 29.87 -95.22
N VAL J 18 1.66 31.06 -95.00
CA VAL J 18 1.28 31.48 -93.66
C VAL J 18 0.37 30.48 -92.93
N VAL J 19 -0.61 29.92 -93.64
CA VAL J 19 -1.58 29.04 -93.01
C VAL J 19 -0.96 27.69 -92.69
N ASN J 20 -0.14 27.19 -93.61
CA ASN J 20 0.51 25.91 -93.43
C ASN J 20 1.49 25.92 -92.27
N SER J 21 2.24 27.00 -92.13
CA SER J 21 3.22 27.09 -91.05
C SER J 21 2.53 27.23 -89.69
N SER J 22 1.38 27.90 -89.65
CA SER J 22 0.63 28.02 -88.40
C SER J 22 0.10 26.66 -88.01
N VAL J 23 -0.41 25.92 -88.99
CA VAL J 23 -0.97 24.60 -88.72
C VAL J 23 0.11 23.65 -88.24
N ILE J 24 1.23 23.59 -88.94
CA ILE J 24 2.29 22.68 -88.57
C ILE J 24 2.76 22.89 -87.13
N SER J 25 2.76 24.14 -86.67
CA SER J 25 3.24 24.42 -85.31
C SER J 25 2.14 24.17 -84.27
N ILE J 26 0.89 24.32 -84.69
CA ILE J 26 -0.25 24.12 -83.80
C ILE J 26 -0.40 22.62 -83.53
N VAL J 27 -0.43 21.82 -84.60
CA VAL J 27 -0.52 20.37 -84.49
C VAL J 27 0.65 19.78 -83.71
N LYS J 28 1.83 20.37 -83.88
CA LYS J 28 2.98 19.98 -83.07
C LYS J 28 2.71 20.32 -81.60
N ARG J 29 2.20 21.52 -81.35
CA ARG J 29 1.93 21.92 -79.98
C ARG J 29 0.98 20.94 -79.29
N GLU J 30 -0.09 20.56 -79.99
CA GLU J 30 -1.11 19.72 -79.38
C GLU J 30 -0.55 18.34 -79.04
N PHE J 31 0.26 17.79 -79.94
CA PHE J 31 0.91 16.51 -79.64
C PHE J 31 1.89 16.66 -78.48
N SER J 32 2.45 17.85 -78.32
CA SER J 32 3.36 18.11 -77.21
C SER J 32 2.63 18.05 -75.87
N GLU J 33 1.57 18.84 -75.75
CA GLU J 33 0.77 18.85 -74.54
C GLU J 33 0.29 17.43 -74.21
N ALA J 34 -0.16 16.71 -75.23
CA ALA J 34 -0.65 15.35 -75.06
C ALA J 34 0.41 14.46 -74.45
N ASN J 35 1.63 14.54 -74.96
CA ASN J 35 2.71 13.75 -74.39
C ASN J 35 3.08 14.23 -73.00
N TYR J 36 2.88 15.51 -72.70
CA TYR J 36 3.23 16.02 -71.38
C TYR J 36 2.19 15.55 -70.37
N ARG J 37 0.92 15.66 -70.74
CA ARG J 37 -0.17 15.19 -69.90
C ARG J 37 0.05 13.69 -69.67
N LYS J 38 0.35 12.97 -70.75
CA LYS J 38 0.51 11.53 -70.68
C LYS J 38 1.71 11.14 -69.84
N ASP J 39 2.76 11.94 -69.90
CA ASP J 39 3.95 11.63 -69.11
C ASP J 39 3.68 11.93 -67.63
N PHE J 40 2.92 12.99 -67.36
CA PHE J 40 2.57 13.36 -66.01
C PHE J 40 1.74 12.25 -65.40
N ILE J 41 0.65 11.92 -66.07
CA ILE J 41 -0.25 10.87 -65.63
C ILE J 41 0.50 9.57 -65.37
N ASP J 42 1.37 9.16 -66.29
CA ASP J 42 2.12 7.92 -66.10
C ASP J 42 2.96 7.99 -64.83
N THR J 43 3.63 9.11 -64.61
CA THR J 43 4.55 9.23 -63.48
C THR J 43 3.80 9.21 -62.15
N MET J 44 2.70 9.94 -62.06
CA MET J 44 1.92 9.98 -60.85
C MET J 44 1.22 8.64 -60.61
N THR J 45 0.92 7.90 -61.68
CA THR J 45 0.33 6.57 -61.58
C THR J 45 1.28 5.63 -60.85
N ARG J 46 2.55 5.69 -61.22
CA ARG J 46 3.58 4.91 -60.54
C ARG J 46 3.71 5.35 -59.08
N GLU J 47 3.58 6.64 -58.81
CA GLU J 47 3.73 7.13 -57.44
C GLU J 47 2.58 6.71 -56.53
N LEU J 48 1.35 6.81 -57.02
CA LEU J 48 0.18 6.42 -56.25
C LEU J 48 0.20 4.92 -55.97
N TYR J 49 0.52 4.13 -56.99
CA TYR J 49 0.60 2.68 -56.85
C TYR J 49 1.59 2.33 -55.76
N ASP J 50 2.79 2.91 -55.83
CA ASP J 50 3.84 2.61 -54.88
C ASP J 50 3.38 2.95 -53.46
N ALA J 51 2.63 4.04 -53.34
CA ALA J 51 2.12 4.51 -52.05
C ALA J 51 1.05 3.57 -51.50
N PHE J 52 0.16 3.11 -52.38
CA PHE J 52 -0.85 2.12 -52.02
C PHE J 52 -0.20 0.85 -51.49
N LEU J 53 0.90 0.47 -52.12
CA LEU J 53 1.57 -0.76 -51.78
C LEU J 53 2.30 -0.56 -50.48
N HIS J 54 2.91 0.62 -50.33
CA HIS J 54 3.69 0.92 -49.15
C HIS J 54 2.78 0.81 -47.95
N GLU J 55 1.57 1.34 -48.06
CA GLU J 55 0.66 1.35 -46.93
C GLU J 55 0.20 -0.07 -46.64
N ARG J 56 -0.17 -0.82 -47.68
CA ARG J 56 -0.61 -2.20 -47.51
C ARG J 56 0.45 -2.95 -46.73
N LEU J 57 1.71 -2.67 -47.06
CA LEU J 57 2.84 -3.33 -46.44
C LEU J 57 2.92 -2.98 -44.96
N TYR J 58 2.69 -1.71 -44.65
CA TYR J 58 2.74 -1.21 -43.28
C TYR J 58 1.58 -1.77 -42.47
N LEU J 59 0.43 -1.99 -43.10
CA LEU J 59 -0.74 -2.49 -42.39
C LEU J 59 -0.59 -3.98 -42.07
N ILE J 60 0.23 -4.65 -42.86
CA ILE J 60 0.54 -6.06 -42.65
C ILE J 60 1.60 -6.18 -41.58
N TYR J 61 2.50 -5.22 -41.52
CA TYR J 61 3.49 -5.17 -40.46
C TYR J 61 2.80 -4.94 -39.10
N MET J 62 1.85 -4.01 -39.05
CA MET J 62 1.03 -3.80 -37.85
C MET J 62 0.35 -5.08 -37.37
N ASP J 63 -0.12 -5.87 -38.33
CA ASP J 63 -0.79 -7.12 -38.03
C ASP J 63 0.16 -8.18 -37.48
N SER J 64 1.30 -8.36 -38.13
CA SER J 64 2.27 -9.34 -37.69
C SER J 64 2.66 -9.03 -36.26
N ARG J 65 2.86 -7.75 -35.99
CA ARG J 65 3.19 -7.32 -34.66
C ARG J 65 2.08 -7.70 -33.67
N ALA J 66 0.84 -7.45 -34.04
CA ALA J 66 -0.30 -7.71 -33.15
C ALA J 66 -0.46 -9.19 -32.86
N GLU J 67 -0.20 -10.02 -33.86
CA GLU J 67 -0.38 -11.46 -33.74
C GLU J 67 0.75 -12.12 -32.98
N LEU J 68 1.96 -11.61 -33.16
CA LEU J 68 3.07 -12.09 -32.36
C LEU J 68 2.82 -11.69 -30.92
N LYS J 69 2.25 -10.50 -30.72
CA LYS J 69 2.02 -10.00 -29.37
C LYS J 69 1.04 -10.90 -28.62
N ARG J 70 -0.03 -11.28 -29.30
CA ARG J 70 -1.03 -12.17 -28.73
C ARG J 70 -0.45 -13.54 -28.40
N ASN J 71 0.37 -14.06 -29.30
CA ASN J 71 1.01 -15.35 -29.11
C ASN J 71 1.95 -15.31 -27.91
N SER J 72 2.72 -14.22 -27.79
CA SER J 72 3.67 -14.09 -26.70
C SER J 72 2.95 -14.06 -25.36
N THR J 73 1.83 -13.35 -25.29
CA THR J 73 1.07 -13.29 -24.06
C THR J 73 0.55 -14.69 -23.73
N LEU J 74 0.15 -15.46 -24.73
CA LEU J 74 -0.43 -16.77 -24.46
C LEU J 74 0.65 -17.73 -24.03
N LYS J 75 1.79 -17.69 -24.69
CA LYS J 75 2.88 -18.57 -24.34
C LYS J 75 3.39 -18.25 -22.94
N LYS J 76 3.60 -16.98 -22.65
CA LYS J 76 4.16 -16.56 -21.38
C LYS J 76 3.25 -16.94 -20.24
N LYS J 77 1.95 -16.70 -20.40
CA LYS J 77 1.01 -16.94 -19.32
C LYS J 77 0.99 -18.39 -18.97
N PHE J 78 0.88 -19.25 -19.98
CA PHE J 78 0.72 -20.67 -19.74
C PHE J 78 2.04 -21.39 -19.46
N PHE J 79 3.15 -20.88 -19.99
CA PHE J 79 4.45 -21.44 -19.62
C PHE J 79 4.71 -21.22 -18.14
N GLU J 80 4.28 -20.08 -17.63
CA GLU J 80 4.54 -19.71 -16.25
C GLU J 80 3.58 -20.39 -15.29
N LYS J 81 2.33 -20.55 -15.68
CA LYS J 81 1.38 -21.28 -14.86
C LYS J 81 1.88 -22.72 -14.68
N TRP J 82 2.47 -23.26 -15.74
CA TRP J 82 2.98 -24.63 -15.79
C TRP J 82 4.18 -24.78 -14.87
N GLN J 83 5.13 -23.86 -15.00
CA GLN J 83 6.27 -23.82 -14.09
C GLN J 83 5.79 -23.79 -12.63
N ALA J 84 4.82 -22.94 -12.34
CA ALA J 84 4.31 -22.78 -10.98
C ALA J 84 3.74 -24.09 -10.49
N SER J 85 3.08 -24.82 -11.38
CA SER J 85 2.48 -26.10 -11.05
C SER J 85 3.53 -27.13 -10.63
N ALA K 6 4.33 22.75 -60.46
CA ALA K 6 2.95 22.52 -60.07
C ALA K 6 2.85 21.93 -58.67
N GLN K 7 3.37 20.72 -58.51
CA GLN K 7 3.11 19.95 -57.30
C GLN K 7 1.64 20.10 -56.95
N LEU K 8 0.81 20.31 -57.98
CA LEU K 8 -0.64 20.32 -57.84
C LEU K 8 -1.06 18.91 -57.48
N LYS K 9 -0.12 17.98 -57.59
CA LYS K 9 -0.34 16.61 -57.18
C LYS K 9 -1.06 16.57 -55.85
N SER K 10 -0.74 17.51 -54.97
CA SER K 10 -1.38 17.54 -53.65
C SER K 10 -2.89 17.59 -53.77
N GLN K 11 -3.39 18.35 -54.75
CA GLN K 11 -4.82 18.36 -55.03
C GLN K 11 -5.34 16.99 -55.44
N ILE K 12 -4.58 16.29 -56.27
CA ILE K 12 -4.97 14.95 -56.71
C ILE K 12 -4.92 13.96 -55.56
N GLN K 13 -3.90 14.08 -54.71
CA GLN K 13 -3.81 13.26 -53.50
C GLN K 13 -5.13 13.48 -52.77
N GLN K 14 -5.40 14.74 -52.46
CA GLN K 14 -6.62 15.16 -51.75
C GLN K 14 -7.87 14.56 -52.37
N TYR K 15 -8.12 14.91 -53.64
CA TYR K 15 -9.27 14.43 -54.38
C TYR K 15 -9.38 12.92 -54.29
N LEU K 16 -8.24 12.24 -54.34
CA LEU K 16 -8.19 10.78 -54.29
C LEU K 16 -8.80 10.28 -52.99
N VAL K 17 -8.35 10.85 -51.88
CA VAL K 17 -8.77 10.40 -50.56
C VAL K 17 -10.26 10.62 -50.38
N GLU K 18 -10.68 11.88 -50.50
CA GLU K 18 -12.07 12.26 -50.24
C GLU K 18 -12.96 11.95 -51.44
N SER K 19 -12.43 11.17 -52.38
CA SER K 19 -13.20 10.72 -53.53
C SER K 19 -13.84 9.38 -53.20
N GLY K 20 -13.28 8.72 -52.19
CA GLY K 20 -13.63 7.33 -51.92
C GLY K 20 -12.88 6.42 -52.87
N ASN K 21 -12.14 7.02 -53.80
CA ASN K 21 -11.37 6.27 -54.80
C ASN K 21 -10.09 5.70 -54.18
N TYR K 22 -9.51 6.42 -53.23
CA TYR K 22 -8.38 5.87 -52.46
C TYR K 22 -8.86 4.64 -51.71
N GLU K 23 -10.02 4.77 -51.08
CA GLU K 23 -10.72 3.62 -50.50
C GLU K 23 -10.95 2.55 -51.56
N LEU K 24 -11.62 2.92 -52.65
CA LEU K 24 -11.95 1.97 -53.71
C LEU K 24 -10.71 1.23 -54.20
N ILE K 25 -9.73 1.98 -54.70
CA ILE K 25 -8.51 1.39 -55.24
C ILE K 25 -7.79 0.58 -54.18
N SER K 26 -7.79 1.06 -52.94
CA SER K 26 -7.14 0.34 -51.86
C SER K 26 -7.90 -0.94 -51.55
N ASN K 27 -9.21 -0.82 -51.39
CA ASN K 27 -10.10 -1.95 -51.09
C ASN K 27 -10.13 -2.96 -52.22
N GLU K 28 -9.98 -2.47 -53.45
CA GLU K 28 -9.94 -3.29 -54.64
C GLU K 28 -8.60 -4.03 -54.71
N LEU K 29 -7.54 -3.30 -54.44
CA LEU K 29 -6.22 -3.87 -54.29
C LEU K 29 -6.19 -4.84 -53.11
N LYS K 30 -6.87 -4.47 -52.03
CA LYS K 30 -6.95 -5.33 -50.85
C LYS K 30 -7.53 -6.64 -51.31
N ALA K 31 -8.82 -6.61 -51.62
CA ALA K 31 -9.56 -7.80 -52.02
C ALA K 31 -8.70 -8.70 -52.87
N ARG K 32 -8.24 -8.20 -54.00
CA ARG K 32 -7.51 -9.03 -54.93
C ARG K 32 -6.22 -9.55 -54.30
N LEU K 33 -5.42 -8.67 -53.70
CA LEU K 33 -4.22 -9.08 -52.99
C LEU K 33 -4.50 -10.29 -52.11
N LEU K 34 -5.62 -10.25 -51.40
CA LEU K 34 -5.98 -11.29 -50.45
C LEU K 34 -6.46 -12.56 -51.15
N GLN K 35 -7.13 -12.38 -52.28
CA GLN K 35 -7.68 -13.50 -53.04
C GLN K 35 -6.55 -14.36 -53.58
N GLU K 36 -5.56 -13.73 -54.21
CA GLU K 36 -4.41 -14.44 -54.78
C GLU K 36 -3.54 -14.95 -53.66
N GLY K 37 -3.98 -14.73 -52.42
CA GLY K 37 -3.30 -15.26 -51.27
C GLY K 37 -2.06 -14.46 -50.95
N TRP K 38 -1.92 -13.31 -51.58
CA TRP K 38 -0.74 -12.47 -51.39
C TRP K 38 -0.56 -12.08 -49.93
N VAL K 39 -1.62 -11.57 -49.30
CA VAL K 39 -1.52 -11.11 -47.92
C VAL K 39 -0.97 -12.21 -47.03
N ASP K 40 -1.64 -13.36 -46.99
CA ASP K 40 -1.19 -14.47 -46.15
C ASP K 40 0.30 -14.75 -46.36
N LYS K 41 0.70 -14.92 -47.61
CA LYS K 41 2.11 -15.09 -47.93
C LYS K 41 2.92 -14.01 -47.22
N VAL K 42 2.52 -12.76 -47.41
CA VAL K 42 3.27 -11.61 -46.90
C VAL K 42 3.32 -11.54 -45.36
N LYS K 43 2.21 -11.85 -44.69
CA LYS K 43 2.18 -11.88 -43.22
C LYS K 43 3.36 -12.70 -42.69
N ASP K 44 3.52 -13.90 -43.24
CA ASP K 44 4.46 -14.86 -42.68
C ASP K 44 5.90 -14.42 -42.83
N LEU K 45 6.33 -14.05 -44.03
CA LEU K 45 7.72 -13.64 -44.20
C LEU K 45 8.00 -12.39 -43.37
N THR K 46 6.96 -11.63 -43.04
CA THR K 46 7.13 -10.44 -42.21
C THR K 46 7.35 -10.82 -40.75
N LYS K 47 6.58 -11.79 -40.27
CA LYS K 47 6.76 -12.36 -38.94
C LYS K 47 8.12 -13.02 -38.80
N SER K 48 8.55 -13.73 -39.84
CA SER K 48 9.80 -14.47 -39.80
C SER K 48 10.94 -13.51 -39.45
N GLU K 49 10.94 -12.35 -40.08
CA GLU K 49 11.94 -11.34 -39.80
C GLU K 49 11.69 -10.76 -38.40
N MET K 50 10.43 -10.49 -38.11
CA MET K 50 10.02 -9.97 -36.80
C MET K 50 10.50 -10.88 -35.68
N ASN K 51 10.76 -12.14 -36.02
CA ASN K 51 11.37 -13.11 -35.11
C ASN K 51 12.77 -13.44 -35.62
N ILE K 52 13.82 -13.40 -34.79
CA ILE K 52 13.81 -12.81 -33.46
C ILE K 52 12.82 -11.68 -33.24
N ASN K 53 12.04 -11.78 -32.17
CA ASN K 53 11.23 -10.66 -31.72
C ASN K 53 12.06 -9.38 -31.80
N GLU K 54 13.31 -9.46 -31.33
CA GLU K 54 14.37 -8.53 -31.74
C GLU K 54 13.82 -7.15 -32.01
N SER K 55 12.86 -6.71 -31.19
CA SER K 55 12.06 -5.55 -31.56
C SER K 55 12.86 -4.56 -32.40
N THR K 56 12.48 -4.48 -33.67
CA THR K 56 13.06 -3.54 -34.62
C THR K 56 11.88 -2.78 -35.19
N ASN K 57 12.13 -1.73 -35.97
CA ASN K 57 11.02 -0.98 -36.54
C ASN K 57 10.77 -1.20 -38.03
N PHE K 58 9.54 -0.94 -38.43
CA PHE K 58 9.07 -1.05 -39.80
C PHE K 58 10.11 -0.68 -40.86
N THR K 59 10.83 0.40 -40.64
CA THR K 59 11.86 0.84 -41.57
C THR K 59 12.92 -0.26 -41.75
N GLN K 60 13.50 -0.70 -40.65
CA GLN K 60 14.55 -1.72 -40.66
C GLN K 60 14.10 -2.90 -41.51
N ILE K 61 12.93 -3.43 -41.17
CA ILE K 61 12.40 -4.62 -41.81
C ILE K 61 11.95 -4.35 -43.23
N LEU K 62 11.37 -3.18 -43.43
CA LEU K 62 10.84 -2.80 -44.73
C LEU K 62 11.90 -3.03 -45.81
N SER K 63 13.13 -2.62 -45.55
CA SER K 63 14.19 -2.78 -46.55
C SER K 63 14.37 -4.25 -46.92
N THR K 64 14.32 -5.14 -45.93
CA THR K 64 14.54 -6.56 -46.17
C THR K 64 13.33 -7.24 -46.81
N VAL K 65 12.14 -6.85 -46.41
CA VAL K 65 10.92 -7.52 -46.84
C VAL K 65 10.32 -6.90 -48.11
N GLU K 66 10.50 -5.60 -48.26
CA GLU K 66 9.91 -4.86 -49.38
C GLU K 66 10.13 -5.60 -50.68
N PRO K 67 11.40 -5.71 -51.11
CA PRO K 67 11.71 -6.30 -52.42
C PRO K 67 10.86 -7.54 -52.73
N LYS K 68 10.99 -8.58 -51.91
CA LYS K 68 10.25 -9.82 -52.14
C LYS K 68 8.76 -9.56 -52.28
N ALA K 69 8.25 -8.67 -51.45
CA ALA K 69 6.81 -8.40 -51.38
C ALA K 69 6.25 -7.89 -52.71
N LEU K 70 6.91 -6.90 -53.31
CA LEU K 70 6.38 -6.27 -54.52
C LEU K 70 6.24 -7.27 -55.65
N GLU K 71 7.25 -8.10 -55.82
CA GLU K 71 7.29 -9.08 -56.91
C GLU K 71 6.01 -9.92 -57.00
N MET K 72 5.64 -10.51 -55.86
CA MET K 72 4.58 -11.53 -55.82
C MET K 72 3.20 -11.02 -56.23
N VAL K 73 3.03 -9.72 -56.37
CA VAL K 73 1.74 -9.21 -56.78
C VAL K 73 1.41 -9.80 -58.15
N SER K 74 0.26 -10.45 -58.26
CA SER K 74 -0.19 -11.01 -59.54
C SER K 74 -0.19 -9.91 -60.57
N ASP K 75 0.34 -10.19 -61.76
CA ASP K 75 0.36 -9.20 -62.82
C ASP K 75 -1.03 -8.89 -63.31
N SER K 76 -1.94 -9.86 -63.15
CA SER K 76 -3.34 -9.64 -63.50
C SER K 76 -3.91 -8.53 -62.63
N THR K 77 -3.82 -8.71 -61.31
CA THR K 77 -4.36 -7.75 -60.37
C THR K 77 -3.60 -6.42 -60.44
N ARG K 78 -2.30 -6.49 -60.67
CA ARG K 78 -1.46 -5.30 -60.73
C ARG K 78 -1.84 -4.37 -61.86
N GLU K 79 -1.94 -4.92 -63.07
CA GLU K 79 -2.34 -4.13 -64.21
C GLU K 79 -3.70 -3.51 -63.93
N THR K 80 -4.60 -4.28 -63.32
CA THR K 80 -5.94 -3.79 -63.04
C THR K 80 -5.89 -2.57 -62.13
N VAL K 81 -4.99 -2.60 -61.15
CA VAL K 81 -4.86 -1.50 -60.22
C VAL K 81 -4.15 -0.33 -60.87
N LEU K 82 -3.06 -0.60 -61.59
CA LEU K 82 -2.39 0.47 -62.33
C LEU K 82 -3.36 1.17 -63.27
N LYS K 83 -4.23 0.40 -63.93
CA LYS K 83 -5.17 0.95 -64.89
C LYS K 83 -6.31 1.66 -64.16
N GLN K 84 -6.60 1.21 -62.95
CA GLN K 84 -7.66 1.82 -62.16
C GLN K 84 -7.18 3.18 -61.70
N ILE K 85 -5.90 3.23 -61.33
CA ILE K 85 -5.27 4.46 -60.92
C ILE K 85 -5.20 5.36 -62.15
N ARG K 86 -4.87 4.78 -63.30
CA ARG K 86 -4.72 5.56 -64.51
C ARG K 86 -6.08 6.16 -64.86
N GLU K 87 -7.12 5.32 -64.84
CA GLU K 87 -8.48 5.77 -65.12
C GLU K 87 -8.82 6.96 -64.25
N PHE K 88 -8.47 6.86 -62.96
CA PHE K 88 -8.69 7.95 -62.02
C PHE K 88 -8.03 9.23 -62.53
N LEU K 89 -6.70 9.19 -62.71
CA LEU K 89 -5.93 10.35 -63.13
C LEU K 89 -6.36 10.87 -64.51
N GLU K 90 -6.93 10.02 -65.34
CA GLU K 90 -7.33 10.42 -66.68
C GLU K 90 -8.56 11.31 -66.64
N GLU K 91 -9.51 10.99 -65.76
CA GLU K 91 -10.77 11.72 -65.71
C GLU K 91 -10.64 13.05 -64.98
N ILE K 92 -9.42 13.40 -64.60
CA ILE K 92 -9.19 14.59 -63.79
C ILE K 92 -8.26 15.61 -64.46
N VAL K 93 -7.32 15.14 -65.27
CA VAL K 93 -6.34 16.02 -65.90
C VAL K 93 -6.90 16.67 -67.18
N LYS L 9 6.98 38.96 -112.41
CA LYS L 9 6.16 37.77 -112.38
C LYS L 9 6.45 36.94 -111.14
N SER L 10 7.27 35.91 -111.29
CA SER L 10 7.84 35.25 -110.12
C SER L 10 8.88 36.19 -109.52
N GLN L 11 9.20 37.25 -110.27
CA GLN L 11 10.13 38.27 -109.81
C GLN L 11 9.40 39.48 -109.25
N ILE L 12 8.14 39.67 -109.65
CA ILE L 12 7.31 40.67 -108.99
C ILE L 12 7.10 40.15 -107.57
N GLN L 13 7.25 38.84 -107.42
CA GLN L 13 7.23 38.22 -106.11
C GLN L 13 8.55 38.45 -105.40
N GLN L 14 9.65 38.34 -106.15
CA GLN L 14 10.98 38.54 -105.60
C GLN L 14 11.21 40.00 -105.25
N TYR L 15 10.48 40.88 -105.90
CA TYR L 15 10.56 42.29 -105.58
C TYR L 15 9.92 42.50 -104.23
N LEU L 16 8.71 41.97 -104.07
CA LEU L 16 8.01 42.00 -102.79
C LEU L 16 8.92 41.58 -101.64
N VAL L 17 9.69 40.52 -101.86
CA VAL L 17 10.64 40.04 -100.86
C VAL L 17 11.65 41.13 -100.52
N GLU L 18 12.24 41.74 -101.53
CA GLU L 18 13.23 42.78 -101.33
C GLU L 18 12.62 44.06 -100.73
N SER L 19 11.36 44.32 -101.06
CA SER L 19 10.67 45.52 -100.58
C SER L 19 10.54 45.49 -99.07
N GLY L 20 10.53 44.27 -98.53
CA GLY L 20 10.26 44.05 -97.12
C GLY L 20 8.77 43.91 -96.88
N ASN L 21 7.99 44.00 -97.95
CA ASN L 21 6.53 43.98 -97.87
C ASN L 21 5.96 42.59 -97.76
N TYR L 22 6.65 41.60 -98.34
CA TYR L 22 6.21 40.22 -98.22
C TYR L 22 6.05 39.88 -96.74
N GLU L 23 7.03 40.23 -95.93
CA GLU L 23 6.96 39.90 -94.53
C GLU L 23 5.93 40.74 -93.81
N LEU L 24 5.80 42.01 -94.19
CA LEU L 24 4.86 42.88 -93.52
C LEU L 24 3.42 42.38 -93.68
N ILE L 25 3.06 41.97 -94.89
CA ILE L 25 1.74 41.45 -95.19
C ILE L 25 1.54 40.10 -94.49
N SER L 26 2.59 39.30 -94.43
CA SER L 26 2.53 38.04 -93.70
C SER L 26 2.20 38.30 -92.23
N ASN L 27 2.90 39.25 -91.62
CA ASN L 27 2.67 39.54 -90.23
C ASN L 27 1.29 40.16 -90.00
N GLU L 28 0.69 40.69 -91.06
CA GLU L 28 -0.66 41.25 -90.95
C GLU L 28 -1.72 40.18 -91.15
N LEU L 29 -1.41 39.16 -91.95
CA LEU L 29 -2.30 38.03 -92.12
C LEU L 29 -2.34 37.21 -90.83
N LYS L 30 -1.18 37.01 -90.23
CA LYS L 30 -1.07 36.26 -88.99
C LYS L 30 -1.77 37.00 -87.86
N ALA L 31 -1.66 38.32 -87.87
CA ALA L 31 -2.27 39.13 -86.82
C ALA L 31 -3.79 39.02 -86.85
N ARG L 32 -4.36 38.88 -88.04
CA ARG L 32 -5.81 38.85 -88.18
C ARG L 32 -6.40 37.46 -87.94
N LEU L 33 -5.69 36.42 -88.37
CA LEU L 33 -6.13 35.05 -88.11
C LEU L 33 -6.20 34.83 -86.61
N LEU L 34 -5.42 35.60 -85.86
CA LEU L 34 -5.41 35.49 -84.40
C LEU L 34 -6.58 36.27 -83.81
N GLN L 35 -6.91 37.41 -84.43
CA GLN L 35 -8.02 38.25 -83.97
C GLN L 35 -9.35 37.53 -84.18
N GLU L 36 -9.65 37.18 -85.42
CA GLU L 36 -10.93 36.56 -85.78
C GLU L 36 -11.08 35.15 -85.20
N GLY L 37 -10.14 34.75 -84.36
CA GLY L 37 -10.21 33.47 -83.68
C GLY L 37 -9.91 32.28 -84.56
N TRP L 38 -9.31 32.51 -85.73
CA TRP L 38 -8.98 31.42 -86.65
C TRP L 38 -8.03 30.42 -86.02
N VAL L 39 -6.99 30.91 -85.38
CA VAL L 39 -6.04 30.02 -84.74
C VAL L 39 -6.78 29.12 -83.76
N ASP L 40 -7.60 29.71 -82.90
CA ASP L 40 -8.35 28.95 -81.92
C ASP L 40 -9.24 27.90 -82.56
N LYS L 41 -9.76 28.19 -83.76
CA LYS L 41 -10.60 27.25 -84.48
C LYS L 41 -9.77 26.06 -84.98
N VAL L 42 -8.55 26.34 -85.43
CA VAL L 42 -7.68 25.28 -85.92
C VAL L 42 -7.11 24.47 -84.76
N LYS L 43 -7.05 25.06 -83.58
CA LYS L 43 -6.64 24.31 -82.40
C LYS L 43 -7.73 23.33 -82.09
N ASP L 44 -8.96 23.83 -82.02
CA ASP L 44 -10.10 22.97 -81.70
C ASP L 44 -10.11 21.79 -82.66
N LEU L 45 -10.02 22.07 -83.96
CA LEU L 45 -10.09 21.02 -84.96
C LEU L 45 -9.05 19.96 -84.68
N THR L 46 -7.81 20.40 -84.47
CA THR L 46 -6.71 19.50 -84.15
C THR L 46 -6.99 18.61 -82.93
N LYS L 47 -7.63 19.17 -81.89
CA LYS L 47 -7.93 18.38 -80.70
C LYS L 47 -9.05 17.42 -81.00
N SER L 48 -9.91 17.80 -81.95
CA SER L 48 -11.03 16.97 -82.33
C SER L 48 -10.55 15.69 -83.01
N GLU L 49 -9.68 15.84 -84.02
CA GLU L 49 -9.16 14.69 -84.77
C GLU L 49 -8.33 13.78 -83.87
N MET L 50 -7.72 14.35 -82.83
CA MET L 50 -6.92 13.56 -81.89
C MET L 50 -7.80 12.81 -80.88
N ASN L 51 -9.10 13.08 -80.92
CA ASN L 51 -10.05 12.40 -80.04
C ASN L 51 -10.83 11.31 -80.76
N ILE L 52 -10.95 11.45 -82.08
CA ILE L 52 -11.66 10.46 -82.88
C ILE L 52 -10.85 9.17 -82.93
N ASN L 53 -9.60 9.27 -83.37
CA ASN L 53 -8.65 8.19 -83.21
C ASN L 53 -7.51 8.67 -82.34
N GLU L 54 -7.04 7.79 -81.46
CA GLU L 54 -5.90 8.14 -80.63
C GLU L 54 -4.68 7.36 -81.10
N SER L 55 -4.91 6.43 -82.03
CA SER L 55 -3.82 5.68 -82.64
C SER L 55 -3.41 6.32 -83.97
N THR L 56 -4.11 7.38 -84.35
CA THR L 56 -3.74 8.16 -85.52
C THR L 56 -2.52 9.01 -85.20
N ASN L 57 -1.46 8.83 -85.98
CA ASN L 57 -0.17 9.47 -85.72
C ASN L 57 -0.11 10.92 -86.20
N PHE L 58 1.03 11.56 -85.97
CA PHE L 58 1.18 12.98 -86.27
C PHE L 58 1.01 13.26 -87.76
N THR L 59 1.76 12.56 -88.60
CA THR L 59 1.72 12.80 -90.03
C THR L 59 0.29 12.79 -90.57
N GLN L 60 -0.55 11.91 -90.05
CA GLN L 60 -1.92 11.77 -90.54
C GLN L 60 -2.83 12.89 -90.03
N ILE L 61 -2.74 13.18 -88.74
CA ILE L 61 -3.48 14.31 -88.19
C ILE L 61 -3.18 15.55 -89.01
N LEU L 62 -1.90 15.80 -89.23
CA LEU L 62 -1.43 16.96 -90.01
C LEU L 62 -2.09 16.98 -91.39
N SER L 63 -2.03 15.85 -92.10
CA SER L 63 -2.67 15.76 -93.40
C SER L 63 -4.12 16.24 -93.34
N THR L 64 -4.84 15.76 -92.33
CA THR L 64 -6.28 15.99 -92.23
C THR L 64 -6.61 17.43 -91.92
N VAL L 65 -5.81 18.04 -91.06
CA VAL L 65 -6.07 19.40 -90.59
C VAL L 65 -5.71 20.48 -91.61
N GLU L 66 -4.62 20.30 -92.35
CA GLU L 66 -4.10 21.31 -93.26
C GLU L 66 -5.10 21.79 -94.31
N PRO L 67 -5.72 20.85 -95.05
CA PRO L 67 -6.71 21.29 -96.04
C PRO L 67 -7.88 22.02 -95.40
N LYS L 68 -8.39 21.52 -94.27
CA LYS L 68 -9.52 22.17 -93.62
C LYS L 68 -9.13 23.49 -93.02
N ALA L 69 -7.83 23.66 -92.77
CA ALA L 69 -7.31 24.88 -92.17
C ALA L 69 -7.48 26.08 -93.12
N LEU L 70 -7.13 25.91 -94.38
CA LEU L 70 -7.35 26.98 -95.35
C LEU L 70 -8.80 27.41 -95.33
N GLU L 71 -9.71 26.43 -95.28
CA GLU L 71 -11.12 26.71 -95.52
C GLU L 71 -11.73 27.61 -94.46
N MET L 72 -11.03 27.78 -93.34
CA MET L 72 -11.56 28.59 -92.24
C MET L 72 -11.17 30.05 -92.40
N VAL L 73 -10.22 30.34 -93.28
CA VAL L 73 -9.80 31.72 -93.50
C VAL L 73 -10.91 32.55 -94.13
N SER L 74 -11.31 33.60 -93.43
CA SER L 74 -12.36 34.49 -93.90
C SER L 74 -12.13 34.87 -95.35
N ASP L 75 -13.21 35.09 -96.08
CA ASP L 75 -13.11 35.63 -97.42
C ASP L 75 -12.64 37.07 -97.34
N SER L 76 -13.04 37.73 -96.25
CA SER L 76 -12.67 39.11 -95.99
C SER L 76 -11.15 39.21 -95.85
N THR L 77 -10.59 38.38 -94.98
CA THR L 77 -9.17 38.41 -94.72
C THR L 77 -8.36 38.06 -95.98
N ARG L 78 -8.90 37.18 -96.80
CA ARG L 78 -8.30 36.87 -98.09
C ARG L 78 -8.23 38.13 -98.94
N GLU L 79 -9.36 38.83 -99.02
CA GLU L 79 -9.44 40.03 -99.83
C GLU L 79 -8.28 40.95 -99.53
N THR L 80 -8.16 41.33 -98.26
CA THR L 80 -7.14 42.29 -97.84
C THR L 80 -5.78 41.95 -98.45
N VAL L 81 -5.34 40.72 -98.25
CA VAL L 81 -4.01 40.31 -98.70
C VAL L 81 -3.84 40.55 -100.21
N LEU L 82 -4.93 40.48 -100.96
CA LEU L 82 -4.90 40.82 -102.37
C LEU L 82 -4.84 42.33 -102.59
N LYS L 83 -5.63 43.07 -101.82
CA LYS L 83 -5.65 44.52 -101.93
C LYS L 83 -4.22 45.02 -101.73
N GLN L 84 -3.57 44.53 -100.68
CA GLN L 84 -2.25 45.00 -100.30
C GLN L 84 -1.19 44.65 -101.34
N ILE L 85 -1.22 43.43 -101.86
CA ILE L 85 -0.28 43.04 -102.90
C ILE L 85 -0.50 43.90 -104.15
N ARG L 86 -1.75 44.32 -104.35
CA ARG L 86 -2.09 45.18 -105.48
C ARG L 86 -1.52 46.58 -105.28
N GLU L 87 -1.66 47.10 -104.07
CA GLU L 87 -1.12 48.41 -103.70
C GLU L 87 0.34 48.52 -104.13
N PHE L 88 1.01 47.36 -104.19
CA PHE L 88 2.44 47.33 -104.48
C PHE L 88 2.73 47.19 -105.96
N LEU L 89 2.00 46.33 -106.66
CA LEU L 89 2.25 46.11 -108.08
C LEU L 89 1.92 47.37 -108.90
N GLU L 90 0.93 48.12 -108.45
CA GLU L 90 0.54 49.37 -109.12
C GLU L 90 1.77 50.26 -109.25
N GLU L 91 2.72 50.07 -108.34
CA GLU L 91 3.93 50.88 -108.32
C GLU L 91 4.97 50.38 -109.31
N ILE L 92 4.82 50.79 -110.57
CA ILE L 92 5.78 50.48 -111.63
C ILE L 92 5.89 51.63 -112.63
N LEU M 13 -2.88 37.49 -32.71
CA LEU M 13 -2.51 36.14 -33.11
C LEU M 13 -2.74 35.92 -34.60
N ASN M 14 -2.48 36.97 -35.39
CA ASN M 14 -2.91 37.02 -36.78
C ASN M 14 -1.80 36.63 -37.77
N SER M 15 -2.17 36.43 -39.03
CA SER M 15 -1.21 36.61 -40.12
C SER M 15 -0.87 38.08 -40.00
N GLU M 16 0.12 38.61 -40.71
CA GLU M 16 0.76 38.00 -41.87
C GLU M 16 1.84 37.00 -41.52
N LEU M 17 1.49 35.73 -41.36
CA LEU M 17 2.50 34.70 -41.26
C LEU M 17 2.60 34.04 -42.63
N LEU M 18 3.71 34.25 -43.33
CA LEU M 18 3.97 33.58 -44.59
C LEU M 18 3.99 32.07 -44.35
N GLU M 19 3.89 31.29 -45.43
CA GLU M 19 3.94 29.84 -45.31
C GLU M 19 5.30 29.38 -44.81
N GLU M 20 6.35 30.11 -45.19
CA GLU M 20 7.72 29.82 -44.75
C GLU M 20 7.81 29.84 -43.23
N GLN M 21 7.12 30.80 -42.62
CA GLN M 21 7.18 30.99 -41.18
C GLN M 21 6.34 29.95 -40.43
N LYS M 22 5.23 29.53 -41.04
CA LYS M 22 4.40 28.48 -40.44
C LYS M 22 5.11 27.14 -40.48
N GLN M 23 5.88 26.90 -41.53
CA GLN M 23 6.68 25.69 -41.64
C GLN M 23 7.86 25.75 -40.70
N GLU M 24 8.32 26.96 -40.40
CA GLU M 24 9.43 27.12 -39.49
C GLU M 24 8.98 26.67 -38.10
N ILE M 25 7.81 27.15 -37.69
CA ILE M 25 7.30 26.88 -36.36
C ILE M 25 7.01 25.39 -36.19
N TYR M 26 6.52 24.76 -37.24
CA TYR M 26 6.20 23.34 -37.19
C TYR M 26 7.46 22.50 -37.04
N GLU M 27 8.44 22.74 -37.90
CA GLU M 27 9.62 21.89 -37.94
C GLU M 27 10.44 22.01 -36.66
N ALA M 28 10.45 23.22 -36.07
CA ALA M 28 11.20 23.46 -34.84
C ALA M 28 10.53 22.73 -33.68
N PHE M 29 9.20 22.67 -33.72
CA PHE M 29 8.46 21.95 -32.70
C PHE M 29 8.67 20.46 -32.82
N SER M 30 8.45 19.92 -34.03
CA SER M 30 8.66 18.49 -34.32
C SER M 30 10.06 18.02 -33.95
N LEU M 31 11.04 18.87 -34.14
CA LEU M 31 12.41 18.50 -33.93
C LEU M 31 12.64 18.06 -32.48
N PHE M 32 11.91 18.67 -31.55
CA PHE M 32 12.21 18.46 -30.13
C PHE M 32 11.09 17.79 -29.36
N ASP M 33 10.00 17.50 -30.04
CA ASP M 33 8.96 16.67 -29.47
C ASP M 33 9.43 15.22 -29.58
N MET M 34 10.34 14.83 -28.70
CA MET M 34 11.07 13.57 -28.82
C MET M 34 10.17 12.35 -29.09
N ASN M 35 9.25 12.06 -28.18
CA ASN M 35 8.08 11.24 -28.52
C ASN M 35 7.12 12.17 -29.23
N ASN M 36 6.17 11.68 -30.00
CA ASN M 36 5.39 12.61 -30.81
C ASN M 36 4.06 13.06 -30.19
N ASP M 37 3.98 13.09 -28.87
CA ASP M 37 2.71 13.32 -28.19
C ASP M 37 2.13 14.70 -28.49
N GLY M 38 2.88 15.50 -29.23
CA GLY M 38 2.46 16.84 -29.58
C GLY M 38 2.54 17.78 -28.38
N PHE M 39 3.55 17.54 -27.55
CA PHE M 39 3.80 18.37 -26.37
C PHE M 39 5.29 18.54 -26.16
N LEU M 40 5.69 19.68 -25.63
CA LEU M 40 7.05 19.89 -25.20
C LEU M 40 7.08 20.15 -23.69
N ASP M 41 8.13 19.69 -23.02
CA ASP M 41 8.31 20.03 -21.61
C ASP M 41 9.24 21.24 -21.53
N TYR M 42 9.67 21.62 -20.33
CA TYR M 42 10.46 22.83 -20.19
C TYR M 42 11.73 22.80 -21.03
N HIS M 43 12.46 21.69 -21.02
CA HIS M 43 13.73 21.64 -21.74
C HIS M 43 13.54 21.60 -23.24
N GLU M 44 12.53 20.88 -23.71
CA GLU M 44 12.22 20.79 -25.13
C GLU M 44 11.79 22.16 -25.68
N LEU M 45 11.01 22.90 -24.88
CA LEU M 45 10.53 24.22 -25.29
C LEU M 45 11.71 25.19 -25.40
N LYS M 46 12.64 25.14 -24.45
CA LYS M 46 13.80 26.03 -24.45
C LYS M 46 14.58 25.92 -25.77
N VAL M 47 15.02 24.70 -26.12
CA VAL M 47 15.71 24.49 -27.39
C VAL M 47 14.85 24.66 -28.65
N ALA M 48 13.55 24.33 -28.58
CA ALA M 48 12.69 24.58 -29.72
C ALA M 48 12.60 26.10 -30.06
N MET M 49 12.65 26.96 -29.04
CA MET M 49 12.62 28.39 -29.30
C MET M 49 13.97 28.80 -29.83
N LYS M 50 15.04 28.30 -29.22
CA LYS M 50 16.37 28.59 -29.70
C LYS M 50 16.48 28.19 -31.19
N ALA M 51 15.87 27.05 -31.55
CA ALA M 51 15.82 26.64 -32.94
C ALA M 51 15.28 27.76 -33.85
N LEU M 52 14.26 28.47 -33.38
CA LEU M 52 13.69 29.58 -34.13
C LEU M 52 14.50 30.88 -33.95
N GLY M 53 15.35 30.93 -32.94
CA GLY M 53 16.26 32.04 -32.74
C GLY M 53 15.92 32.89 -31.54
N PHE M 54 15.26 32.31 -30.54
CA PHE M 54 14.88 33.06 -29.35
C PHE M 54 15.41 32.43 -28.07
N GLU M 55 16.21 33.19 -27.34
CA GLU M 55 16.74 32.75 -26.06
C GLU M 55 15.94 33.45 -24.99
N LEU M 56 15.21 32.69 -24.19
CA LEU M 56 14.47 33.28 -23.08
C LEU M 56 14.99 32.78 -21.72
N PRO M 57 14.79 33.57 -20.66
CA PRO M 57 15.16 33.17 -19.29
C PRO M 57 14.25 32.08 -18.72
N LYS M 58 14.81 31.15 -17.93
CA LYS M 58 14.04 30.04 -17.36
C LYS M 58 12.68 30.48 -16.82
N ARG M 59 12.63 31.61 -16.12
CA ARG M 59 11.40 32.03 -15.45
C ARG M 59 10.31 32.29 -16.46
N GLU M 60 10.64 33.03 -17.52
CA GLU M 60 9.64 33.40 -18.55
C GLU M 60 9.11 32.21 -19.32
N ILE M 61 10.00 31.31 -19.74
CA ILE M 61 9.60 30.09 -20.42
C ILE M 61 8.61 29.34 -19.54
N LEU M 62 8.93 29.21 -18.27
CA LEU M 62 8.06 28.52 -17.32
C LEU M 62 6.73 29.29 -17.15
N ASP M 63 6.78 30.61 -17.22
CA ASP M 63 5.56 31.42 -17.17
C ASP M 63 4.67 31.12 -18.37
N LEU M 64 5.29 30.93 -19.54
CA LEU M 64 4.54 30.67 -20.76
C LEU M 64 3.83 29.33 -20.65
N ILE M 65 4.54 28.34 -20.12
CA ILE M 65 3.96 27.03 -19.96
C ILE M 65 2.76 27.18 -19.02
N ASP M 66 2.97 27.74 -17.85
CA ASP M 66 1.89 27.86 -16.86
C ASP M 66 0.70 28.60 -17.42
N GLU M 67 0.97 29.54 -18.30
CA GLU M 67 -0.07 30.40 -18.82
C GLU M 67 -1.02 29.65 -19.77
N TYR M 68 -0.49 28.73 -20.56
CA TYR M 68 -1.31 28.00 -21.54
C TYR M 68 -1.74 26.60 -21.08
N ASP M 69 -1.11 26.10 -20.03
CA ASP M 69 -1.34 24.76 -19.51
C ASP M 69 -2.57 24.65 -18.60
N SER M 70 -3.75 24.51 -19.19
CA SER M 70 -4.97 24.46 -18.41
C SER M 70 -4.88 23.34 -17.37
N GLU M 71 -4.45 22.16 -17.82
CA GLU M 71 -4.31 20.98 -16.97
C GLU M 71 -2.97 21.07 -16.26
N GLY M 72 -2.70 20.13 -15.36
CA GLY M 72 -1.46 20.15 -14.61
C GLY M 72 -0.30 19.61 -15.41
N ARG M 73 -0.56 19.23 -16.66
CA ARG M 73 0.42 18.54 -17.48
C ARG M 73 1.84 19.13 -17.36
N HIS M 74 1.93 20.44 -17.17
CA HIS M 74 3.22 21.15 -17.17
C HIS M 74 3.92 21.04 -18.51
N LEU M 75 3.12 21.01 -19.58
CA LEU M 75 3.64 20.95 -20.93
C LEU M 75 2.97 22.01 -21.78
N MET M 76 3.53 22.28 -22.95
CA MET M 76 2.91 23.21 -23.90
C MET M 76 2.62 22.47 -25.18
N LYS M 77 1.40 22.60 -25.68
CA LYS M 77 1.02 21.91 -26.92
C LYS M 77 1.31 22.76 -28.16
N TYR M 78 1.30 22.13 -29.33
CA TYR M 78 1.69 22.81 -30.56
C TYR M 78 0.81 24.02 -30.92
N ASP M 79 -0.50 23.91 -30.77
CA ASP M 79 -1.40 25.04 -31.03
C ASP M 79 -1.02 26.27 -30.24
N ASP M 80 -0.60 26.09 -29.01
CA ASP M 80 -0.20 27.22 -28.19
C ASP M 80 1.20 27.72 -28.50
N PHE M 81 2.08 26.81 -28.93
CA PHE M 81 3.45 27.16 -29.21
C PHE M 81 3.42 27.97 -30.50
N TYR M 82 2.38 27.74 -31.29
CA TYR M 82 2.23 28.42 -32.57
C TYR M 82 1.86 29.88 -32.35
N ILE M 83 0.99 30.13 -31.38
CA ILE M 83 0.63 31.50 -31.04
C ILE M 83 1.81 32.33 -30.47
N VAL M 84 2.43 31.82 -29.41
CA VAL M 84 3.61 32.45 -28.79
C VAL M 84 4.77 32.77 -29.76
N MET M 85 5.07 31.86 -30.68
CA MET M 85 6.14 32.07 -31.65
C MET M 85 5.66 32.88 -32.83
N GLY M 86 4.37 32.83 -33.10
CA GLY M 86 3.83 33.59 -34.21
C GLY M 86 4.06 35.05 -33.87
N GLU M 87 3.61 35.46 -32.68
CA GLU M 87 3.82 36.81 -32.19
C GLU M 87 5.29 37.19 -32.27
N LYS M 88 6.14 36.37 -31.66
CA LYS M 88 7.56 36.68 -31.62
C LYS M 88 8.19 36.77 -33.02
N ILE M 89 7.65 36.04 -33.99
CA ILE M 89 8.29 35.98 -35.30
C ILE M 89 7.89 37.21 -36.09
N LEU M 90 6.69 37.69 -35.86
CA LEU M 90 6.18 38.86 -36.57
C LEU M 90 6.87 40.12 -36.10
N LYS M 91 7.16 40.19 -34.81
CA LYS M 91 7.78 41.38 -34.24
C LYS M 91 9.27 41.43 -34.58
N ARG M 92 9.80 40.32 -35.08
CA ARG M 92 11.21 40.26 -35.42
C ARG M 92 11.53 41.22 -36.56
N ASP M 93 12.75 41.75 -36.58
CA ASP M 93 13.14 42.68 -37.63
C ASP M 93 13.84 42.00 -38.80
N PRO M 94 13.19 42.00 -39.97
CA PRO M 94 13.68 41.30 -41.16
C PRO M 94 15.12 41.63 -41.53
N LEU M 95 15.55 42.86 -41.26
CA LEU M 95 16.92 43.27 -41.56
C LEU M 95 17.89 42.50 -40.69
N ASP M 96 17.56 42.32 -39.42
CA ASP M 96 18.47 41.62 -38.52
C ASP M 96 18.69 40.17 -38.95
N GLU M 97 17.64 39.50 -39.42
CA GLU M 97 17.75 38.12 -39.91
C GLU M 97 18.73 38.05 -41.06
N ILE M 98 18.55 38.95 -42.03
CA ILE M 98 19.42 39.03 -43.18
C ILE M 98 20.87 39.18 -42.71
N LYS M 99 21.14 40.21 -41.90
CA LYS M 99 22.48 40.42 -41.38
C LYS M 99 23.07 39.14 -40.83
N ARG M 100 22.31 38.48 -39.95
CA ARG M 100 22.73 37.22 -39.31
C ARG M 100 23.03 36.14 -40.35
N ALA M 101 22.20 36.05 -41.38
CA ALA M 101 22.42 35.11 -42.47
C ALA M 101 23.74 35.40 -43.21
N PHE M 102 24.07 36.68 -43.36
CA PHE M 102 25.30 37.03 -44.05
C PHE M 102 26.51 36.49 -43.29
N GLN M 103 26.45 36.51 -41.97
CA GLN M 103 27.53 35.96 -41.15
C GLN M 103 27.74 34.48 -41.47
N LEU M 104 26.66 33.72 -41.51
CA LEU M 104 26.74 32.30 -41.78
C LEU M 104 27.34 32.02 -43.15
N PHE M 105 27.05 32.87 -44.13
CA PHE M 105 27.63 32.72 -45.46
C PHE M 105 29.12 33.04 -45.44
N ASP M 106 29.48 34.12 -44.75
CA ASP M 106 30.88 34.50 -44.61
C ASP M 106 31.46 33.99 -43.29
N ASP M 107 31.67 32.68 -43.23
CA ASP M 107 32.32 32.03 -42.08
C ASP M 107 33.79 32.42 -41.96
N ASP M 108 34.39 32.84 -43.08
CA ASP M 108 35.80 33.25 -43.12
C ASP M 108 35.97 34.72 -42.75
N HIS M 109 34.90 35.34 -42.26
CA HIS M 109 34.90 36.72 -41.76
C HIS M 109 35.64 37.72 -42.65
N THR M 110 35.78 37.41 -43.93
CA THR M 110 36.44 38.31 -44.86
C THR M 110 35.58 39.53 -45.18
N GLY M 111 34.44 39.64 -44.52
CA GLY M 111 33.49 40.69 -44.81
C GLY M 111 32.88 40.53 -46.20
N LYS M 112 33.34 39.50 -46.92
CA LYS M 112 32.92 39.28 -48.30
C LYS M 112 32.54 37.81 -48.53
N ILE M 113 31.43 37.59 -49.22
CA ILE M 113 31.03 36.23 -49.59
C ILE M 113 31.76 35.77 -50.84
N SER M 114 32.72 34.88 -50.68
CA SER M 114 33.50 34.34 -51.78
C SER M 114 32.76 33.24 -52.52
N ILE M 115 33.39 32.69 -53.55
CA ILE M 115 32.81 31.56 -54.25
C ILE M 115 33.04 30.29 -53.43
N LYS M 116 34.12 30.31 -52.65
CA LYS M 116 34.41 29.21 -51.72
C LYS M 116 33.38 29.25 -50.61
N ASN M 117 33.01 30.48 -50.24
CA ASN M 117 31.98 30.72 -49.26
C ASN M 117 30.63 30.15 -49.70
N LEU M 118 30.27 30.42 -50.95
CA LEU M 118 28.96 30.02 -51.48
C LEU M 118 28.91 28.54 -51.78
N ARG M 119 29.98 28.04 -52.40
CA ARG M 119 30.10 26.63 -52.76
C ARG M 119 29.95 25.75 -51.52
N ARG M 120 30.39 26.28 -50.39
CA ARG M 120 30.30 25.57 -49.11
C ARG M 120 28.85 25.46 -48.65
N VAL M 121 28.18 26.61 -48.54
CA VAL M 121 26.78 26.60 -48.12
C VAL M 121 25.94 25.72 -49.05
N ALA M 122 26.37 25.59 -50.31
CA ALA M 122 25.71 24.70 -51.24
C ALA M 122 25.73 23.29 -50.69
N LYS M 123 26.91 22.79 -50.36
CA LYS M 123 27.04 21.44 -49.82
C LYS M 123 26.07 21.25 -48.66
N GLU M 124 26.21 22.08 -47.63
CA GLU M 124 25.46 21.96 -46.38
C GLU M 124 23.95 21.87 -46.58
N LEU M 125 23.44 22.53 -47.62
CA LEU M 125 22.00 22.53 -47.89
C LEU M 125 21.61 21.36 -48.79
N GLY M 126 22.59 20.53 -49.14
CA GLY M 126 22.39 19.43 -50.07
C GLY M 126 22.05 19.95 -51.45
N GLU M 127 22.75 21.00 -51.87
CA GLU M 127 22.45 21.69 -53.11
C GLU M 127 23.24 21.16 -54.31
N THR M 128 22.52 20.97 -55.42
CA THR M 128 23.10 20.46 -56.66
C THR M 128 23.27 21.58 -57.70
N LEU M 129 24.31 22.40 -57.50
CA LEU M 129 24.62 23.47 -58.43
C LEU M 129 26.02 23.29 -58.99
N THR M 130 26.19 23.66 -60.26
CA THR M 130 27.48 23.53 -60.91
C THR M 130 28.43 24.61 -60.40
N ASP M 131 29.73 24.42 -60.60
CA ASP M 131 30.70 25.43 -60.19
C ASP M 131 30.59 26.66 -61.08
N GLU M 132 29.70 26.61 -62.06
CA GLU M 132 29.50 27.73 -62.96
C GLU M 132 28.20 28.45 -62.64
N GLU M 133 27.21 27.69 -62.16
CA GLU M 133 25.95 28.29 -61.73
C GLU M 133 26.19 29.11 -60.47
N LEU M 134 27.09 28.64 -59.62
CA LEU M 134 27.52 29.37 -58.44
C LEU M 134 28.22 30.65 -58.87
N ARG M 135 29.17 30.51 -59.80
CA ARG M 135 29.87 31.66 -60.33
C ARG M 135 28.88 32.67 -60.91
N ALA M 136 27.69 32.19 -61.26
CA ALA M 136 26.66 33.03 -61.85
C ALA M 136 25.86 33.76 -60.76
N MET M 137 25.55 33.05 -59.68
CA MET M 137 24.81 33.65 -58.58
C MET M 137 25.57 34.89 -58.11
N ILE M 138 26.88 34.76 -58.03
CA ILE M 138 27.71 35.82 -57.49
C ILE M 138 27.84 37.00 -58.45
N GLU M 139 27.94 36.72 -59.74
CA GLU M 139 28.19 37.78 -60.71
C GLU M 139 26.94 38.60 -60.99
N GLU M 140 25.78 37.96 -60.93
CA GLU M 140 24.51 38.65 -61.20
C GLU M 140 24.29 39.84 -60.27
N PHE M 141 24.91 39.78 -59.09
CA PHE M 141 24.74 40.84 -58.10
C PHE M 141 26.09 41.43 -57.68
N ASP M 142 27.15 41.08 -58.41
CA ASP M 142 28.49 41.57 -58.11
C ASP M 142 28.74 42.92 -58.74
N LEU M 143 28.00 43.93 -58.27
CA LEU M 143 28.24 45.31 -58.68
C LEU M 143 29.68 45.69 -58.32
N ASP M 144 30.17 45.14 -57.21
CA ASP M 144 31.49 45.45 -56.70
C ASP M 144 32.56 45.29 -57.78
N GLY M 145 32.37 44.32 -58.67
CA GLY M 145 33.35 44.03 -59.70
C GLY M 145 34.65 43.49 -59.13
N ASP M 146 34.57 42.63 -58.12
CA ASP M 146 35.75 42.04 -57.50
C ASP M 146 35.55 40.56 -57.18
N GLY M 147 34.57 39.95 -57.83
CA GLY M 147 34.32 38.52 -57.70
C GLY M 147 33.84 38.09 -56.32
N GLU M 148 33.44 39.06 -55.51
CA GLU M 148 32.97 38.77 -54.16
C GLU M 148 31.80 39.69 -53.81
N ILE M 149 31.02 39.27 -52.82
CA ILE M 149 29.83 40.00 -52.43
C ILE M 149 29.97 40.55 -51.03
N ASN M 150 30.03 41.88 -50.91
CA ASN M 150 30.12 42.51 -49.61
C ASN M 150 28.77 42.47 -48.91
N GLU M 151 28.72 42.85 -47.64
CA GLU M 151 27.47 42.88 -46.87
C GLU M 151 26.42 43.80 -47.48
N ASN M 152 26.88 44.83 -48.18
CA ASN M 152 25.99 45.79 -48.82
C ASN M 152 25.15 45.15 -49.93
N GLU M 153 25.78 44.30 -50.73
CA GLU M 153 25.13 43.69 -51.88
C GLU M 153 24.16 42.59 -51.44
N PHE M 154 24.59 41.81 -50.46
CA PHE M 154 23.78 40.70 -49.93
C PHE M 154 22.43 41.17 -49.42
N ILE M 155 22.43 42.27 -48.69
CA ILE M 155 21.20 42.82 -48.14
C ILE M 155 20.24 43.24 -49.25
N ALA M 156 20.77 43.82 -50.33
CA ALA M 156 19.94 44.20 -51.47
C ALA M 156 19.29 42.99 -52.15
N ILE M 157 19.99 41.85 -52.13
CA ILE M 157 19.47 40.60 -52.68
C ILE M 157 18.38 40.00 -51.80
N CYS M 158 18.46 40.27 -50.49
CA CYS M 158 17.53 39.65 -49.55
C CYS M 158 16.29 40.51 -49.32
N THR M 159 16.49 41.82 -49.16
CA THR M 159 15.38 42.72 -48.93
C THR M 159 14.32 42.47 -49.98
N ASP M 160 14.76 42.44 -51.24
CA ASP M 160 13.90 42.05 -52.37
C ASP M 160 14.32 42.81 -53.63
N SER N 2 36.52 -32.05 44.71
CA SER N 2 36.71 -32.43 43.32
C SER N 2 35.37 -32.62 42.60
N LYS N 3 34.28 -32.66 43.35
CA LYS N 3 32.94 -32.77 42.76
C LYS N 3 32.62 -31.49 42.01
N GLN N 4 32.84 -30.34 42.66
CA GLN N 4 32.50 -29.06 42.07
C GLN N 4 33.68 -28.38 41.40
N VAL N 5 34.90 -28.81 41.71
CA VAL N 5 36.07 -28.27 41.03
C VAL N 5 36.04 -28.61 39.55
N ILE N 6 35.77 -29.87 39.24
CA ILE N 6 35.71 -30.34 37.86
C ILE N 6 34.45 -29.85 37.16
N THR N 7 33.34 -29.78 37.90
CA THR N 7 32.10 -29.26 37.34
C THR N 7 32.29 -27.82 36.89
N GLU N 8 32.93 -27.01 37.72
CA GLU N 8 33.19 -25.63 37.33
C GLU N 8 34.02 -25.59 36.07
N GLN N 9 35.24 -26.09 36.13
CA GLN N 9 36.14 -26.02 34.98
C GLN N 9 35.38 -26.37 33.70
N ILE N 10 34.56 -27.41 33.77
CA ILE N 10 33.80 -27.87 32.62
C ILE N 10 32.78 -26.80 32.17
N ALA N 11 31.99 -26.28 33.09
CA ALA N 11 31.01 -25.26 32.75
C ALA N 11 31.69 -24.01 32.20
N ASN N 12 32.78 -23.60 32.83
CA ASN N 12 33.58 -22.49 32.30
C ASN N 12 34.04 -22.76 30.87
N ASP N 13 34.72 -23.87 30.66
CA ASP N 13 35.19 -24.19 29.33
C ASP N 13 34.05 -24.20 28.33
N LEU N 14 32.90 -24.70 28.74
CA LEU N 14 31.74 -24.79 27.84
C LEU N 14 31.22 -23.40 27.47
N VAL N 15 31.05 -22.55 28.46
CA VAL N 15 30.59 -21.18 28.20
C VAL N 15 31.58 -20.43 27.33
N LYS N 16 32.87 -20.55 27.64
CA LYS N 16 33.88 -19.88 26.86
C LYS N 16 33.79 -20.38 25.42
N GLU N 17 33.52 -21.67 25.25
CA GLU N 17 33.49 -22.25 23.91
C GLU N 17 32.28 -21.76 23.08
N VAL N 18 31.09 -21.73 23.70
CA VAL N 18 29.92 -21.15 23.05
C VAL N 18 30.14 -19.69 22.74
N VAL N 19 30.65 -18.91 23.69
CA VAL N 19 30.77 -17.48 23.50
C VAL N 19 31.77 -17.11 22.41
N ASN N 20 32.92 -17.78 22.38
CA ASN N 20 33.90 -17.54 21.34
C ASN N 20 33.33 -17.76 19.95
N SER N 21 32.78 -18.93 19.70
CA SER N 21 32.23 -19.22 18.39
C SER N 21 31.12 -18.23 18.02
N SER N 22 30.29 -17.83 18.98
CA SER N 22 29.27 -16.84 18.70
C SER N 22 29.91 -15.53 18.30
N VAL N 23 30.89 -15.08 19.08
CA VAL N 23 31.57 -13.85 18.77
C VAL N 23 32.21 -13.88 17.39
N ILE N 24 32.93 -14.95 17.06
CA ILE N 24 33.53 -15.08 15.75
C ILE N 24 32.48 -14.91 14.64
N SER N 25 31.37 -15.67 14.73
CA SER N 25 30.33 -15.55 13.74
C SER N 25 29.73 -14.12 13.66
N ILE N 26 29.60 -13.45 14.81
CA ILE N 26 29.02 -12.11 14.85
C ILE N 26 29.95 -11.07 14.23
N VAL N 27 31.22 -11.10 14.60
CA VAL N 27 32.25 -10.25 13.97
C VAL N 27 32.32 -10.50 12.47
N LYS N 28 32.09 -11.73 12.05
CA LYS N 28 32.05 -12.04 10.64
C LYS N 28 30.85 -11.35 9.97
N ARG N 29 29.66 -11.46 10.58
CA ARG N 29 28.46 -10.81 9.98
C ARG N 29 28.82 -9.34 9.80
N GLU N 30 29.23 -8.68 10.90
CA GLU N 30 29.44 -7.24 10.88
C GLU N 30 30.44 -6.78 9.82
N PHE N 31 31.55 -7.49 9.70
CA PHE N 31 32.55 -7.19 8.67
C PHE N 31 31.95 -7.36 7.27
N SER N 32 31.23 -8.45 7.02
CA SER N 32 30.68 -8.65 5.69
C SER N 32 29.58 -7.62 5.40
N GLU N 33 28.68 -7.37 6.35
CA GLU N 33 27.68 -6.32 6.18
C GLU N 33 28.35 -4.98 5.90
N ALA N 34 29.49 -4.73 6.54
CA ALA N 34 30.21 -3.50 6.28
C ALA N 34 30.75 -3.48 4.86
N ASN N 35 31.23 -4.61 4.38
CA ASN N 35 31.81 -4.68 3.05
C ASN N 35 30.78 -4.53 1.94
N TYR N 36 29.64 -5.19 2.06
CA TYR N 36 28.61 -5.14 1.04
C TYR N 36 28.19 -3.70 0.89
N ARG N 37 27.94 -3.05 2.01
CA ARG N 37 27.49 -1.68 2.02
C ARG N 37 28.54 -0.74 1.39
N LYS N 38 29.80 -0.97 1.68
CA LYS N 38 30.88 -0.21 1.07
C LYS N 38 30.87 -0.43 -0.44
N ASP N 39 30.62 -1.66 -0.87
CA ASP N 39 30.58 -1.97 -2.28
C ASP N 39 29.37 -1.31 -2.94
N PHE N 40 28.28 -1.22 -2.20
CA PHE N 40 27.03 -0.70 -2.70
C PHE N 40 27.11 0.81 -2.87
N ILE N 41 27.62 1.50 -1.87
CA ILE N 41 27.76 2.92 -1.97
C ILE N 41 28.74 3.26 -3.09
N ASP N 42 29.82 2.50 -3.21
CA ASP N 42 30.81 2.75 -4.26
C ASP N 42 30.20 2.60 -5.65
N THR N 43 29.41 1.56 -5.83
CA THR N 43 28.87 1.26 -7.14
C THR N 43 27.78 2.28 -7.45
N MET N 44 26.98 2.62 -6.45
CA MET N 44 25.86 3.54 -6.58
C MET N 44 26.36 4.95 -6.86
N THR N 45 27.49 5.29 -6.23
CA THR N 45 28.10 6.58 -6.47
C THR N 45 28.41 6.76 -7.95
N ARG N 46 29.12 5.80 -8.53
CA ARG N 46 29.50 5.90 -9.93
C ARG N 46 28.25 5.89 -10.82
N GLU N 47 27.21 5.17 -10.41
CA GLU N 47 26.01 5.11 -11.23
C GLU N 47 25.28 6.45 -11.27
N LEU N 48 25.33 7.20 -10.17
CA LEU N 48 24.66 8.50 -10.11
C LEU N 48 25.45 9.52 -10.92
N TYR N 49 26.75 9.59 -10.67
CA TYR N 49 27.61 10.55 -11.35
C TYR N 49 27.44 10.40 -12.86
N ASP N 50 27.34 9.16 -13.32
CA ASP N 50 27.19 8.90 -14.75
C ASP N 50 25.81 9.25 -15.27
N ALA N 51 24.82 9.22 -14.38
CA ALA N 51 23.48 9.66 -14.74
C ALA N 51 23.51 11.17 -14.97
N PHE N 52 24.18 11.88 -14.07
CA PHE N 52 24.23 13.33 -14.14
C PHE N 52 24.87 13.75 -15.45
N LEU N 53 26.09 13.28 -15.70
CA LEU N 53 26.80 13.58 -16.92
C LEU N 53 25.99 13.23 -18.14
N HIS N 54 25.34 12.07 -18.14
CA HIS N 54 24.53 11.66 -19.28
C HIS N 54 23.47 12.71 -19.57
N GLU N 55 22.92 13.29 -18.52
CA GLU N 55 21.92 14.34 -18.65
C GLU N 55 22.54 15.61 -19.20
N ARG N 56 23.58 16.10 -18.54
CA ARG N 56 24.29 17.28 -19.01
C ARG N 56 24.59 17.13 -20.50
N LEU N 57 25.05 15.95 -20.88
CA LEU N 57 25.44 15.65 -22.25
C LEU N 57 24.24 15.74 -23.17
N TYR N 58 23.11 15.18 -22.73
CA TYR N 58 21.90 15.23 -23.52
C TYR N 58 21.48 16.69 -23.71
N LEU N 59 21.43 17.45 -22.62
CA LEU N 59 21.00 18.85 -22.69
C LEU N 59 21.88 19.62 -23.66
N ILE N 60 23.18 19.31 -23.68
CA ILE N 60 24.09 19.98 -24.61
C ILE N 60 23.80 19.54 -26.03
N TYR N 61 23.53 18.25 -26.20
CA TYR N 61 23.08 17.77 -27.49
C TYR N 61 21.85 18.57 -27.98
N MET N 62 20.81 18.67 -27.16
CA MET N 62 19.59 19.40 -27.54
C MET N 62 19.95 20.79 -28.03
N ASP N 63 20.68 21.52 -27.20
CA ASP N 63 21.16 22.83 -27.54
C ASP N 63 21.86 22.82 -28.90
N SER N 64 22.83 21.93 -29.07
CA SER N 64 23.58 21.87 -30.31
C SER N 64 22.67 21.67 -31.52
N ARG N 65 21.75 20.73 -31.42
CA ARG N 65 20.76 20.52 -32.47
C ARG N 65 20.01 21.81 -32.80
N ALA N 66 19.58 22.53 -31.77
CA ALA N 66 18.75 23.72 -31.95
C ALA N 66 19.53 24.87 -32.59
N GLU N 67 20.86 24.81 -32.49
CA GLU N 67 21.72 25.83 -33.09
C GLU N 67 21.94 25.55 -34.56
N LEU N 68 22.28 24.31 -34.89
CA LEU N 68 22.40 23.92 -36.28
C LEU N 68 21.08 24.10 -37.03
N LYS N 69 19.95 23.98 -36.33
CA LYS N 69 18.65 24.10 -36.97
C LYS N 69 18.39 25.55 -37.35
N ARG N 70 18.63 26.45 -36.42
CA ARG N 70 18.47 27.86 -36.68
C ARG N 70 19.36 28.23 -37.89
N ASN N 71 20.65 27.91 -37.82
CA ASN N 71 21.57 28.29 -38.89
C ASN N 71 21.22 27.66 -40.23
N SER N 72 20.81 26.40 -40.20
CA SER N 72 20.39 25.71 -41.41
C SER N 72 19.17 26.37 -42.06
N THR N 73 18.20 26.78 -41.25
CA THR N 73 17.00 27.41 -41.76
C THR N 73 17.34 28.73 -42.44
N LEU N 74 18.14 29.56 -41.77
CA LEU N 74 18.51 30.86 -42.30
C LEU N 74 19.27 30.70 -43.61
N LYS N 75 20.24 29.80 -43.63
CA LYS N 75 21.01 29.59 -44.85
C LYS N 75 20.11 29.10 -45.97
N LYS N 76 19.24 28.15 -45.66
CA LYS N 76 18.35 27.59 -46.66
C LYS N 76 17.38 28.65 -47.20
N LYS N 77 16.85 29.49 -46.31
CA LYS N 77 15.89 30.51 -46.70
C LYS N 77 16.48 31.47 -47.73
N PHE N 78 17.58 32.13 -47.37
CA PHE N 78 18.14 33.17 -48.21
C PHE N 78 18.95 32.62 -49.39
N PHE N 79 19.53 31.44 -49.26
CA PHE N 79 20.20 30.85 -50.41
C PHE N 79 19.16 30.58 -51.48
N GLU N 80 17.98 30.09 -51.06
CA GLU N 80 16.92 29.75 -52.01
C GLU N 80 16.30 30.97 -52.68
N LYS N 81 16.20 32.08 -51.95
CA LYS N 81 15.78 33.33 -52.52
C LYS N 81 16.85 33.85 -53.49
N TRP N 82 18.09 33.91 -53.01
CA TRP N 82 19.24 34.31 -53.83
C TRP N 82 19.24 33.59 -55.18
N GLN N 83 19.15 32.27 -55.17
CA GLN N 83 19.18 31.51 -56.41
C GLN N 83 18.00 31.84 -57.32
N ALA N 84 16.81 31.97 -56.74
CA ALA N 84 15.60 32.20 -57.50
C ALA N 84 15.43 33.67 -57.93
N SER N 85 16.42 34.51 -57.61
CA SER N 85 16.39 35.93 -57.98
C SER N 85 16.87 36.13 -59.41
N ALA O 6 17.67 -2.52 -9.48
CA ALA O 6 17.48 -3.15 -8.17
C ALA O 6 16.45 -2.38 -7.37
N GLN O 7 15.67 -3.10 -6.56
CA GLN O 7 14.60 -2.48 -5.79
C GLN O 7 15.10 -1.24 -5.04
N LEU O 8 16.10 -1.41 -4.18
CA LEU O 8 16.53 -0.35 -3.30
C LEU O 8 17.05 0.84 -4.09
N LYS O 9 17.81 0.57 -5.15
CA LYS O 9 18.38 1.64 -5.97
C LYS O 9 17.28 2.57 -6.45
N SER O 10 16.23 2.02 -7.03
CA SER O 10 15.13 2.83 -7.50
C SER O 10 14.59 3.69 -6.36
N GLN O 11 14.47 3.10 -5.18
CA GLN O 11 14.02 3.84 -4.01
C GLN O 11 14.95 5.02 -3.77
N ILE O 12 16.26 4.76 -3.84
CA ILE O 12 17.27 5.76 -3.54
C ILE O 12 17.21 6.91 -4.54
N GLN O 13 16.88 6.58 -5.79
CA GLN O 13 16.82 7.61 -6.83
C GLN O 13 15.69 8.58 -6.52
N GLN O 14 14.51 8.05 -6.23
CA GLN O 14 13.37 8.92 -5.96
C GLN O 14 13.67 9.88 -4.81
N TYR O 15 14.34 9.40 -3.77
CA TYR O 15 14.69 10.25 -2.64
C TYR O 15 15.65 11.36 -3.07
N LEU O 16 16.69 10.98 -3.80
CA LEU O 16 17.66 11.93 -4.30
C LEU O 16 16.96 13.10 -5.01
N VAL O 17 16.05 12.76 -5.91
CA VAL O 17 15.35 13.75 -6.72
C VAL O 17 14.37 14.54 -5.85
N GLU O 18 13.50 13.81 -5.17
CA GLU O 18 12.41 14.40 -4.40
C GLU O 18 12.93 15.37 -3.34
N SER O 19 14.10 15.10 -2.80
CA SER O 19 14.67 15.91 -1.72
C SER O 19 15.47 17.08 -2.29
N GLY O 20 15.42 17.27 -3.60
CA GLY O 20 16.10 18.37 -4.24
C GLY O 20 17.61 18.18 -4.25
N ASN O 21 18.08 17.15 -3.55
CA ASN O 21 19.50 16.81 -3.58
C ASN O 21 19.98 16.73 -5.04
N TYR O 22 19.12 16.24 -5.93
CA TYR O 22 19.46 16.15 -7.34
C TYR O 22 19.78 17.53 -7.91
N GLU O 23 18.88 18.48 -7.72
CA GLU O 23 19.11 19.85 -8.20
C GLU O 23 20.43 20.40 -7.70
N LEU O 24 20.72 20.20 -6.41
CA LEU O 24 21.98 20.68 -5.83
C LEU O 24 23.18 20.14 -6.60
N ILE O 25 23.24 18.82 -6.73
CA ILE O 25 24.38 18.18 -7.38
C ILE O 25 24.41 18.52 -8.88
N SER O 26 23.23 18.68 -9.47
CA SER O 26 23.11 18.88 -10.92
C SER O 26 23.57 20.27 -11.30
N ASN O 27 22.98 21.26 -10.65
CA ASN O 27 23.35 22.64 -10.85
C ASN O 27 24.83 22.84 -10.60
N GLU O 28 25.30 22.47 -9.41
CA GLU O 28 26.68 22.68 -9.04
C GLU O 28 27.64 22.08 -10.07
N LEU O 29 27.27 20.92 -10.60
CA LEU O 29 28.08 20.26 -11.62
C LEU O 29 28.07 21.09 -12.89
N LYS O 30 26.89 21.58 -13.25
CA LYS O 30 26.74 22.44 -14.40
C LYS O 30 27.71 23.60 -14.24
N ALA O 31 27.48 24.39 -13.19
CA ALA O 31 28.28 25.57 -12.90
C ALA O 31 29.76 25.32 -13.20
N ARG O 32 30.33 24.32 -12.54
CA ARG O 32 31.75 24.04 -12.68
C ARG O 32 32.14 23.79 -14.13
N LEU O 33 31.50 22.81 -14.77
CA LEU O 33 31.81 22.46 -16.15
C LEU O 33 31.72 23.69 -17.07
N LEU O 34 30.63 24.44 -16.97
CA LEU O 34 30.45 25.63 -17.77
C LEU O 34 31.66 26.56 -17.64
N GLN O 35 32.11 26.78 -16.41
CA GLN O 35 33.21 27.70 -16.14
C GLN O 35 34.54 27.22 -16.70
N GLU O 36 34.82 25.92 -16.54
CA GLU O 36 36.07 25.35 -17.02
C GLU O 36 36.04 25.23 -18.53
N GLY O 37 35.03 25.87 -19.14
CA GLY O 37 34.88 25.82 -20.57
C GLY O 37 34.37 24.47 -21.04
N TRP O 38 34.18 23.52 -20.12
CA TRP O 38 33.68 22.20 -20.48
C TRP O 38 32.44 22.29 -21.35
N VAL O 39 31.52 23.19 -21.01
CA VAL O 39 30.32 23.35 -21.81
C VAL O 39 30.68 23.80 -23.23
N ASP O 40 31.69 24.65 -23.35
CA ASP O 40 32.13 25.14 -24.66
C ASP O 40 32.92 24.08 -25.42
N LYS O 41 33.79 23.38 -24.72
CA LYS O 41 34.61 22.31 -25.30
C LYS O 41 33.70 21.20 -25.80
N VAL O 42 32.71 20.87 -25.00
CA VAL O 42 31.83 19.75 -25.30
C VAL O 42 30.73 20.20 -26.25
N LYS O 43 30.33 21.47 -26.18
CA LYS O 43 29.36 21.97 -27.13
C LYS O 43 30.04 22.05 -28.47
N ASP O 44 31.32 22.41 -28.43
CA ASP O 44 32.12 22.51 -29.64
C ASP O 44 32.35 21.12 -30.21
N LEU O 45 32.74 20.20 -29.35
CA LEU O 45 33.07 18.84 -29.76
C LEU O 45 31.82 18.07 -30.16
N THR O 46 30.72 18.34 -29.47
CA THR O 46 29.45 17.65 -29.75
C THR O 46 28.79 18.28 -30.96
N LYS O 47 28.89 19.60 -31.07
CA LYS O 47 28.33 20.29 -32.22
C LYS O 47 29.21 19.98 -33.41
N SER O 48 30.45 19.60 -33.14
CA SER O 48 31.38 19.22 -34.18
C SER O 48 31.00 17.85 -34.69
N GLU O 49 30.87 16.91 -33.76
CA GLU O 49 30.46 15.56 -34.07
C GLU O 49 29.06 15.57 -34.69
N MET O 50 28.30 16.61 -34.39
CA MET O 50 26.88 16.66 -34.69
C MET O 50 26.50 16.52 -36.16
N ASN O 51 27.43 16.83 -37.06
CA ASN O 51 27.06 17.17 -38.43
C ASN O 51 26.87 16.02 -39.43
N ILE O 52 25.93 16.24 -40.34
CA ILE O 52 25.88 15.59 -41.67
C ILE O 52 26.21 14.10 -41.79
N ASN O 53 25.81 13.29 -40.82
CA ASN O 53 25.70 11.86 -41.07
C ASN O 53 24.22 11.58 -41.18
N GLU O 54 23.48 12.64 -41.50
CA GLU O 54 22.08 12.75 -41.17
C GLU O 54 22.02 12.99 -39.66
N SER O 55 23.20 13.21 -39.09
CA SER O 55 23.34 13.59 -37.68
C SER O 55 22.54 12.63 -36.82
N THR O 56 22.90 11.36 -36.90
CA THR O 56 22.06 10.29 -36.38
C THR O 56 21.90 10.32 -34.86
N ASN O 57 20.94 9.55 -34.38
CA ASN O 57 20.38 9.71 -33.05
C ASN O 57 21.39 9.90 -31.91
N PHE O 58 20.98 10.62 -30.88
CA PHE O 58 21.84 11.01 -29.77
C PHE O 58 22.82 9.93 -29.37
N THR O 59 22.34 8.69 -29.28
CA THR O 59 23.21 7.58 -28.91
C THR O 59 24.47 7.57 -29.75
N GLN O 60 24.31 7.69 -31.07
CA GLN O 60 25.45 7.69 -31.98
C GLN O 60 26.54 8.69 -31.58
N ILE O 61 26.17 9.95 -31.38
CA ILE O 61 27.12 10.97 -30.98
C ILE O 61 27.60 10.70 -29.55
N LEU O 62 26.68 10.22 -28.72
CA LEU O 62 26.96 9.88 -27.33
C LEU O 62 28.07 8.85 -27.26
N SER O 63 27.81 7.70 -27.87
CA SER O 63 28.79 6.64 -28.02
C SER O 63 30.18 7.17 -28.41
N THR O 64 30.22 8.16 -29.31
CA THR O 64 31.49 8.60 -29.88
C THR O 64 32.26 9.59 -28.98
N VAL O 65 31.58 10.64 -28.53
CA VAL O 65 32.27 11.72 -27.82
C VAL O 65 32.01 11.72 -26.30
N GLU O 66 31.26 10.73 -25.82
CA GLU O 66 30.97 10.68 -24.39
C GLU O 66 32.23 10.45 -23.57
N PRO O 67 32.99 9.38 -23.88
CA PRO O 67 34.22 9.11 -23.13
C PRO O 67 35.09 10.35 -23.08
N LYS O 68 35.32 10.96 -24.25
CA LYS O 68 36.14 12.15 -24.34
C LYS O 68 35.63 13.22 -23.38
N ALA O 69 34.30 13.37 -23.34
CA ALA O 69 33.65 14.34 -22.47
C ALA O 69 33.93 14.04 -21.01
N LEU O 70 33.69 12.78 -20.61
CA LEU O 70 33.88 12.37 -19.23
C LEU O 70 35.21 12.87 -18.66
N GLU O 71 36.29 12.63 -19.38
CA GLU O 71 37.63 12.93 -18.89
C GLU O 71 37.84 14.42 -18.71
N MET O 72 37.47 15.19 -19.74
CA MET O 72 37.73 16.62 -19.78
C MET O 72 37.17 17.35 -18.56
N VAL O 73 36.23 16.72 -17.85
CA VAL O 73 35.77 17.28 -16.58
C VAL O 73 37.01 17.58 -15.76
N SER O 74 37.09 18.75 -15.15
CA SER O 74 38.23 19.03 -14.30
C SER O 74 38.24 17.95 -13.25
N ASP O 75 39.33 17.21 -13.19
CA ASP O 75 39.45 16.15 -12.20
C ASP O 75 39.29 16.73 -10.80
N SER O 76 39.49 18.04 -10.68
CA SER O 76 39.35 18.73 -9.40
C SER O 76 37.88 18.82 -8.96
N THR O 77 36.99 19.13 -9.90
CA THR O 77 35.57 19.23 -9.56
C THR O 77 34.87 17.88 -9.63
N ARG O 78 35.44 16.96 -10.39
CA ARG O 78 34.90 15.61 -10.46
C ARG O 78 34.80 15.10 -9.03
N GLU O 79 35.91 15.22 -8.29
CA GLU O 79 35.99 14.71 -6.92
C GLU O 79 34.91 15.31 -6.01
N THR O 80 34.77 16.62 -6.03
CA THR O 80 33.78 17.29 -5.17
C THR O 80 32.37 16.77 -5.45
N VAL O 81 32.08 16.46 -6.71
CA VAL O 81 30.78 15.93 -7.08
C VAL O 81 30.60 14.51 -6.55
N LEU O 82 31.58 13.65 -6.78
CA LEU O 82 31.54 12.29 -6.24
C LEU O 82 31.51 12.32 -4.72
N LYS O 83 32.17 13.30 -4.13
CA LYS O 83 32.28 13.40 -2.68
C LYS O 83 30.94 13.78 -2.07
N GLN O 84 30.12 14.52 -2.80
CA GLN O 84 28.79 14.93 -2.33
C GLN O 84 27.75 13.84 -2.59
N ILE O 85 27.95 13.08 -3.66
CA ILE O 85 27.07 11.96 -3.96
C ILE O 85 27.37 10.90 -2.93
N ARG O 86 28.64 10.53 -2.81
CA ARG O 86 29.06 9.58 -1.80
C ARG O 86 28.62 10.08 -0.45
N GLU O 87 28.82 11.38 -0.21
CA GLU O 87 28.43 11.99 1.06
C GLU O 87 26.95 11.68 1.23
N PHE O 88 26.18 11.97 0.18
CA PHE O 88 24.74 11.85 0.23
C PHE O 88 24.32 10.41 0.52
N LEU O 89 24.70 9.49 -0.38
CA LEU O 89 24.47 8.06 -0.24
C LEU O 89 24.85 7.51 1.13
N GLU O 90 26.01 7.92 1.62
CA GLU O 90 26.54 7.42 2.89
C GLU O 90 25.55 7.62 4.03
N GLU O 91 24.81 8.73 3.98
CA GLU O 91 23.86 9.08 5.03
C GLU O 91 22.66 8.14 5.10
N ILE O 92 22.20 7.67 3.94
CA ILE O 92 20.93 6.95 3.85
C ILE O 92 21.00 5.51 4.36
N VAL O 93 22.12 4.85 4.10
CA VAL O 93 22.16 3.38 4.09
C VAL O 93 22.11 2.60 5.43
N ASP O 94 22.95 2.89 6.43
CA ASP O 94 23.96 3.94 6.42
C ASP O 94 25.14 3.56 5.54
N MET P 3 41.96 -41.09 37.40
CA MET P 3 43.27 -40.88 38.01
C MET P 3 43.49 -39.40 38.35
N ASP P 4 44.39 -38.76 37.61
CA ASP P 4 44.64 -37.33 37.75
C ASP P 4 43.33 -36.58 37.53
N THR P 5 43.14 -35.46 38.24
CA THR P 5 41.92 -34.67 38.08
C THR P 5 41.89 -34.01 36.70
N ALA P 6 43.06 -33.85 36.10
CA ALA P 6 43.14 -33.34 34.74
C ALA P 6 42.67 -34.41 33.77
N GLN P 7 42.94 -35.67 34.11
CA GLN P 7 42.52 -36.81 33.30
C GLN P 7 41.07 -37.20 33.60
N LEU P 8 40.61 -36.90 34.81
CA LEU P 8 39.23 -37.15 35.15
C LEU P 8 38.36 -36.12 34.44
N LYS P 9 38.80 -34.87 34.46
CA LYS P 9 38.12 -33.80 33.75
C LYS P 9 37.89 -34.19 32.30
N SER P 10 38.92 -34.73 31.65
CA SER P 10 38.81 -35.18 30.27
C SER P 10 37.87 -36.38 30.13
N GLN P 11 37.83 -37.24 31.15
CA GLN P 11 36.91 -38.36 31.14
C GLN P 11 35.47 -37.89 31.24
N ILE P 12 35.17 -37.02 32.19
CA ILE P 12 33.81 -36.52 32.37
C ILE P 12 33.36 -35.83 31.09
N GLN P 13 34.22 -34.94 30.59
CA GLN P 13 33.98 -34.20 29.35
C GLN P 13 33.64 -35.17 28.23
N GLN P 14 34.42 -36.24 28.11
CA GLN P 14 34.18 -37.24 27.08
C GLN P 14 32.78 -37.82 27.27
N TYR P 15 32.41 -38.10 28.51
CA TYR P 15 31.08 -38.64 28.77
C TYR P 15 30.01 -37.65 28.31
N LEU P 16 30.25 -36.36 28.51
CA LEU P 16 29.29 -35.32 28.11
C LEU P 16 29.07 -35.35 26.62
N VAL P 17 30.15 -35.31 25.86
CA VAL P 17 30.06 -35.26 24.41
C VAL P 17 29.45 -36.53 23.85
N GLU P 18 29.95 -37.68 24.28
CA GLU P 18 29.52 -38.98 23.76
C GLU P 18 28.03 -39.20 24.00
N SER P 19 27.50 -38.58 25.04
CA SER P 19 26.12 -38.80 25.44
C SER P 19 25.11 -37.81 24.87
N GLY P 20 25.60 -36.83 24.11
CA GLY P 20 24.73 -35.86 23.47
C GLY P 20 24.42 -34.65 24.34
N ASN P 21 24.79 -34.71 25.62
CA ASN P 21 24.48 -33.63 26.53
C ASN P 21 25.24 -32.34 26.22
N TYR P 22 26.50 -32.45 25.81
CA TYR P 22 27.29 -31.26 25.59
C TYR P 22 26.60 -30.42 24.56
N GLU P 23 26.21 -31.05 23.45
CA GLU P 23 25.51 -30.38 22.38
C GLU P 23 24.19 -29.74 22.85
N LEU P 24 23.47 -30.40 23.74
CA LEU P 24 22.16 -29.93 24.19
C LEU P 24 22.31 -28.74 25.14
N ILE P 25 23.15 -28.89 26.16
CA ILE P 25 23.46 -27.80 27.08
C ILE P 25 23.95 -26.58 26.28
N SER P 26 24.88 -26.81 25.37
CA SER P 26 25.36 -25.74 24.49
C SER P 26 24.22 -25.06 23.76
N ASN P 27 23.32 -25.85 23.19
CA ASN P 27 22.25 -25.25 22.41
C ASN P 27 21.34 -24.44 23.29
N GLU P 28 21.12 -24.91 24.52
CA GLU P 28 20.16 -24.25 25.39
C GLU P 28 20.78 -22.98 25.97
N LEU P 29 22.09 -22.87 25.86
CA LEU P 29 22.81 -21.67 26.23
C LEU P 29 22.72 -20.64 25.09
N LYS P 30 22.91 -21.08 23.85
CA LYS P 30 22.86 -20.18 22.70
C LYS P 30 21.47 -19.58 22.57
N ALA P 31 20.46 -20.39 22.86
CA ALA P 31 19.08 -19.93 22.81
C ALA P 31 18.84 -18.92 23.91
N ARG P 32 19.23 -19.24 25.13
CA ARG P 32 19.02 -18.33 26.26
C ARG P 32 19.70 -16.98 25.99
N LEU P 33 20.99 -17.00 25.68
CA LEU P 33 21.73 -15.78 25.35
C LEU P 33 20.94 -14.96 24.35
N LEU P 34 20.40 -15.63 23.35
CA LEU P 34 19.69 -14.96 22.28
C LEU P 34 18.43 -14.25 22.79
N GLN P 35 17.75 -14.87 23.75
CA GLN P 35 16.49 -14.35 24.24
C GLN P 35 16.70 -13.26 25.27
N GLU P 36 17.87 -13.22 25.89
CA GLU P 36 18.17 -12.14 26.81
C GLU P 36 19.10 -11.08 26.17
N GLY P 37 19.07 -11.00 24.84
CA GLY P 37 19.69 -9.91 24.11
C GLY P 37 21.21 -9.87 24.03
N TRP P 38 21.88 -10.91 24.51
CA TRP P 38 23.33 -10.94 24.51
C TRP P 38 23.89 -10.81 23.09
N VAL P 39 23.25 -11.48 22.13
CA VAL P 39 23.69 -11.38 20.74
C VAL P 39 23.55 -9.94 20.27
N ASP P 40 22.36 -9.37 20.40
CA ASP P 40 22.16 -7.99 19.99
C ASP P 40 23.14 -7.00 20.66
N LYS P 41 23.59 -7.30 21.88
CA LYS P 41 24.55 -6.45 22.59
C LYS P 41 26.01 -6.61 22.08
N VAL P 42 26.42 -7.84 21.77
CA VAL P 42 27.71 -8.10 21.10
C VAL P 42 27.72 -7.49 19.69
N LYS P 43 26.57 -7.49 19.02
CA LYS P 43 26.49 -6.85 17.71
C LYS P 43 26.88 -5.39 17.86
N ASP P 44 26.15 -4.67 18.72
CA ASP P 44 26.42 -3.27 19.01
C ASP P 44 27.88 -3.04 19.36
N LEU P 45 28.38 -3.78 20.35
CA LEU P 45 29.77 -3.68 20.78
C LEU P 45 30.75 -3.79 19.62
N THR P 46 30.54 -4.78 18.75
CA THR P 46 31.40 -4.92 17.57
C THR P 46 31.29 -3.70 16.64
N LYS P 47 30.08 -3.19 16.39
CA LYS P 47 29.93 -2.04 15.51
C LYS P 47 30.64 -0.83 16.10
N SER P 48 30.51 -0.64 17.41
CA SER P 48 31.21 0.44 18.09
C SER P 48 32.71 0.25 17.97
N GLU P 49 33.20 -0.97 18.14
CA GLU P 49 34.64 -1.18 18.01
C GLU P 49 35.07 -0.87 16.60
N MET P 50 34.23 -1.15 15.62
CA MET P 50 34.64 -0.97 14.24
C MET P 50 34.63 0.52 13.93
N ASN P 51 33.72 1.26 14.53
CA ASN P 51 33.55 2.66 14.17
C ASN P 51 34.72 3.52 14.65
N ILE P 52 35.24 3.25 15.85
CA ILE P 52 36.26 4.10 16.43
C ILE P 52 37.59 3.95 15.67
N ASN P 53 38.02 2.72 15.48
CA ASN P 53 39.11 2.44 14.55
C ASN P 53 38.50 1.90 13.29
N GLU P 54 38.66 2.59 12.17
CA GLU P 54 38.07 2.12 10.93
C GLU P 54 39.02 1.15 10.23
N SER P 55 40.30 1.23 10.57
CA SER P 55 41.33 0.47 9.86
C SER P 55 41.80 -0.77 10.63
N THR P 56 41.06 -1.15 11.66
CA THR P 56 41.43 -2.30 12.47
C THR P 56 41.08 -3.60 11.77
N ASN P 57 41.91 -4.61 11.99
CA ASN P 57 41.71 -5.96 11.47
C ASN P 57 40.45 -6.63 11.94
N PHE P 58 40.03 -7.64 11.20
CA PHE P 58 39.05 -8.56 11.72
C PHE P 58 39.63 -9.16 12.99
N THR P 59 40.89 -9.60 12.90
CA THR P 59 41.56 -10.23 14.02
C THR P 59 41.64 -9.36 15.27
N GLN P 60 42.04 -8.10 15.13
CA GLN P 60 42.12 -7.21 16.27
C GLN P 60 40.73 -6.91 16.86
N ILE P 61 39.74 -6.67 16.02
CA ILE P 61 38.37 -6.45 16.49
C ILE P 61 37.83 -7.65 17.27
N LEU P 62 38.03 -8.83 16.72
CA LEU P 62 37.61 -10.08 17.35
C LEU P 62 38.32 -10.21 18.69
N SER P 63 39.58 -9.84 18.72
CA SER P 63 40.39 -9.97 19.91
C SER P 63 39.88 -9.05 21.03
N THR P 64 39.46 -7.86 20.66
CA THR P 64 38.98 -6.88 21.61
C THR P 64 37.62 -7.27 22.15
N VAL P 65 36.78 -7.84 21.30
CA VAL P 65 35.40 -8.12 21.64
C VAL P 65 35.25 -9.38 22.49
N GLU P 66 36.02 -10.42 22.19
CA GLU P 66 35.87 -11.72 22.87
C GLU P 66 35.74 -11.56 24.39
N PRO P 67 36.80 -11.06 25.03
CA PRO P 67 36.79 -10.92 26.50
C PRO P 67 35.59 -10.12 27.04
N LYS P 68 35.17 -9.09 26.31
CA LYS P 68 34.07 -8.23 26.76
C LYS P 68 32.77 -8.99 26.67
N ALA P 69 32.62 -9.76 25.60
CA ALA P 69 31.40 -10.49 25.38
C ALA P 69 31.26 -11.58 26.44
N LEU P 70 32.37 -12.26 26.75
CA LEU P 70 32.34 -13.29 27.80
C LEU P 70 31.91 -12.72 29.15
N GLU P 71 32.39 -11.53 29.50
CA GLU P 71 32.04 -10.88 30.76
C GLU P 71 30.57 -10.43 30.78
N MET P 72 29.98 -10.26 29.61
CA MET P 72 28.59 -9.82 29.51
C MET P 72 27.58 -10.94 29.79
N VAL P 73 28.04 -12.17 29.87
CA VAL P 73 27.15 -13.29 30.20
C VAL P 73 26.70 -13.16 31.66
N SER P 74 25.38 -13.14 31.88
CA SER P 74 24.85 -12.92 33.22
C SER P 74 25.21 -14.07 34.15
N ASP P 75 25.14 -13.81 35.45
CA ASP P 75 25.47 -14.82 36.46
C ASP P 75 24.43 -15.94 36.50
N SER P 76 23.16 -15.60 36.31
CA SER P 76 22.10 -16.60 36.33
C SER P 76 22.26 -17.58 35.17
N THR P 77 22.71 -17.08 34.03
CA THR P 77 22.88 -17.91 32.84
C THR P 77 24.00 -18.92 33.04
N ARG P 78 25.08 -18.49 33.70
CA ARG P 78 26.17 -19.40 34.01
C ARG P 78 25.72 -20.48 34.97
N GLU P 79 24.93 -20.10 35.96
CA GLU P 79 24.48 -21.07 36.95
C GLU P 79 23.67 -22.15 36.25
N THR P 80 22.94 -21.78 35.20
CA THR P 80 22.11 -22.72 34.44
C THR P 80 22.94 -23.84 33.83
N VAL P 81 23.95 -23.45 33.04
CA VAL P 81 24.89 -24.41 32.51
C VAL P 81 25.50 -25.27 33.62
N LEU P 82 26.10 -24.63 34.61
CA LEU P 82 26.81 -25.34 35.67
C LEU P 82 25.92 -26.35 36.38
N LYS P 83 24.63 -26.04 36.48
CA LYS P 83 23.70 -26.88 37.21
C LYS P 83 23.38 -28.13 36.40
N GLN P 84 23.40 -28.02 35.09
CA GLN P 84 23.16 -29.18 34.23
C GLN P 84 24.40 -30.08 34.20
N ILE P 85 25.57 -29.47 34.18
CA ILE P 85 26.81 -30.24 34.15
C ILE P 85 26.91 -31.07 35.43
N ARG P 86 26.58 -30.44 36.56
CA ARG P 86 26.63 -31.10 37.86
C ARG P 86 25.60 -32.21 37.91
N GLU P 87 24.42 -31.98 37.34
CA GLU P 87 23.36 -32.98 37.30
C GLU P 87 23.78 -34.17 36.45
N PHE P 88 24.67 -33.96 35.50
CA PHE P 88 25.15 -35.06 34.66
C PHE P 88 26.17 -35.90 35.42
N LEU P 89 26.94 -35.27 36.30
CA LEU P 89 27.84 -36.01 37.18
C LEU P 89 27.02 -36.87 38.14
N GLU P 90 25.89 -36.36 38.60
CA GLU P 90 25.01 -37.13 39.47
C GLU P 90 24.72 -38.45 38.80
N GLU P 91 24.21 -38.40 37.59
CA GLU P 91 23.85 -39.61 36.86
C GLU P 91 25.04 -40.55 36.69
N ILE P 92 26.25 -40.01 36.80
CA ILE P 92 27.47 -40.78 36.55
C ILE P 92 27.65 -41.93 37.55
N VAL P 93 27.47 -41.64 38.84
CA VAL P 93 27.53 -42.65 39.90
C VAL P 93 26.14 -42.89 40.49
N ASP P 94 25.36 -41.82 40.58
CA ASP P 94 24.11 -41.77 41.32
C ASP P 94 22.95 -41.27 40.45
N THR P 95 22.36 -42.15 39.64
CA THR P 95 21.17 -41.80 38.86
C THR P 95 19.91 -41.88 39.71
#